data_1Z9L
# 
_entry.id   1Z9L 
# 
_audit_conform.dict_name       mmcif_pdbx.dic 
_audit_conform.dict_version    5.399 
_audit_conform.dict_location   http://mmcif.pdb.org/dictionaries/ascii/mmcif_pdbx.dic 
# 
loop_
_database_2.database_id 
_database_2.database_code 
_database_2.pdbx_database_accession 
_database_2.pdbx_DOI 
PDB   1Z9L         pdb_00001z9l 10.2210/pdb1z9l/pdb 
RCSB  RCSB032470   ?            ?                   
WWPDB D_1000032470 ?            ?                   
# 
loop_
_pdbx_audit_revision_history.ordinal 
_pdbx_audit_revision_history.data_content_type 
_pdbx_audit_revision_history.major_revision 
_pdbx_audit_revision_history.minor_revision 
_pdbx_audit_revision_history.revision_date 
1 'Structure model' 1 0 2005-07-19 
2 'Structure model' 1 1 2008-04-30 
3 'Structure model' 1 2 2011-07-13 
4 'Structure model' 1 3 2024-11-20 
# 
_pdbx_audit_revision_details.ordinal             1 
_pdbx_audit_revision_details.revision_ordinal    1 
_pdbx_audit_revision_details.data_content_type   'Structure model' 
_pdbx_audit_revision_details.provider            repository 
_pdbx_audit_revision_details.type                'Initial release' 
_pdbx_audit_revision_details.description         ? 
_pdbx_audit_revision_details.details             ? 
# 
loop_
_pdbx_audit_revision_group.ordinal 
_pdbx_audit_revision_group.revision_ordinal 
_pdbx_audit_revision_group.data_content_type 
_pdbx_audit_revision_group.group 
1 2 'Structure model' 'Version format compliance' 
2 3 'Structure model' 'Version format compliance' 
3 4 'Structure model' 'Data collection'           
4 4 'Structure model' 'Database references'       
5 4 'Structure model' 'Derived calculations'      
6 4 'Structure model' 'Structure summary'         
# 
loop_
_pdbx_audit_revision_category.ordinal 
_pdbx_audit_revision_category.revision_ordinal 
_pdbx_audit_revision_category.data_content_type 
_pdbx_audit_revision_category.category 
1 4 'Structure model' chem_comp_atom            
2 4 'Structure model' chem_comp_bond            
3 4 'Structure model' database_2                
4 4 'Structure model' pdbx_entry_details        
5 4 'Structure model' pdbx_modification_feature 
6 4 'Structure model' struct_conn               
7 4 'Structure model' struct_ref_seq_dif        
# 
loop_
_pdbx_audit_revision_item.ordinal 
_pdbx_audit_revision_item.revision_ordinal 
_pdbx_audit_revision_item.data_content_type 
_pdbx_audit_revision_item.item 
1 4 'Structure model' '_database_2.pdbx_DOI'                
2 4 'Structure model' '_database_2.pdbx_database_accession' 
3 4 'Structure model' '_struct_conn.pdbx_leaving_atom_flag' 
4 4 'Structure model' '_struct_ref_seq_dif.details'         
# 
_pdbx_database_status.status_code                     REL 
_pdbx_database_status.entry_id                        1Z9L 
_pdbx_database_status.recvd_initial_deposition_date   2005-04-03 
_pdbx_database_status.deposit_site                    RCSB 
_pdbx_database_status.process_site                    RCSB 
_pdbx_database_status.status_code_sf                  REL 
_pdbx_database_status.status_code_mr                  ? 
_pdbx_database_status.SG_entry                        ? 
_pdbx_database_status.pdb_format_compatible           Y 
_pdbx_database_status.status_code_cs                  ? 
_pdbx_database_status.status_code_nmr_data            ? 
_pdbx_database_status.methods_development_category    ? 
# 
_pdbx_database_related.db_name        PDB 
_pdbx_database_related.db_id          1Z9O 
_pdbx_database_related.details        
'1.9 Angstrom Crystal Structure of the Rat VAP-A MSP Homology Domain in Complex with the Rat ORP1 FFAT Motif' 
_pdbx_database_related.content_type   unspecified 
# 
loop_
_audit_author.name 
_audit_author.pdbx_ordinal 
'Kaiser, S.E.'   1 
'Brickner, J.H.' 2 
'Reilein, A.R.'  3 
'Fenn, T.D.'     4 
'Walter, P.'     5 
'Brunger, A.T.'  6 
# 
_citation.id                        primary 
_citation.title                     'Structural basis of FFAT motif-mediated ER targeting' 
_citation.journal_abbrev            Structure 
_citation.journal_volume            13 
_citation.page_first                1035 
_citation.page_last                 1045 
_citation.year                      2005 
_citation.journal_id_ASTM           STRUE6 
_citation.country                   UK 
_citation.journal_id_ISSN           0969-2126 
_citation.journal_id_CSD            2005 
_citation.book_publisher            ? 
_citation.pdbx_database_id_PubMed   16004875 
_citation.pdbx_database_id_DOI      10.1016/j.str.2005.04.010 
# 
loop_
_citation_author.citation_id 
_citation_author.name 
_citation_author.ordinal 
_citation_author.identifier_ORCID 
primary 'Kaiser, S.E.'   1 ? 
primary 'Brickner, J.H.' 2 ? 
primary 'Reilein, A.R.'  3 ? 
primary 'Fenn, T.D.'     4 ? 
primary 'Walter, P.'     5 ? 
primary 'Brunger, A.T.'  6 ? 
# 
loop_
_entity.id 
_entity.type 
_entity.src_method 
_entity.pdbx_description 
_entity.formula_weight 
_entity.pdbx_number_of_molecules 
_entity.pdbx_ec 
_entity.pdbx_mutation 
_entity.pdbx_fragment 
_entity.details 
1 polymer man 'Vesicle-associated membrane protein-associated protein A' 14827.251 1   ? ? ? ? 
2 water   nat water                                                      18.015    131 ? ? ? ? 
# 
_entity_name_com.entity_id   1 
_entity_name_com.name        'VAMP- associated protein A, VAMP-A, VAP-A, 33 kDa Vamp-associated protein, VAP-33' 
# 
_entity_poly.entity_id                      1 
_entity_poly.type                           'polypeptide(L)' 
_entity_poly.nstd_linkage                   no 
_entity_poly.nstd_monomer                   yes 
_entity_poly.pdbx_seq_one_letter_code       
;GSH(MSE)AKHEQILVLDPPSDLKFKGPFTDVVTTNLKLQNPSDRKVCFKVKTTAPRRYCVRPNSGVIDPGSIVTVSV
(MSE)LQPFDYDPNEKSKHKF(MSE)VQTIFAPPNISD(MSE)EAVWKEAKPDEL(MSE)DSKLRCVFE(MSE)
;
_entity_poly.pdbx_seq_one_letter_code_can   
;GSHMAKHEQILVLDPPSDLKFKGPFTDVVTTNLKLQNPSDRKVCFKVKTTAPRRYCVRPNSGVIDPGSIVTVSVMLQPFD
YDPNEKSKHKFMVQTIFAPPNISDMEAVWKEAKPDELMDSKLRCVFEM
;
_entity_poly.pdbx_strand_id                 A 
_entity_poly.pdbx_target_identifier         ? 
# 
_pdbx_entity_nonpoly.entity_id   2 
_pdbx_entity_nonpoly.name        water 
_pdbx_entity_nonpoly.comp_id     HOH 
# 
loop_
_entity_poly_seq.entity_id 
_entity_poly_seq.num 
_entity_poly_seq.mon_id 
_entity_poly_seq.hetero 
1 1   GLY n 
1 2   SER n 
1 3   HIS n 
1 4   MSE n 
1 5   ALA n 
1 6   LYS n 
1 7   HIS n 
1 8   GLU n 
1 9   GLN n 
1 10  ILE n 
1 11  LEU n 
1 12  VAL n 
1 13  LEU n 
1 14  ASP n 
1 15  PRO n 
1 16  PRO n 
1 17  SER n 
1 18  ASP n 
1 19  LEU n 
1 20  LYS n 
1 21  PHE n 
1 22  LYS n 
1 23  GLY n 
1 24  PRO n 
1 25  PHE n 
1 26  THR n 
1 27  ASP n 
1 28  VAL n 
1 29  VAL n 
1 30  THR n 
1 31  THR n 
1 32  ASN n 
1 33  LEU n 
1 34  LYS n 
1 35  LEU n 
1 36  GLN n 
1 37  ASN n 
1 38  PRO n 
1 39  SER n 
1 40  ASP n 
1 41  ARG n 
1 42  LYS n 
1 43  VAL n 
1 44  CYS n 
1 45  PHE n 
1 46  LYS n 
1 47  VAL n 
1 48  LYS n 
1 49  THR n 
1 50  THR n 
1 51  ALA n 
1 52  PRO n 
1 53  ARG n 
1 54  ARG n 
1 55  TYR n 
1 56  CYS n 
1 57  VAL n 
1 58  ARG n 
1 59  PRO n 
1 60  ASN n 
1 61  SER n 
1 62  GLY n 
1 63  VAL n 
1 64  ILE n 
1 65  ASP n 
1 66  PRO n 
1 67  GLY n 
1 68  SER n 
1 69  ILE n 
1 70  VAL n 
1 71  THR n 
1 72  VAL n 
1 73  SER n 
1 74  VAL n 
1 75  MSE n 
1 76  LEU n 
1 77  GLN n 
1 78  PRO n 
1 79  PHE n 
1 80  ASP n 
1 81  TYR n 
1 82  ASP n 
1 83  PRO n 
1 84  ASN n 
1 85  GLU n 
1 86  LYS n 
1 87  SER n 
1 88  LYS n 
1 89  HIS n 
1 90  LYS n 
1 91  PHE n 
1 92  MSE n 
1 93  VAL n 
1 94  GLN n 
1 95  THR n 
1 96  ILE n 
1 97  PHE n 
1 98  ALA n 
1 99  PRO n 
1 100 PRO n 
1 101 ASN n 
1 102 ILE n 
1 103 SER n 
1 104 ASP n 
1 105 MSE n 
1 106 GLU n 
1 107 ALA n 
1 108 VAL n 
1 109 TRP n 
1 110 LYS n 
1 111 GLU n 
1 112 ALA n 
1 113 LYS n 
1 114 PRO n 
1 115 ASP n 
1 116 GLU n 
1 117 LEU n 
1 118 MSE n 
1 119 ASP n 
1 120 SER n 
1 121 LYS n 
1 122 LEU n 
1 123 ARG n 
1 124 CYS n 
1 125 VAL n 
1 126 PHE n 
1 127 GLU n 
1 128 MSE n 
# 
_entity_src_gen.entity_id                          1 
_entity_src_gen.pdbx_src_id                        1 
_entity_src_gen.pdbx_alt_source_flag               sample 
_entity_src_gen.pdbx_seq_type                      ? 
_entity_src_gen.pdbx_beg_seq_num                   ? 
_entity_src_gen.pdbx_end_seq_num                   ? 
_entity_src_gen.gene_src_common_name               'Norway rat' 
_entity_src_gen.gene_src_genus                     Rattus 
_entity_src_gen.pdbx_gene_src_gene                 'Vapa, Vap33' 
_entity_src_gen.gene_src_species                   ? 
_entity_src_gen.gene_src_strain                    ? 
_entity_src_gen.gene_src_tissue                    ? 
_entity_src_gen.gene_src_tissue_fraction           ? 
_entity_src_gen.gene_src_details                   ? 
_entity_src_gen.pdbx_gene_src_fragment             ? 
_entity_src_gen.pdbx_gene_src_scientific_name      'Rattus norvegicus' 
_entity_src_gen.pdbx_gene_src_ncbi_taxonomy_id     10116 
_entity_src_gen.pdbx_gene_src_variant              ? 
_entity_src_gen.pdbx_gene_src_cell_line            ? 
_entity_src_gen.pdbx_gene_src_atcc                 ? 
_entity_src_gen.pdbx_gene_src_organ                ? 
_entity_src_gen.pdbx_gene_src_organelle            ? 
_entity_src_gen.pdbx_gene_src_cell                 ? 
_entity_src_gen.pdbx_gene_src_cellular_location    ? 
_entity_src_gen.host_org_common_name               ? 
_entity_src_gen.pdbx_host_org_scientific_name      'Escherichia coli BL21' 
_entity_src_gen.pdbx_host_org_ncbi_taxonomy_id     511693 
_entity_src_gen.host_org_genus                     Escherichia 
_entity_src_gen.pdbx_host_org_gene                 ? 
_entity_src_gen.pdbx_host_org_organ                ? 
_entity_src_gen.host_org_species                   'Escherichia coli' 
_entity_src_gen.pdbx_host_org_tissue               ? 
_entity_src_gen.pdbx_host_org_tissue_fraction      ? 
_entity_src_gen.pdbx_host_org_strain               BL21 
_entity_src_gen.pdbx_host_org_variant              ? 
_entity_src_gen.pdbx_host_org_cell_line            ? 
_entity_src_gen.pdbx_host_org_atcc                 ? 
_entity_src_gen.pdbx_host_org_culture_collection   ? 
_entity_src_gen.pdbx_host_org_cell                 ? 
_entity_src_gen.pdbx_host_org_organelle            ? 
_entity_src_gen.pdbx_host_org_cellular_location    ? 
_entity_src_gen.pdbx_host_org_vector_type          plasmid 
_entity_src_gen.pdbx_host_org_vector               ? 
_entity_src_gen.host_org_details                   ? 
_entity_src_gen.expression_system_id               ? 
_entity_src_gen.plasmid_name                       pGEX-4T 
_entity_src_gen.plasmid_details                    ? 
_entity_src_gen.pdbx_description                   ? 
# 
loop_
_chem_comp.id 
_chem_comp.type 
_chem_comp.mon_nstd_flag 
_chem_comp.name 
_chem_comp.pdbx_synonyms 
_chem_comp.formula 
_chem_comp.formula_weight 
ALA 'L-peptide linking' y ALANINE          ? 'C3 H7 N O2'     89.093  
ARG 'L-peptide linking' y ARGININE         ? 'C6 H15 N4 O2 1' 175.209 
ASN 'L-peptide linking' y ASPARAGINE       ? 'C4 H8 N2 O3'    132.118 
ASP 'L-peptide linking' y 'ASPARTIC ACID'  ? 'C4 H7 N O4'     133.103 
CYS 'L-peptide linking' y CYSTEINE         ? 'C3 H7 N O2 S'   121.158 
GLN 'L-peptide linking' y GLUTAMINE        ? 'C5 H10 N2 O3'   146.144 
GLU 'L-peptide linking' y 'GLUTAMIC ACID'  ? 'C5 H9 N O4'     147.129 
GLY 'peptide linking'   y GLYCINE          ? 'C2 H5 N O2'     75.067  
HIS 'L-peptide linking' y HISTIDINE        ? 'C6 H10 N3 O2 1' 156.162 
HOH non-polymer         . WATER            ? 'H2 O'           18.015  
ILE 'L-peptide linking' y ISOLEUCINE       ? 'C6 H13 N O2'    131.173 
LEU 'L-peptide linking' y LEUCINE          ? 'C6 H13 N O2'    131.173 
LYS 'L-peptide linking' y LYSINE           ? 'C6 H15 N2 O2 1' 147.195 
MET 'L-peptide linking' y METHIONINE       ? 'C5 H11 N O2 S'  149.211 
MSE 'L-peptide linking' n SELENOMETHIONINE ? 'C5 H11 N O2 Se' 196.106 
PHE 'L-peptide linking' y PHENYLALANINE    ? 'C9 H11 N O2'    165.189 
PRO 'L-peptide linking' y PROLINE          ? 'C5 H9 N O2'     115.130 
SER 'L-peptide linking' y SERINE           ? 'C3 H7 N O3'     105.093 
THR 'L-peptide linking' y THREONINE        ? 'C4 H9 N O3'     119.119 
TRP 'L-peptide linking' y TRYPTOPHAN       ? 'C11 H12 N2 O2'  204.225 
TYR 'L-peptide linking' y TYROSINE         ? 'C9 H11 N O3'    181.189 
VAL 'L-peptide linking' y VALINE           ? 'C5 H11 N O2'    117.146 
# 
loop_
_pdbx_poly_seq_scheme.asym_id 
_pdbx_poly_seq_scheme.entity_id 
_pdbx_poly_seq_scheme.seq_id 
_pdbx_poly_seq_scheme.mon_id 
_pdbx_poly_seq_scheme.ndb_seq_num 
_pdbx_poly_seq_scheme.pdb_seq_num 
_pdbx_poly_seq_scheme.auth_seq_num 
_pdbx_poly_seq_scheme.pdb_mon_id 
_pdbx_poly_seq_scheme.auth_mon_id 
_pdbx_poly_seq_scheme.pdb_strand_id 
_pdbx_poly_seq_scheme.pdb_ins_code 
_pdbx_poly_seq_scheme.hetero 
A 1 1   GLY 1   -2  ?   ?   ?   A . n 
A 1 2   SER 2   -1  ?   ?   ?   A . n 
A 1 3   HIS 3   0   0   HIS HIS A . n 
A 1 4   MSE 4   1   1   MSE MSE A . n 
A 1 5   ALA 5   2   2   ALA ALA A . n 
A 1 6   LYS 6   3   3   LYS LYS A . n 
A 1 7   HIS 7   4   4   HIS HIS A . n 
A 1 8   GLU 8   5   5   GLU GLU A . n 
A 1 9   GLN 9   6   6   GLN GLN A . n 
A 1 10  ILE 10  7   7   ILE ILE A . n 
A 1 11  LEU 11  8   8   LEU LEU A . n 
A 1 12  VAL 12  9   9   VAL VAL A . n 
A 1 13  LEU 13  10  10  LEU LEU A . n 
A 1 14  ASP 14  11  11  ASP ASP A . n 
A 1 15  PRO 15  12  12  PRO PRO A . n 
A 1 16  PRO 16  13  13  PRO PRO A . n 
A 1 17  SER 17  14  14  SER SER A . n 
A 1 18  ASP 18  15  15  ASP ASP A . n 
A 1 19  LEU 19  16  16  LEU LEU A . n 
A 1 20  LYS 20  17  17  LYS LYS A . n 
A 1 21  PHE 21  18  18  PHE PHE A . n 
A 1 22  LYS 22  19  19  LYS LYS A . n 
A 1 23  GLY 23  20  20  GLY GLY A . n 
A 1 24  PRO 24  21  21  PRO PRO A . n 
A 1 25  PHE 25  22  22  PHE PHE A . n 
A 1 26  THR 26  23  23  THR THR A . n 
A 1 27  ASP 27  24  24  ASP ASP A . n 
A 1 28  VAL 28  25  25  VAL VAL A . n 
A 1 29  VAL 29  26  26  VAL VAL A . n 
A 1 30  THR 30  27  27  THR THR A . n 
A 1 31  THR 31  28  28  THR THR A . n 
A 1 32  ASN 32  29  29  ASN ASN A . n 
A 1 33  LEU 33  30  30  LEU LEU A . n 
A 1 34  LYS 34  31  31  LYS LYS A . n 
A 1 35  LEU 35  32  32  LEU LEU A . n 
A 1 36  GLN 36  33  33  GLN GLN A . n 
A 1 37  ASN 37  34  34  ASN ASN A . n 
A 1 38  PRO 38  35  35  PRO PRO A . n 
A 1 39  SER 39  36  36  SER SER A . n 
A 1 40  ASP 40  37  37  ASP ASP A . n 
A 1 41  ARG 41  38  38  ARG ARG A . n 
A 1 42  LYS 42  39  39  LYS LYS A . n 
A 1 43  VAL 43  40  40  VAL VAL A . n 
A 1 44  CYS 44  41  41  CYS CYS A . n 
A 1 45  PHE 45  42  42  PHE PHE A . n 
A 1 46  LYS 46  43  43  LYS LYS A . n 
A 1 47  VAL 47  44  44  VAL VAL A . n 
A 1 48  LYS 48  45  45  LYS LYS A . n 
A 1 49  THR 49  46  46  THR THR A . n 
A 1 50  THR 50  47  47  THR THR A . n 
A 1 51  ALA 51  48  48  ALA ALA A . n 
A 1 52  PRO 52  49  49  PRO PRO A . n 
A 1 53  ARG 53  50  50  ARG ARG A . n 
A 1 54  ARG 54  51  51  ARG ARG A . n 
A 1 55  TYR 55  52  52  TYR TYR A . n 
A 1 56  CYS 56  53  53  CYS CYS A . n 
A 1 57  VAL 57  54  54  VAL VAL A . n 
A 1 58  ARG 58  55  55  ARG ARG A . n 
A 1 59  PRO 59  56  56  PRO PRO A . n 
A 1 60  ASN 60  57  57  ASN ASN A . n 
A 1 61  SER 61  58  58  SER SER A . n 
A 1 62  GLY 62  59  59  GLY GLY A . n 
A 1 63  VAL 63  60  60  VAL VAL A . n 
A 1 64  ILE 64  61  61  ILE ILE A . n 
A 1 65  ASP 65  62  62  ASP ASP A . n 
A 1 66  PRO 66  63  63  PRO PRO A . n 
A 1 67  GLY 67  64  64  GLY GLY A . n 
A 1 68  SER 68  65  65  SER SER A . n 
A 1 69  ILE 69  66  66  ILE ILE A . n 
A 1 70  VAL 70  67  67  VAL VAL A . n 
A 1 71  THR 71  68  68  THR THR A . n 
A 1 72  VAL 72  69  69  VAL VAL A . n 
A 1 73  SER 73  70  70  SER SER A . n 
A 1 74  VAL 74  71  71  VAL VAL A . n 
A 1 75  MSE 75  72  72  MSE MSE A . n 
A 1 76  LEU 76  73  73  LEU LEU A . n 
A 1 77  GLN 77  74  74  GLN GLN A . n 
A 1 78  PRO 78  75  75  PRO PRO A . n 
A 1 79  PHE 79  76  76  PHE PHE A . n 
A 1 80  ASP 80  77  77  ASP ASP A . n 
A 1 81  TYR 81  78  78  TYR TYR A . n 
A 1 82  ASP 82  79  79  ASP ASP A . n 
A 1 83  PRO 83  80  80  PRO PRO A . n 
A 1 84  ASN 84  81  81  ASN ASN A . n 
A 1 85  GLU 85  82  82  GLU GLU A . n 
A 1 86  LYS 86  83  83  LYS LYS A . n 
A 1 87  SER 87  84  84  SER SER A . n 
A 1 88  LYS 88  85  85  LYS LYS A . n 
A 1 89  HIS 89  86  86  HIS HIS A . n 
A 1 90  LYS 90  87  87  LYS LYS A . n 
A 1 91  PHE 91  88  88  PHE PHE A . n 
A 1 92  MSE 92  89  89  MSE MSE A . n 
A 1 93  VAL 93  90  90  VAL VAL A . n 
A 1 94  GLN 94  91  91  GLN GLN A . n 
A 1 95  THR 95  92  92  THR THR A . n 
A 1 96  ILE 96  93  93  ILE ILE A . n 
A 1 97  PHE 97  94  94  PHE PHE A . n 
A 1 98  ALA 98  95  95  ALA ALA A . n 
A 1 99  PRO 99  96  96  PRO PRO A . n 
A 1 100 PRO 100 97  97  PRO PRO A . n 
A 1 101 ASN 101 98  98  ASN ASN A . n 
A 1 102 ILE 102 99  99  ILE ILE A . n 
A 1 103 SER 103 100 100 SER SER A . n 
A 1 104 ASP 104 101 101 ASP ASP A . n 
A 1 105 MSE 105 102 102 MSE MSE A . n 
A 1 106 GLU 106 103 103 GLU GLU A . n 
A 1 107 ALA 107 104 104 ALA ALA A . n 
A 1 108 VAL 108 105 105 VAL VAL A . n 
A 1 109 TRP 109 106 106 TRP TRP A . n 
A 1 110 LYS 110 107 107 LYS LYS A . n 
A 1 111 GLU 111 108 108 GLU GLU A . n 
A 1 112 ALA 112 109 109 ALA ALA A . n 
A 1 113 LYS 113 110 110 LYS LYS A . n 
A 1 114 PRO 114 111 111 PRO PRO A . n 
A 1 115 ASP 115 112 112 ASP ASP A . n 
A 1 116 GLU 116 113 113 GLU GLU A . n 
A 1 117 LEU 117 114 114 LEU LEU A . n 
A 1 118 MSE 118 115 115 MSE MSE A . n 
A 1 119 ASP 119 116 116 ASP ASP A . n 
A 1 120 SER 120 117 117 SER SER A . n 
A 1 121 LYS 121 118 118 LYS LYS A . n 
A 1 122 LEU 122 119 119 LEU LEU A . n 
A 1 123 ARG 123 120 120 ARG ARG A . n 
A 1 124 CYS 124 121 121 CYS CYS A . n 
A 1 125 VAL 125 122 122 VAL VAL A . n 
A 1 126 PHE 126 123 123 PHE PHE A . n 
A 1 127 GLU 127 124 124 GLU GLU A . n 
A 1 128 MSE 128 125 125 MSE MSE A . n 
# 
loop_
_pdbx_nonpoly_scheme.asym_id 
_pdbx_nonpoly_scheme.entity_id 
_pdbx_nonpoly_scheme.mon_id 
_pdbx_nonpoly_scheme.ndb_seq_num 
_pdbx_nonpoly_scheme.pdb_seq_num 
_pdbx_nonpoly_scheme.auth_seq_num 
_pdbx_nonpoly_scheme.pdb_mon_id 
_pdbx_nonpoly_scheme.auth_mon_id 
_pdbx_nonpoly_scheme.pdb_strand_id 
_pdbx_nonpoly_scheme.pdb_ins_code 
B 2 HOH 1   126 1   HOH HOH A . 
B 2 HOH 2   127 2   HOH HOH A . 
B 2 HOH 3   128 3   HOH HOH A . 
B 2 HOH 4   129 4   HOH HOH A . 
B 2 HOH 5   130 5   HOH HOH A . 
B 2 HOH 6   131 6   HOH HOH A . 
B 2 HOH 7   132 7   HOH HOH A . 
B 2 HOH 8   133 8   HOH HOH A . 
B 2 HOH 9   134 9   HOH HOH A . 
B 2 HOH 10  135 10  HOH HOH A . 
B 2 HOH 11  136 11  HOH HOH A . 
B 2 HOH 12  137 12  HOH HOH A . 
B 2 HOH 13  138 13  HOH HOH A . 
B 2 HOH 14  139 14  HOH HOH A . 
B 2 HOH 15  140 15  HOH HOH A . 
B 2 HOH 16  141 16  HOH HOH A . 
B 2 HOH 17  142 17  HOH HOH A . 
B 2 HOH 18  143 18  HOH HOH A . 
B 2 HOH 19  144 19  HOH HOH A . 
B 2 HOH 20  145 20  HOH HOH A . 
B 2 HOH 21  146 21  HOH HOH A . 
B 2 HOH 22  147 22  HOH HOH A . 
B 2 HOH 23  148 23  HOH HOH A . 
B 2 HOH 24  149 24  HOH HOH A . 
B 2 HOH 25  150 25  HOH HOH A . 
B 2 HOH 26  151 26  HOH HOH A . 
B 2 HOH 27  152 27  HOH HOH A . 
B 2 HOH 28  153 28  HOH HOH A . 
B 2 HOH 29  154 29  HOH HOH A . 
B 2 HOH 30  155 30  HOH HOH A . 
B 2 HOH 31  156 31  HOH HOH A . 
B 2 HOH 32  157 32  HOH HOH A . 
B 2 HOH 33  158 33  HOH HOH A . 
B 2 HOH 34  159 34  HOH HOH A . 
B 2 HOH 35  160 35  HOH HOH A . 
B 2 HOH 36  161 36  HOH HOH A . 
B 2 HOH 37  162 37  HOH HOH A . 
B 2 HOH 38  163 38  HOH HOH A . 
B 2 HOH 39  164 39  HOH HOH A . 
B 2 HOH 40  165 40  HOH HOH A . 
B 2 HOH 41  166 41  HOH HOH A . 
B 2 HOH 42  167 42  HOH HOH A . 
B 2 HOH 43  168 43  HOH HOH A . 
B 2 HOH 44  169 44  HOH HOH A . 
B 2 HOH 45  170 45  HOH HOH A . 
B 2 HOH 46  171 46  HOH HOH A . 
B 2 HOH 47  172 47  HOH HOH A . 
B 2 HOH 48  173 48  HOH HOH A . 
B 2 HOH 49  174 49  HOH HOH A . 
B 2 HOH 50  175 50  HOH HOH A . 
B 2 HOH 51  176 51  HOH HOH A . 
B 2 HOH 52  177 52  HOH HOH A . 
B 2 HOH 53  178 53  HOH HOH A . 
B 2 HOH 54  179 54  HOH HOH A . 
B 2 HOH 55  180 55  HOH HOH A . 
B 2 HOH 56  181 56  HOH HOH A . 
B 2 HOH 57  182 57  HOH HOH A . 
B 2 HOH 58  183 58  HOH HOH A . 
B 2 HOH 59  184 59  HOH HOH A . 
B 2 HOH 60  185 60  HOH HOH A . 
B 2 HOH 61  186 61  HOH HOH A . 
B 2 HOH 62  187 62  HOH HOH A . 
B 2 HOH 63  188 63  HOH HOH A . 
B 2 HOH 64  189 64  HOH HOH A . 
B 2 HOH 65  190 65  HOH HOH A . 
B 2 HOH 66  191 66  HOH HOH A . 
B 2 HOH 67  192 67  HOH HOH A . 
B 2 HOH 68  193 68  HOH HOH A . 
B 2 HOH 69  194 69  HOH HOH A . 
B 2 HOH 70  195 70  HOH HOH A . 
B 2 HOH 71  196 71  HOH HOH A . 
B 2 HOH 72  197 72  HOH HOH A . 
B 2 HOH 73  198 73  HOH HOH A . 
B 2 HOH 74  199 74  HOH HOH A . 
B 2 HOH 75  200 75  HOH HOH A . 
B 2 HOH 76  201 76  HOH HOH A . 
B 2 HOH 77  202 77  HOH HOH A . 
B 2 HOH 78  203 78  HOH HOH A . 
B 2 HOH 79  204 79  HOH HOH A . 
B 2 HOH 80  205 80  HOH HOH A . 
B 2 HOH 81  206 81  HOH HOH A . 
B 2 HOH 82  207 82  HOH HOH A . 
B 2 HOH 83  208 83  HOH HOH A . 
B 2 HOH 84  209 84  HOH HOH A . 
B 2 HOH 85  210 85  HOH HOH A . 
B 2 HOH 86  211 86  HOH HOH A . 
B 2 HOH 87  212 87  HOH HOH A . 
B 2 HOH 88  213 88  HOH HOH A . 
B 2 HOH 89  214 89  HOH HOH A . 
B 2 HOH 90  215 90  HOH HOH A . 
B 2 HOH 91  216 91  HOH HOH A . 
B 2 HOH 92  217 92  HOH HOH A . 
B 2 HOH 93  218 93  HOH HOH A . 
B 2 HOH 94  219 94  HOH HOH A . 
B 2 HOH 95  220 95  HOH HOH A . 
B 2 HOH 96  221 96  HOH HOH A . 
B 2 HOH 97  222 97  HOH HOH A . 
B 2 HOH 98  223 98  HOH HOH A . 
B 2 HOH 99  224 99  HOH HOH A . 
B 2 HOH 100 225 100 HOH HOH A . 
B 2 HOH 101 226 101 HOH HOH A . 
B 2 HOH 102 227 102 HOH HOH A . 
B 2 HOH 103 228 103 HOH HOH A . 
B 2 HOH 104 229 104 HOH HOH A . 
B 2 HOH 105 230 105 HOH HOH A . 
B 2 HOH 106 231 106 HOH HOH A . 
B 2 HOH 107 232 107 HOH HOH A . 
B 2 HOH 108 233 108 HOH HOH A . 
B 2 HOH 109 234 109 HOH HOH A . 
B 2 HOH 110 235 110 HOH HOH A . 
B 2 HOH 111 236 111 HOH HOH A . 
B 2 HOH 112 237 112 HOH HOH A . 
B 2 HOH 113 238 113 HOH HOH A . 
B 2 HOH 114 239 114 HOH HOH A . 
B 2 HOH 115 240 115 HOH HOH A . 
B 2 HOH 116 241 116 HOH HOH A . 
B 2 HOH 117 242 117 HOH HOH A . 
B 2 HOH 118 243 118 HOH HOH A . 
B 2 HOH 119 244 119 HOH HOH A . 
B 2 HOH 120 245 120 HOH HOH A . 
B 2 HOH 121 246 121 HOH HOH A . 
B 2 HOH 122 247 122 HOH HOH A . 
B 2 HOH 123 248 123 HOH HOH A . 
B 2 HOH 124 249 124 HOH HOH A . 
B 2 HOH 125 250 125 HOH HOH A . 
B 2 HOH 126 251 126 HOH HOH A . 
B 2 HOH 127 252 127 HOH HOH A . 
B 2 HOH 128 253 128 HOH HOH A . 
B 2 HOH 129 254 129 HOH HOH A . 
B 2 HOH 130 255 130 HOH HOH A . 
B 2 HOH 131 256 131 HOH HOH A . 
# 
loop_
_pdbx_unobs_or_zero_occ_atoms.id 
_pdbx_unobs_or_zero_occ_atoms.PDB_model_num 
_pdbx_unobs_or_zero_occ_atoms.polymer_flag 
_pdbx_unobs_or_zero_occ_atoms.occupancy_flag 
_pdbx_unobs_or_zero_occ_atoms.auth_asym_id 
_pdbx_unobs_or_zero_occ_atoms.auth_comp_id 
_pdbx_unobs_or_zero_occ_atoms.auth_seq_id 
_pdbx_unobs_or_zero_occ_atoms.PDB_ins_code 
_pdbx_unobs_or_zero_occ_atoms.auth_atom_id 
_pdbx_unobs_or_zero_occ_atoms.label_alt_id 
_pdbx_unobs_or_zero_occ_atoms.label_asym_id 
_pdbx_unobs_or_zero_occ_atoms.label_comp_id 
_pdbx_unobs_or_zero_occ_atoms.label_seq_id 
_pdbx_unobs_or_zero_occ_atoms.label_atom_id 
1  1 Y 0 A HIS 0   ? CG  ? A HIS 3   CG  
2  1 Y 0 A HIS 0   ? ND1 ? A HIS 3   ND1 
3  1 Y 0 A HIS 0   ? CD2 ? A HIS 3   CD2 
4  1 Y 0 A HIS 0   ? CE1 ? A HIS 3   CE1 
5  1 Y 0 A HIS 0   ? NE2 ? A HIS 3   NE2 
6  1 Y 0 A GLU 5   ? CD  ? A GLU 8   CD  
7  1 Y 0 A GLU 5   ? OE1 ? A GLU 8   OE1 
8  1 Y 0 A GLU 5   ? OE2 ? A GLU 8   OE2 
9  1 Y 0 A ASP 24  ? OD2 ? A ASP 27  OD2 
10 1 Y 0 A ASP 37  ? CG  ? A ASP 40  CG  
11 1 Y 0 A ASP 37  ? OD1 ? A ASP 40  OD1 
12 1 Y 0 A ASP 37  ? OD2 ? A ASP 40  OD2 
13 1 Y 0 A LYS 85  ? CG  ? A LYS 88  CG  
14 1 Y 0 A LYS 85  ? CD  ? A LYS 88  CD  
15 1 Y 0 A LYS 85  ? CE  ? A LYS 88  CE  
16 1 Y 0 A LYS 85  ? NZ  ? A LYS 88  NZ  
17 1 Y 0 A ASP 112 ? OD2 ? A ASP 115 OD2 
18 1 Y 0 A ARG 120 ? CD  ? A ARG 123 CD  
19 1 Y 0 A ARG 120 ? NE  ? A ARG 123 NE  
20 1 Y 0 A ARG 120 ? CZ  ? A ARG 123 CZ  
21 1 Y 0 A ARG 120 ? NH1 ? A ARG 123 NH1 
22 1 Y 0 A ARG 120 ? NH2 ? A ARG 123 NH2 
# 
loop_
_software.name 
_software.classification 
_software.version 
_software.citation_id 
_software.pdbx_ordinal 
CNS    refinement       1.1       ? 1 
MOSFLM 'data reduction' .         ? 2 
CCP4   'data scaling'   '(SCALA)' ? 3 
CNS    phasing          .         ? 4 
# 
_cell.entry_id           1Z9L 
_cell.length_a           48.200 
_cell.length_b           48.200 
_cell.length_c           112.390 
_cell.angle_alpha        90.00 
_cell.angle_beta         90.00 
_cell.angle_gamma        90.00 
_cell.Z_PDB              8 
_cell.pdbx_unique_axis   ? 
# 
_symmetry.entry_id                         1Z9L 
_symmetry.space_group_name_H-M             'P 42 21 2' 
_symmetry.pdbx_full_space_group_name_H-M   ? 
_symmetry.cell_setting                     ? 
_symmetry.Int_Tables_number                94 
_symmetry.space_group_name_Hall            ? 
# 
_exptl.entry_id          1Z9L 
_exptl.method            'X-RAY DIFFRACTION' 
_exptl.crystals_number   1 
# 
_exptl_crystal.id                    1 
_exptl_crystal.density_meas          ? 
_exptl_crystal.density_Matthews      2.24 
_exptl_crystal.density_percent_sol   45 
_exptl_crystal.description           ? 
_exptl_crystal.F_000                 ? 
_exptl_crystal.preparation           ? 
# 
_exptl_crystal_grow.crystal_id      1 
_exptl_crystal_grow.method          'VAPOR DIFFUSION, SITTING DROP' 
_exptl_crystal_grow.temp            283 
_exptl_crystal_grow.temp_details    ? 
_exptl_crystal_grow.pH              7.5 
_exptl_crystal_grow.pdbx_details    'PEG2000 MME, NaCl, tris buffer, pH 7.5, VAPOR DIFFUSION, SITTING DROP, temperature 283K' 
_exptl_crystal_grow.pdbx_pH_range   . 
# 
_diffrn.id                     1 
_diffrn.ambient_temp           100 
_diffrn.ambient_temp_details   ? 
_diffrn.crystal_id             1 
# 
_diffrn_detector.diffrn_id              1 
_diffrn_detector.detector               CCD 
_diffrn_detector.type                   'ADSC QUANTUM 4' 
_diffrn_detector.pdbx_collection_date   2002-07-06 
_diffrn_detector.details                ? 
# 
_diffrn_radiation.diffrn_id                        1 
_diffrn_radiation.wavelength_id                    1 
_diffrn_radiation.pdbx_monochromatic_or_laue_m_l   M 
_diffrn_radiation.monochromator                    'double crystal' 
_diffrn_radiation.pdbx_diffrn_protocol             MAD 
_diffrn_radiation.pdbx_scattering_type             x-ray 
# 
loop_
_diffrn_radiation_wavelength.id 
_diffrn_radiation_wavelength.wavelength 
_diffrn_radiation_wavelength.wt 
1 0.9795 1.0 
2 0.9793 1.0 
3 0.9649 1.0 
# 
_diffrn_source.diffrn_id                   1 
_diffrn_source.source                      SYNCHROTRON 
_diffrn_source.type                        'ALS BEAMLINE 8.2.1' 
_diffrn_source.pdbx_synchrotron_site       ALS 
_diffrn_source.pdbx_synchrotron_beamline   8.2.1 
_diffrn_source.pdbx_wavelength             ? 
_diffrn_source.pdbx_wavelength_list        '0.9795, 0.9793, 0.9649' 
# 
_reflns.entry_id                     1Z9L 
_reflns.observed_criterion_sigma_I   8 
_reflns.observed_criterion_sigma_F   8 
_reflns.d_resolution_low             50 
_reflns.d_resolution_high            1.7 
_reflns.number_obs                   27860 
_reflns.number_all                   27524 
_reflns.percent_possible_obs         98.8 
_reflns.pdbx_Rmerge_I_obs            ? 
_reflns.pdbx_Rsym_value              ? 
_reflns.pdbx_netI_over_sigmaI        ? 
_reflns.B_iso_Wilson_estimate        17.4 
_reflns.pdbx_redundancy              ? 
_reflns.R_free_details               ? 
_reflns.limit_h_max                  ? 
_reflns.limit_h_min                  ? 
_reflns.limit_k_max                  ? 
_reflns.limit_k_min                  ? 
_reflns.limit_l_max                  ? 
_reflns.limit_l_min                  ? 
_reflns.observed_criterion_F_max     ? 
_reflns.observed_criterion_F_min     ? 
_reflns.pdbx_chi_squared             ? 
_reflns.pdbx_scaling_rejects         ? 
_reflns.pdbx_diffrn_id               1 
_reflns.pdbx_ordinal                 1 
# 
_reflns_shell.d_res_high             1.7 
_reflns_shell.d_res_low              1.79 
_reflns_shell.percent_possible_all   99.8 
_reflns_shell.Rmerge_I_obs           ? 
_reflns_shell.pdbx_Rsym_value        ? 
_reflns_shell.meanI_over_sigI_obs    ? 
_reflns_shell.pdbx_redundancy        ? 
_reflns_shell.percent_possible_obs   ? 
_reflns_shell.number_unique_all      ? 
_reflns_shell.number_measured_all    ? 
_reflns_shell.number_measured_obs    ? 
_reflns_shell.number_unique_obs      ? 
_reflns_shell.pdbx_chi_squared       ? 
_reflns_shell.pdbx_diffrn_id         ? 
_reflns_shell.pdbx_ordinal           1 
# 
_refine.entry_id                                 1Z9L 
_refine.ls_number_reflns_obs                     27484 
_refine.ls_number_reflns_all                     27860 
_refine.pdbx_ls_sigma_I                          ? 
_refine.pdbx_ls_sigma_F                          0.0 
_refine.pdbx_data_cutoff_high_absF               824290.49 
_refine.pdbx_data_cutoff_low_absF                0.000000 
_refine.pdbx_data_cutoff_high_rms_absF           ? 
_refine.ls_d_res_low                             13.58 
_refine.ls_d_res_high                            1.70 
_refine.ls_percent_reflns_obs                    98.7 
_refine.ls_R_factor_obs                          0.22 
_refine.ls_R_factor_all                          0.236 
_refine.ls_R_factor_R_work                       0.22 
_refine.ls_R_factor_R_free                       0.254 
_refine.ls_R_factor_R_free_error                 0.005 
_refine.ls_R_factor_R_free_error_details         ? 
_refine.ls_percent_reflns_R_free                 9.7 
_refine.ls_number_reflns_R_free                  2679 
_refine.ls_number_parameters                     ? 
_refine.ls_number_restraints                     ? 
_refine.occupancy_min                            ? 
_refine.occupancy_max                            ? 
_refine.correlation_coeff_Fo_to_Fc               ? 
_refine.correlation_coeff_Fo_to_Fc_free          ? 
_refine.B_iso_mean                               20.5 
_refine.aniso_B[1][1]                            0.66 
_refine.aniso_B[2][2]                            0.66 
_refine.aniso_B[3][3]                            -1.32 
_refine.aniso_B[1][2]                            0.00 
_refine.aniso_B[1][3]                            0.00 
_refine.aniso_B[2][3]                            0.00 
_refine.solvent_model_details                    'FLAT MODEL' 
_refine.solvent_model_param_ksol                 0.365461 
_refine.solvent_model_param_bsol                 45.178 
_refine.pdbx_solvent_vdw_probe_radii             ? 
_refine.pdbx_solvent_ion_probe_radii             ? 
_refine.pdbx_solvent_shrinkage_radii             ? 
_refine.pdbx_ls_cross_valid_method               THROUGHOUT 
_refine.details                                  ? 
_refine.pdbx_starting_model                      ? 
_refine.pdbx_method_to_determine_struct          MAD 
_refine.pdbx_isotropic_thermal_model             RESTRAINED 
_refine.pdbx_stereochemistry_target_values       'Engh & Huber' 
_refine.pdbx_stereochem_target_val_spec_case     ? 
_refine.pdbx_R_Free_selection_details            RANDOM 
_refine.pdbx_overall_ESU_R_Free                  ? 
_refine.ls_redundancy_reflns_obs                 ? 
_refine.B_iso_min                                ? 
_refine.B_iso_max                                ? 
_refine.overall_SU_R_Cruickshank_DPI             ? 
_refine.overall_SU_R_free                        ? 
_refine.overall_SU_ML                            ? 
_refine.overall_SU_B                             ? 
_refine.pdbx_overall_ESU_R                       ? 
_refine.ls_wR_factor_R_free                      ? 
_refine.ls_wR_factor_R_work                      ? 
_refine.overall_FOM_free_R_set                   ? 
_refine.overall_FOM_work_R_set                   ? 
_refine.pdbx_refine_id                           'X-RAY DIFFRACTION' 
_refine.pdbx_diffrn_id                           1 
_refine.pdbx_TLS_residual_ADP_flag               ? 
_refine.pdbx_overall_phase_error                 ? 
_refine.pdbx_overall_SU_R_free_Cruickshank_DPI   ? 
_refine.pdbx_overall_SU_R_Blow_DPI               ? 
_refine.pdbx_overall_SU_R_free_Blow_DPI          ? 
# 
_refine_analyze.entry_id                        1Z9L 
_refine_analyze.Luzzati_coordinate_error_obs    0.21 
_refine_analyze.Luzzati_sigma_a_obs             0.11 
_refine_analyze.Luzzati_d_res_low_obs           5.00 
_refine_analyze.Luzzati_coordinate_error_free   0.25 
_refine_analyze.Luzzati_sigma_a_free            0.09 
_refine_analyze.Luzzati_d_res_low_free          ? 
_refine_analyze.number_disordered_residues      ? 
_refine_analyze.occupancy_sum_hydrogen          ? 
_refine_analyze.occupancy_sum_non_hydrogen      ? 
_refine_analyze.pdbx_Luzzati_d_res_high_obs     ? 
_refine_analyze.pdbx_refine_id                  'X-RAY DIFFRACTION' 
# 
_refine_hist.pdbx_refine_id                   'X-RAY DIFFRACTION' 
_refine_hist.cycle_id                         LAST 
_refine_hist.pdbx_number_atoms_protein        1043 
_refine_hist.pdbx_number_atoms_nucleic_acid   0 
_refine_hist.pdbx_number_atoms_ligand         0 
_refine_hist.number_atoms_solvent             131 
_refine_hist.number_atoms_total               1174 
_refine_hist.d_res_high                       1.70 
_refine_hist.d_res_low                        13.58 
# 
loop_
_refine_ls_restr.type 
_refine_ls_restr.dev_ideal 
_refine_ls_restr.dev_ideal_target 
_refine_ls_restr.weight 
_refine_ls_restr.number 
_refine_ls_restr.pdbx_refine_id 
_refine_ls_restr.pdbx_restraint_function 
c_bond_d                0.005 ? ? ? 'X-RAY DIFFRACTION' ? 
c_bond_d_na             ?     ? ? ? 'X-RAY DIFFRACTION' ? 
c_bond_d_prot           ?     ? ? ? 'X-RAY DIFFRACTION' ? 
c_angle_d               ?     ? ? ? 'X-RAY DIFFRACTION' ? 
c_angle_d_na            ?     ? ? ? 'X-RAY DIFFRACTION' ? 
c_angle_d_prot          ?     ? ? ? 'X-RAY DIFFRACTION' ? 
c_angle_deg             1.4   ? ? ? 'X-RAY DIFFRACTION' ? 
c_angle_deg_na          ?     ? ? ? 'X-RAY DIFFRACTION' ? 
c_angle_deg_prot        ?     ? ? ? 'X-RAY DIFFRACTION' ? 
c_dihedral_angle_d      26.4  ? ? ? 'X-RAY DIFFRACTION' ? 
c_dihedral_angle_d_na   ?     ? ? ? 'X-RAY DIFFRACTION' ? 
c_dihedral_angle_d_prot ?     ? ? ? 'X-RAY DIFFRACTION' ? 
c_improper_angle_d      0.77  ? ? ? 'X-RAY DIFFRACTION' ? 
c_improper_angle_d_na   ?     ? ? ? 'X-RAY DIFFRACTION' ? 
c_improper_angle_d_prot ?     ? ? ? 'X-RAY DIFFRACTION' ? 
c_mcbond_it             ?     ? ? ? 'X-RAY DIFFRACTION' ? 
c_mcangle_it            ?     ? ? ? 'X-RAY DIFFRACTION' ? 
c_scbond_it             ?     ? ? ? 'X-RAY DIFFRACTION' ? 
c_scangle_it            ?     ? ? ? 'X-RAY DIFFRACTION' ? 
# 
_refine_ls_shell.pdbx_total_number_of_bins_used   6 
_refine_ls_shell.d_res_high                       1.70 
_refine_ls_shell.d_res_low                        1.81 
_refine_ls_shell.number_reflns_R_work             4118 
_refine_ls_shell.R_factor_R_work                  0.264 
_refine_ls_shell.percent_reflns_obs               99.3 
_refine_ls_shell.R_factor_R_free                  0.291 
_refine_ls_shell.R_factor_R_free_error            0.013 
_refine_ls_shell.percent_reflns_R_free            10.7 
_refine_ls_shell.number_reflns_R_free             494 
_refine_ls_shell.number_reflns_obs                4118 
_refine_ls_shell.redundancy_reflns_obs            ? 
_refine_ls_shell.number_reflns_all                ? 
_refine_ls_shell.pdbx_refine_id                   'X-RAY DIFFRACTION' 
_refine_ls_shell.R_factor_all                     ? 
# 
loop_
_pdbx_xplor_file.serial_no 
_pdbx_xplor_file.param_file 
_pdbx_xplor_file.topol_file 
_pdbx_xplor_file.pdbx_refine_id 
1 PROTEIN_REP.PARAM PROTEIN.TOP 'X-RAY DIFFRACTION' 
2 WATER_REP.PARAM   ?           'X-RAY DIFFRACTION' 
# 
_struct.entry_id                  1Z9L 
_struct.title                     '1.7 Angstrom Crystal Structure of the Rat VAP-A MSP Homology Domain' 
_struct.pdbx_model_details        ? 
_struct.pdbx_CASP_flag            ? 
_struct.pdbx_model_type_details   ? 
# 
_struct_keywords.entry_id        1Z9L 
_struct_keywords.pdbx_keywords   'PROTEIN BINDING' 
_struct_keywords.text            'VAP-A, Cytoplasmic domain, PROTEIN BINDING' 
# 
loop_
_struct_asym.id 
_struct_asym.pdbx_blank_PDB_chainid_flag 
_struct_asym.pdbx_modified 
_struct_asym.entity_id 
_struct_asym.details 
A N N 1 ? 
B N N 2 ? 
# 
_struct_ref.id                         1 
_struct_ref.db_name                    UNP 
_struct_ref.db_code                    VAPA_RAT 
_struct_ref.pdbx_db_accession          Q9Z270 
_struct_ref.entity_id                  1 
_struct_ref.pdbx_seq_one_letter_code   
;MAKHEQILVLDPPSDLKFKGPFTDVVTTNLKLQNPSDRKVCFKVKTTAPRRYCVRPNSGVIDPGSIVTVSVMLQPFDYDP
NEKSKHKFMVQTIFAPPNISDMEAVWKEAKPDELMDSKLRCVFEM
;
_struct_ref.pdbx_align_begin           1 
_struct_ref.pdbx_db_isoform            ? 
# 
_struct_ref_seq.align_id                      1 
_struct_ref_seq.ref_id                        1 
_struct_ref_seq.pdbx_PDB_id_code              1Z9L 
_struct_ref_seq.pdbx_strand_id                A 
_struct_ref_seq.seq_align_beg                 4 
_struct_ref_seq.pdbx_seq_align_beg_ins_code   ? 
_struct_ref_seq.seq_align_end                 128 
_struct_ref_seq.pdbx_seq_align_end_ins_code   ? 
_struct_ref_seq.pdbx_db_accession             Q9Z270 
_struct_ref_seq.db_align_beg                  1 
_struct_ref_seq.pdbx_db_align_beg_ins_code    ? 
_struct_ref_seq.db_align_end                  125 
_struct_ref_seq.pdbx_db_align_end_ins_code    ? 
_struct_ref_seq.pdbx_auth_seq_align_beg       1 
_struct_ref_seq.pdbx_auth_seq_align_end       125 
# 
loop_
_struct_ref_seq_dif.align_id 
_struct_ref_seq_dif.pdbx_pdb_id_code 
_struct_ref_seq_dif.mon_id 
_struct_ref_seq_dif.pdbx_pdb_strand_id 
_struct_ref_seq_dif.seq_num 
_struct_ref_seq_dif.pdbx_pdb_ins_code 
_struct_ref_seq_dif.pdbx_seq_db_name 
_struct_ref_seq_dif.pdbx_seq_db_accession_code 
_struct_ref_seq_dif.db_mon_id 
_struct_ref_seq_dif.pdbx_seq_db_seq_num 
_struct_ref_seq_dif.details 
_struct_ref_seq_dif.pdbx_auth_seq_num 
_struct_ref_seq_dif.pdbx_ordinal 
1 1Z9L GLY A 1   ? UNP Q9Z270 ?   ?   'cloning artifact' -2  1 
1 1Z9L SER A 2   ? UNP Q9Z270 ?   ?   'cloning artifact' -1  2 
1 1Z9L HIS A 3   ? UNP Q9Z270 ?   ?   'cloning artifact' 0   3 
1 1Z9L MSE A 4   ? UNP Q9Z270 MET 1   'modified residue' 1   4 
1 1Z9L MSE A 75  ? UNP Q9Z270 MET 72  'modified residue' 72  5 
1 1Z9L MSE A 92  ? UNP Q9Z270 MET 89  'modified residue' 89  6 
1 1Z9L MSE A 105 ? UNP Q9Z270 MET 102 'modified residue' 102 7 
1 1Z9L MSE A 118 ? UNP Q9Z270 MET 115 'modified residue' 115 8 
1 1Z9L MSE A 128 ? UNP Q9Z270 MET 125 'modified residue' 125 9 
# 
_pdbx_struct_assembly.id                   1 
_pdbx_struct_assembly.details              author_defined_assembly 
_pdbx_struct_assembly.method_details       ? 
_pdbx_struct_assembly.oligomeric_details   monomeric 
_pdbx_struct_assembly.oligomeric_count     1 
# 
_pdbx_struct_assembly_gen.assembly_id       1 
_pdbx_struct_assembly_gen.oper_expression   1 
_pdbx_struct_assembly_gen.asym_id_list      A,B 
# 
_pdbx_struct_oper_list.id                   1 
_pdbx_struct_oper_list.type                 'identity operation' 
_pdbx_struct_oper_list.name                 1_555 
_pdbx_struct_oper_list.symmetry_operation   x,y,z 
_pdbx_struct_oper_list.matrix[1][1]         1.0000000000 
_pdbx_struct_oper_list.matrix[1][2]         0.0000000000 
_pdbx_struct_oper_list.matrix[1][3]         0.0000000000 
_pdbx_struct_oper_list.vector[1]            0.0000000000 
_pdbx_struct_oper_list.matrix[2][1]         0.0000000000 
_pdbx_struct_oper_list.matrix[2][2]         1.0000000000 
_pdbx_struct_oper_list.matrix[2][3]         0.0000000000 
_pdbx_struct_oper_list.vector[2]            0.0000000000 
_pdbx_struct_oper_list.matrix[3][1]         0.0000000000 
_pdbx_struct_oper_list.matrix[3][2]         0.0000000000 
_pdbx_struct_oper_list.matrix[3][3]         1.0000000000 
_pdbx_struct_oper_list.vector[3]            0.0000000000 
# 
_struct_biol.id                    1 
_struct_biol.pdbx_parent_biol_id   ? 
_struct_biol.details               ? 
# 
loop_
_struct_conf.conf_type_id 
_struct_conf.id 
_struct_conf.pdbx_PDB_helix_id 
_struct_conf.beg_label_comp_id 
_struct_conf.beg_label_asym_id 
_struct_conf.beg_label_seq_id 
_struct_conf.pdbx_beg_PDB_ins_code 
_struct_conf.end_label_comp_id 
_struct_conf.end_label_asym_id 
_struct_conf.end_label_seq_id 
_struct_conf.pdbx_end_PDB_ins_code 
_struct_conf.beg_auth_comp_id 
_struct_conf.beg_auth_asym_id 
_struct_conf.beg_auth_seq_id 
_struct_conf.end_auth_comp_id 
_struct_conf.end_auth_asym_id 
_struct_conf.end_auth_seq_id 
_struct_conf.pdbx_PDB_helix_class 
_struct_conf.details 
_struct_conf.pdbx_PDB_helix_length 
HELX_P HELX_P1 1 ALA A 51  ? ARG A 53  ? ALA A 48  ARG A 50  5 ? 3 
HELX_P HELX_P2 2 ASP A 104 ? GLU A 111 ? ASP A 101 GLU A 108 1 ? 8 
HELX_P HELX_P3 3 LYS A 113 ? LEU A 117 ? LYS A 110 LEU A 114 5 ? 5 
# 
_struct_conf_type.id          HELX_P 
_struct_conf_type.criteria    ? 
_struct_conf_type.reference   ? 
# 
loop_
_struct_conn.id 
_struct_conn.conn_type_id 
_struct_conn.pdbx_leaving_atom_flag 
_struct_conn.pdbx_PDB_id 
_struct_conn.ptnr1_label_asym_id 
_struct_conn.ptnr1_label_comp_id 
_struct_conn.ptnr1_label_seq_id 
_struct_conn.ptnr1_label_atom_id 
_struct_conn.pdbx_ptnr1_label_alt_id 
_struct_conn.pdbx_ptnr1_PDB_ins_code 
_struct_conn.pdbx_ptnr1_standard_comp_id 
_struct_conn.ptnr1_symmetry 
_struct_conn.ptnr2_label_asym_id 
_struct_conn.ptnr2_label_comp_id 
_struct_conn.ptnr2_label_seq_id 
_struct_conn.ptnr2_label_atom_id 
_struct_conn.pdbx_ptnr2_label_alt_id 
_struct_conn.pdbx_ptnr2_PDB_ins_code 
_struct_conn.ptnr1_auth_asym_id 
_struct_conn.ptnr1_auth_comp_id 
_struct_conn.ptnr1_auth_seq_id 
_struct_conn.ptnr2_auth_asym_id 
_struct_conn.ptnr2_auth_comp_id 
_struct_conn.ptnr2_auth_seq_id 
_struct_conn.ptnr2_symmetry 
_struct_conn.pdbx_ptnr3_label_atom_id 
_struct_conn.pdbx_ptnr3_label_seq_id 
_struct_conn.pdbx_ptnr3_label_comp_id 
_struct_conn.pdbx_ptnr3_label_asym_id 
_struct_conn.pdbx_ptnr3_label_alt_id 
_struct_conn.pdbx_ptnr3_PDB_ins_code 
_struct_conn.details 
_struct_conn.pdbx_dist_value 
_struct_conn.pdbx_value_order 
_struct_conn.pdbx_role 
covale1  covale both ? A HIS 3   C ? ? ? 1_555 A MSE 4   N ? ? A HIS 0   A MSE 1   1_555 ? ? ? ? ? ? ? 1.327 ? ? 
covale2  covale both ? A MSE 4   C ? ? ? 1_555 A ALA 5   N ? ? A MSE 1   A ALA 2   1_555 ? ? ? ? ? ? ? 1.330 ? ? 
covale3  covale both ? A VAL 74  C ? ? ? 1_555 A MSE 75  N A ? A VAL 71  A MSE 72  1_555 ? ? ? ? ? ? ? 1.328 ? ? 
covale4  covale both ? A VAL 74  C ? ? ? 1_555 A MSE 75  N B ? A VAL 71  A MSE 72  1_555 ? ? ? ? ? ? ? 1.328 ? ? 
covale5  covale both ? A MSE 75  C A ? ? 1_555 A LEU 76  N ? ? A MSE 72  A LEU 73  1_555 ? ? ? ? ? ? ? 1.331 ? ? 
covale6  covale both ? A MSE 75  C B ? ? 1_555 A LEU 76  N ? ? A MSE 72  A LEU 73  1_555 ? ? ? ? ? ? ? 1.329 ? ? 
covale7  covale both ? A PHE 91  C ? ? ? 1_555 A MSE 92  N ? ? A PHE 88  A MSE 89  1_555 ? ? ? ? ? ? ? 1.325 ? ? 
covale8  covale both ? A MSE 92  C ? ? ? 1_555 A VAL 93  N ? ? A MSE 89  A VAL 90  1_555 ? ? ? ? ? ? ? 1.327 ? ? 
covale9  covale both ? A ASP 104 C ? ? ? 1_555 A MSE 105 N ? ? A ASP 101 A MSE 102 1_555 ? ? ? ? ? ? ? 1.331 ? ? 
covale10 covale both ? A MSE 105 C ? ? ? 1_555 A GLU 106 N ? ? A MSE 102 A GLU 103 1_555 ? ? ? ? ? ? ? 1.329 ? ? 
covale11 covale both ? A LEU 117 C ? ? ? 1_555 A MSE 118 N ? ? A LEU 114 A MSE 115 1_555 ? ? ? ? ? ? ? 1.328 ? ? 
covale12 covale both ? A MSE 118 C ? ? ? 1_555 A ASP 119 N ? ? A MSE 115 A ASP 116 1_555 ? ? ? ? ? ? ? 1.327 ? ? 
covale13 covale both ? A GLU 127 C ? ? ? 1_555 A MSE 128 N ? ? A GLU 124 A MSE 125 1_555 ? ? ? ? ? ? ? 1.327 ? ? 
# 
_struct_conn_type.id          covale 
_struct_conn_type.criteria    ? 
_struct_conn_type.reference   ? 
# 
loop_
_pdbx_modification_feature.ordinal 
_pdbx_modification_feature.label_comp_id 
_pdbx_modification_feature.label_asym_id 
_pdbx_modification_feature.label_seq_id 
_pdbx_modification_feature.label_alt_id 
_pdbx_modification_feature.modified_residue_label_comp_id 
_pdbx_modification_feature.modified_residue_label_asym_id 
_pdbx_modification_feature.modified_residue_label_seq_id 
_pdbx_modification_feature.modified_residue_label_alt_id 
_pdbx_modification_feature.auth_comp_id 
_pdbx_modification_feature.auth_asym_id 
_pdbx_modification_feature.auth_seq_id 
_pdbx_modification_feature.PDB_ins_code 
_pdbx_modification_feature.symmetry 
_pdbx_modification_feature.modified_residue_auth_comp_id 
_pdbx_modification_feature.modified_residue_auth_asym_id 
_pdbx_modification_feature.modified_residue_auth_seq_id 
_pdbx_modification_feature.modified_residue_PDB_ins_code 
_pdbx_modification_feature.modified_residue_symmetry 
_pdbx_modification_feature.comp_id_linking_atom 
_pdbx_modification_feature.modified_residue_id_linking_atom 
_pdbx_modification_feature.modified_residue_id 
_pdbx_modification_feature.ref_pcm_id 
_pdbx_modification_feature.ref_comp_id 
_pdbx_modification_feature.type 
_pdbx_modification_feature.category 
1 MSE A 4   ? . . . . MSE A 1   ? 1_555 . . . . . . . MET 1 MSE Selenomethionine 'Named protein modification' 
2 MSE A 75  A . . . . MSE A 72  ? 1_555 . . . . . . . MET 1 MSE Selenomethionine 'Named protein modification' 
3 MSE A 75  B . . . . MSE A 72  ? 1_555 . . . . . . . MET 1 MSE Selenomethionine 'Named protein modification' 
4 MSE A 92  ? . . . . MSE A 89  ? 1_555 . . . . . . . MET 1 MSE Selenomethionine 'Named protein modification' 
5 MSE A 105 ? . . . . MSE A 102 ? 1_555 . . . . . . . MET 1 MSE Selenomethionine 'Named protein modification' 
6 MSE A 118 ? . . . . MSE A 115 ? 1_555 . . . . . . . MET 1 MSE Selenomethionine 'Named protein modification' 
7 MSE A 128 ? . . . . MSE A 125 ? 1_555 . . . . . . . MET 1 MSE Selenomethionine 'Named protein modification' 
# 
loop_
_struct_mon_prot_cis.pdbx_id 
_struct_mon_prot_cis.label_comp_id 
_struct_mon_prot_cis.label_seq_id 
_struct_mon_prot_cis.label_asym_id 
_struct_mon_prot_cis.label_alt_id 
_struct_mon_prot_cis.pdbx_PDB_ins_code 
_struct_mon_prot_cis.auth_comp_id 
_struct_mon_prot_cis.auth_seq_id 
_struct_mon_prot_cis.auth_asym_id 
_struct_mon_prot_cis.pdbx_label_comp_id_2 
_struct_mon_prot_cis.pdbx_label_seq_id_2 
_struct_mon_prot_cis.pdbx_label_asym_id_2 
_struct_mon_prot_cis.pdbx_PDB_ins_code_2 
_struct_mon_prot_cis.pdbx_auth_comp_id_2 
_struct_mon_prot_cis.pdbx_auth_seq_id_2 
_struct_mon_prot_cis.pdbx_auth_asym_id_2 
_struct_mon_prot_cis.pdbx_PDB_model_num 
_struct_mon_prot_cis.pdbx_omega_angle 
1 ASP 14 A . ? ASP 11 A PRO 15 A ? PRO 12 A 1 0.43  
2 GLY 23 A . ? GLY 20 A PRO 24 A ? PRO 21 A 1 0.36  
3 ARG 58 A . ? ARG 55 A PRO 59 A ? PRO 56 A 1 -0.40 
# 
loop_
_struct_sheet.id 
_struct_sheet.type 
_struct_sheet.number_strands 
_struct_sheet.details 
A ? 4 ? 
B ? 5 ? 
# 
loop_
_struct_sheet_order.sheet_id 
_struct_sheet_order.range_id_1 
_struct_sheet_order.range_id_2 
_struct_sheet_order.offset 
_struct_sheet_order.sense 
A 1 2 ? anti-parallel 
A 2 3 ? anti-parallel 
A 3 4 ? anti-parallel 
B 1 2 ? parallel      
B 2 3 ? anti-parallel 
B 3 4 ? anti-parallel 
B 4 5 ? anti-parallel 
# 
loop_
_struct_sheet_range.sheet_id 
_struct_sheet_range.id 
_struct_sheet_range.beg_label_comp_id 
_struct_sheet_range.beg_label_asym_id 
_struct_sheet_range.beg_label_seq_id 
_struct_sheet_range.pdbx_beg_PDB_ins_code 
_struct_sheet_range.end_label_comp_id 
_struct_sheet_range.end_label_asym_id 
_struct_sheet_range.end_label_seq_id 
_struct_sheet_range.pdbx_end_PDB_ins_code 
_struct_sheet_range.beg_auth_comp_id 
_struct_sheet_range.beg_auth_asym_id 
_struct_sheet_range.beg_auth_seq_id 
_struct_sheet_range.end_auth_comp_id 
_struct_sheet_range.end_auth_asym_id 
_struct_sheet_range.end_auth_seq_id 
A 1 VAL A 12  ? ASP A 14  ? VAL A 9   ASP A 11  
A 2 VAL A 29  ? GLN A 36  ? VAL A 26  GLN A 33  
A 3 ILE A 69  ? LEU A 76  ? ILE A 66  LEU A 73  
A 4 TYR A 55  ? ARG A 58  ? TYR A 52  ARG A 55  
B 1 ASP A 18  ? LYS A 22  ? ASP A 15  LYS A 19  
B 2 MSE A 118 ? GLU A 127 ? MSE A 115 GLU A 124 
B 3 LYS A 90  ? PHE A 97  ? LYS A 87  PHE A 94  
B 4 VAL A 43  ? THR A 49  ? VAL A 40  THR A 46  
B 5 SER A 61  ? ILE A 64  ? SER A 58  ILE A 61  
# 
loop_
_pdbx_struct_sheet_hbond.sheet_id 
_pdbx_struct_sheet_hbond.range_id_1 
_pdbx_struct_sheet_hbond.range_id_2 
_pdbx_struct_sheet_hbond.range_1_label_atom_id 
_pdbx_struct_sheet_hbond.range_1_label_comp_id 
_pdbx_struct_sheet_hbond.range_1_label_asym_id 
_pdbx_struct_sheet_hbond.range_1_label_seq_id 
_pdbx_struct_sheet_hbond.range_1_PDB_ins_code 
_pdbx_struct_sheet_hbond.range_1_auth_atom_id 
_pdbx_struct_sheet_hbond.range_1_auth_comp_id 
_pdbx_struct_sheet_hbond.range_1_auth_asym_id 
_pdbx_struct_sheet_hbond.range_1_auth_seq_id 
_pdbx_struct_sheet_hbond.range_2_label_atom_id 
_pdbx_struct_sheet_hbond.range_2_label_comp_id 
_pdbx_struct_sheet_hbond.range_2_label_asym_id 
_pdbx_struct_sheet_hbond.range_2_label_seq_id 
_pdbx_struct_sheet_hbond.range_2_PDB_ins_code 
_pdbx_struct_sheet_hbond.range_2_auth_atom_id 
_pdbx_struct_sheet_hbond.range_2_auth_comp_id 
_pdbx_struct_sheet_hbond.range_2_auth_asym_id 
_pdbx_struct_sheet_hbond.range_2_auth_seq_id 
A 1 2 N ASP A 14  ? N ASP A 11  O LYS A 34  ? O LYS A 31  
A 2 3 N VAL A 29  ? N VAL A 26  O LEU A 76  ? O LEU A 73  
A 3 4 O MSE A 75  ? O MSE A 72  N CYS A 56  ? N CYS A 53  
B 1 2 N LEU A 19  ? N LEU A 16  O ARG A 123 ? O ARG A 120 
B 2 3 O MSE A 118 ? O MSE A 115 N THR A 95  ? N THR A 92  
B 3 4 O MSE A 92  ? O MSE A 89  N LYS A 48  ? N LYS A 45  
B 4 5 N VAL A 43  ? N VAL A 40  O ILE A 64  ? O ILE A 61  
# 
_pdbx_entry_details.entry_id                   1Z9L 
_pdbx_entry_details.compound_details           ? 
_pdbx_entry_details.source_details             ? 
_pdbx_entry_details.nonpolymer_details         ? 
_pdbx_entry_details.sequence_details           ? 
_pdbx_entry_details.has_ligand_of_interest     ? 
_pdbx_entry_details.has_protein_modification   Y 
# 
_pdbx_validate_torsion.id              1 
_pdbx_validate_torsion.PDB_model_num   1 
_pdbx_validate_torsion.auth_comp_id    SER 
_pdbx_validate_torsion.auth_asym_id    A 
_pdbx_validate_torsion.auth_seq_id     14 
_pdbx_validate_torsion.PDB_ins_code    ? 
_pdbx_validate_torsion.label_alt_id    ? 
_pdbx_validate_torsion.phi             -133.81 
_pdbx_validate_torsion.psi             -35.19 
# 
loop_
_pdbx_struct_mod_residue.id 
_pdbx_struct_mod_residue.label_asym_id 
_pdbx_struct_mod_residue.label_comp_id 
_pdbx_struct_mod_residue.label_seq_id 
_pdbx_struct_mod_residue.auth_asym_id 
_pdbx_struct_mod_residue.auth_comp_id 
_pdbx_struct_mod_residue.auth_seq_id 
_pdbx_struct_mod_residue.PDB_ins_code 
_pdbx_struct_mod_residue.parent_comp_id 
_pdbx_struct_mod_residue.details 
1 A MSE 4   A MSE 1   ? MET SELENOMETHIONINE 
2 A MSE 75  A MSE 72  ? MET SELENOMETHIONINE 
3 A MSE 92  A MSE 89  ? MET SELENOMETHIONINE 
4 A MSE 105 A MSE 102 ? MET SELENOMETHIONINE 
5 A MSE 118 A MSE 115 ? MET SELENOMETHIONINE 
6 A MSE 128 A MSE 125 ? MET SELENOMETHIONINE 
# 
loop_
_pdbx_unobs_or_zero_occ_residues.id 
_pdbx_unobs_or_zero_occ_residues.PDB_model_num 
_pdbx_unobs_or_zero_occ_residues.polymer_flag 
_pdbx_unobs_or_zero_occ_residues.occupancy_flag 
_pdbx_unobs_or_zero_occ_residues.auth_asym_id 
_pdbx_unobs_or_zero_occ_residues.auth_comp_id 
_pdbx_unobs_or_zero_occ_residues.auth_seq_id 
_pdbx_unobs_or_zero_occ_residues.PDB_ins_code 
_pdbx_unobs_or_zero_occ_residues.label_asym_id 
_pdbx_unobs_or_zero_occ_residues.label_comp_id 
_pdbx_unobs_or_zero_occ_residues.label_seq_id 
1 1 Y 1 A GLY -2 ? A GLY 1 
2 1 Y 1 A SER -1 ? A SER 2 
# 
loop_
_chem_comp_atom.comp_id 
_chem_comp_atom.atom_id 
_chem_comp_atom.type_symbol 
_chem_comp_atom.pdbx_aromatic_flag 
_chem_comp_atom.pdbx_stereo_config 
_chem_comp_atom.pdbx_ordinal 
ALA N    N  N N 1   
ALA CA   C  N S 2   
ALA C    C  N N 3   
ALA O    O  N N 4   
ALA CB   C  N N 5   
ALA OXT  O  N N 6   
ALA H    H  N N 7   
ALA H2   H  N N 8   
ALA HA   H  N N 9   
ALA HB1  H  N N 10  
ALA HB2  H  N N 11  
ALA HB3  H  N N 12  
ALA HXT  H  N N 13  
ARG N    N  N N 14  
ARG CA   C  N S 15  
ARG C    C  N N 16  
ARG O    O  N N 17  
ARG CB   C  N N 18  
ARG CG   C  N N 19  
ARG CD   C  N N 20  
ARG NE   N  N N 21  
ARG CZ   C  N N 22  
ARG NH1  N  N N 23  
ARG NH2  N  N N 24  
ARG OXT  O  N N 25  
ARG H    H  N N 26  
ARG H2   H  N N 27  
ARG HA   H  N N 28  
ARG HB2  H  N N 29  
ARG HB3  H  N N 30  
ARG HG2  H  N N 31  
ARG HG3  H  N N 32  
ARG HD2  H  N N 33  
ARG HD3  H  N N 34  
ARG HE   H  N N 35  
ARG HH11 H  N N 36  
ARG HH12 H  N N 37  
ARG HH21 H  N N 38  
ARG HH22 H  N N 39  
ARG HXT  H  N N 40  
ASN N    N  N N 41  
ASN CA   C  N S 42  
ASN C    C  N N 43  
ASN O    O  N N 44  
ASN CB   C  N N 45  
ASN CG   C  N N 46  
ASN OD1  O  N N 47  
ASN ND2  N  N N 48  
ASN OXT  O  N N 49  
ASN H    H  N N 50  
ASN H2   H  N N 51  
ASN HA   H  N N 52  
ASN HB2  H  N N 53  
ASN HB3  H  N N 54  
ASN HD21 H  N N 55  
ASN HD22 H  N N 56  
ASN HXT  H  N N 57  
ASP N    N  N N 58  
ASP CA   C  N S 59  
ASP C    C  N N 60  
ASP O    O  N N 61  
ASP CB   C  N N 62  
ASP CG   C  N N 63  
ASP OD1  O  N N 64  
ASP OD2  O  N N 65  
ASP OXT  O  N N 66  
ASP H    H  N N 67  
ASP H2   H  N N 68  
ASP HA   H  N N 69  
ASP HB2  H  N N 70  
ASP HB3  H  N N 71  
ASP HD2  H  N N 72  
ASP HXT  H  N N 73  
CYS N    N  N N 74  
CYS CA   C  N R 75  
CYS C    C  N N 76  
CYS O    O  N N 77  
CYS CB   C  N N 78  
CYS SG   S  N N 79  
CYS OXT  O  N N 80  
CYS H    H  N N 81  
CYS H2   H  N N 82  
CYS HA   H  N N 83  
CYS HB2  H  N N 84  
CYS HB3  H  N N 85  
CYS HG   H  N N 86  
CYS HXT  H  N N 87  
GLN N    N  N N 88  
GLN CA   C  N S 89  
GLN C    C  N N 90  
GLN O    O  N N 91  
GLN CB   C  N N 92  
GLN CG   C  N N 93  
GLN CD   C  N N 94  
GLN OE1  O  N N 95  
GLN NE2  N  N N 96  
GLN OXT  O  N N 97  
GLN H    H  N N 98  
GLN H2   H  N N 99  
GLN HA   H  N N 100 
GLN HB2  H  N N 101 
GLN HB3  H  N N 102 
GLN HG2  H  N N 103 
GLN HG3  H  N N 104 
GLN HE21 H  N N 105 
GLN HE22 H  N N 106 
GLN HXT  H  N N 107 
GLU N    N  N N 108 
GLU CA   C  N S 109 
GLU C    C  N N 110 
GLU O    O  N N 111 
GLU CB   C  N N 112 
GLU CG   C  N N 113 
GLU CD   C  N N 114 
GLU OE1  O  N N 115 
GLU OE2  O  N N 116 
GLU OXT  O  N N 117 
GLU H    H  N N 118 
GLU H2   H  N N 119 
GLU HA   H  N N 120 
GLU HB2  H  N N 121 
GLU HB3  H  N N 122 
GLU HG2  H  N N 123 
GLU HG3  H  N N 124 
GLU HE2  H  N N 125 
GLU HXT  H  N N 126 
GLY N    N  N N 127 
GLY CA   C  N N 128 
GLY C    C  N N 129 
GLY O    O  N N 130 
GLY OXT  O  N N 131 
GLY H    H  N N 132 
GLY H2   H  N N 133 
GLY HA2  H  N N 134 
GLY HA3  H  N N 135 
GLY HXT  H  N N 136 
HIS N    N  N N 137 
HIS CA   C  N S 138 
HIS C    C  N N 139 
HIS O    O  N N 140 
HIS CB   C  N N 141 
HIS CG   C  Y N 142 
HIS ND1  N  Y N 143 
HIS CD2  C  Y N 144 
HIS CE1  C  Y N 145 
HIS NE2  N  Y N 146 
HIS OXT  O  N N 147 
HIS H    H  N N 148 
HIS H2   H  N N 149 
HIS HA   H  N N 150 
HIS HB2  H  N N 151 
HIS HB3  H  N N 152 
HIS HD1  H  N N 153 
HIS HD2  H  N N 154 
HIS HE1  H  N N 155 
HIS HE2  H  N N 156 
HIS HXT  H  N N 157 
HOH O    O  N N 158 
HOH H1   H  N N 159 
HOH H2   H  N N 160 
ILE N    N  N N 161 
ILE CA   C  N S 162 
ILE C    C  N N 163 
ILE O    O  N N 164 
ILE CB   C  N S 165 
ILE CG1  C  N N 166 
ILE CG2  C  N N 167 
ILE CD1  C  N N 168 
ILE OXT  O  N N 169 
ILE H    H  N N 170 
ILE H2   H  N N 171 
ILE HA   H  N N 172 
ILE HB   H  N N 173 
ILE HG12 H  N N 174 
ILE HG13 H  N N 175 
ILE HG21 H  N N 176 
ILE HG22 H  N N 177 
ILE HG23 H  N N 178 
ILE HD11 H  N N 179 
ILE HD12 H  N N 180 
ILE HD13 H  N N 181 
ILE HXT  H  N N 182 
LEU N    N  N N 183 
LEU CA   C  N S 184 
LEU C    C  N N 185 
LEU O    O  N N 186 
LEU CB   C  N N 187 
LEU CG   C  N N 188 
LEU CD1  C  N N 189 
LEU CD2  C  N N 190 
LEU OXT  O  N N 191 
LEU H    H  N N 192 
LEU H2   H  N N 193 
LEU HA   H  N N 194 
LEU HB2  H  N N 195 
LEU HB3  H  N N 196 
LEU HG   H  N N 197 
LEU HD11 H  N N 198 
LEU HD12 H  N N 199 
LEU HD13 H  N N 200 
LEU HD21 H  N N 201 
LEU HD22 H  N N 202 
LEU HD23 H  N N 203 
LEU HXT  H  N N 204 
LYS N    N  N N 205 
LYS CA   C  N S 206 
LYS C    C  N N 207 
LYS O    O  N N 208 
LYS CB   C  N N 209 
LYS CG   C  N N 210 
LYS CD   C  N N 211 
LYS CE   C  N N 212 
LYS NZ   N  N N 213 
LYS OXT  O  N N 214 
LYS H    H  N N 215 
LYS H2   H  N N 216 
LYS HA   H  N N 217 
LYS HB2  H  N N 218 
LYS HB3  H  N N 219 
LYS HG2  H  N N 220 
LYS HG3  H  N N 221 
LYS HD2  H  N N 222 
LYS HD3  H  N N 223 
LYS HE2  H  N N 224 
LYS HE3  H  N N 225 
LYS HZ1  H  N N 226 
LYS HZ2  H  N N 227 
LYS HZ3  H  N N 228 
LYS HXT  H  N N 229 
MET N    N  N N 230 
MET CA   C  N S 231 
MET C    C  N N 232 
MET O    O  N N 233 
MET CB   C  N N 234 
MET CG   C  N N 235 
MET SD   S  N N 236 
MET CE   C  N N 237 
MET OXT  O  N N 238 
MET H    H  N N 239 
MET H2   H  N N 240 
MET HA   H  N N 241 
MET HB2  H  N N 242 
MET HB3  H  N N 243 
MET HG2  H  N N 244 
MET HG3  H  N N 245 
MET HE1  H  N N 246 
MET HE2  H  N N 247 
MET HE3  H  N N 248 
MET HXT  H  N N 249 
MSE N    N  N N 250 
MSE CA   C  N S 251 
MSE C    C  N N 252 
MSE O    O  N N 253 
MSE OXT  O  N N 254 
MSE CB   C  N N 255 
MSE CG   C  N N 256 
MSE SE   SE N N 257 
MSE CE   C  N N 258 
MSE H    H  N N 259 
MSE H2   H  N N 260 
MSE HA   H  N N 261 
MSE HXT  H  N N 262 
MSE HB2  H  N N 263 
MSE HB3  H  N N 264 
MSE HG2  H  N N 265 
MSE HG3  H  N N 266 
MSE HE1  H  N N 267 
MSE HE2  H  N N 268 
MSE HE3  H  N N 269 
PHE N    N  N N 270 
PHE CA   C  N S 271 
PHE C    C  N N 272 
PHE O    O  N N 273 
PHE CB   C  N N 274 
PHE CG   C  Y N 275 
PHE CD1  C  Y N 276 
PHE CD2  C  Y N 277 
PHE CE1  C  Y N 278 
PHE CE2  C  Y N 279 
PHE CZ   C  Y N 280 
PHE OXT  O  N N 281 
PHE H    H  N N 282 
PHE H2   H  N N 283 
PHE HA   H  N N 284 
PHE HB2  H  N N 285 
PHE HB3  H  N N 286 
PHE HD1  H  N N 287 
PHE HD2  H  N N 288 
PHE HE1  H  N N 289 
PHE HE2  H  N N 290 
PHE HZ   H  N N 291 
PHE HXT  H  N N 292 
PRO N    N  N N 293 
PRO CA   C  N S 294 
PRO C    C  N N 295 
PRO O    O  N N 296 
PRO CB   C  N N 297 
PRO CG   C  N N 298 
PRO CD   C  N N 299 
PRO OXT  O  N N 300 
PRO H    H  N N 301 
PRO HA   H  N N 302 
PRO HB2  H  N N 303 
PRO HB3  H  N N 304 
PRO HG2  H  N N 305 
PRO HG3  H  N N 306 
PRO HD2  H  N N 307 
PRO HD3  H  N N 308 
PRO HXT  H  N N 309 
SER N    N  N N 310 
SER CA   C  N S 311 
SER C    C  N N 312 
SER O    O  N N 313 
SER CB   C  N N 314 
SER OG   O  N N 315 
SER OXT  O  N N 316 
SER H    H  N N 317 
SER H2   H  N N 318 
SER HA   H  N N 319 
SER HB2  H  N N 320 
SER HB3  H  N N 321 
SER HG   H  N N 322 
SER HXT  H  N N 323 
THR N    N  N N 324 
THR CA   C  N S 325 
THR C    C  N N 326 
THR O    O  N N 327 
THR CB   C  N R 328 
THR OG1  O  N N 329 
THR CG2  C  N N 330 
THR OXT  O  N N 331 
THR H    H  N N 332 
THR H2   H  N N 333 
THR HA   H  N N 334 
THR HB   H  N N 335 
THR HG1  H  N N 336 
THR HG21 H  N N 337 
THR HG22 H  N N 338 
THR HG23 H  N N 339 
THR HXT  H  N N 340 
TRP N    N  N N 341 
TRP CA   C  N S 342 
TRP C    C  N N 343 
TRP O    O  N N 344 
TRP CB   C  N N 345 
TRP CG   C  Y N 346 
TRP CD1  C  Y N 347 
TRP CD2  C  Y N 348 
TRP NE1  N  Y N 349 
TRP CE2  C  Y N 350 
TRP CE3  C  Y N 351 
TRP CZ2  C  Y N 352 
TRP CZ3  C  Y N 353 
TRP CH2  C  Y N 354 
TRP OXT  O  N N 355 
TRP H    H  N N 356 
TRP H2   H  N N 357 
TRP HA   H  N N 358 
TRP HB2  H  N N 359 
TRP HB3  H  N N 360 
TRP HD1  H  N N 361 
TRP HE1  H  N N 362 
TRP HE3  H  N N 363 
TRP HZ2  H  N N 364 
TRP HZ3  H  N N 365 
TRP HH2  H  N N 366 
TRP HXT  H  N N 367 
TYR N    N  N N 368 
TYR CA   C  N S 369 
TYR C    C  N N 370 
TYR O    O  N N 371 
TYR CB   C  N N 372 
TYR CG   C  Y N 373 
TYR CD1  C  Y N 374 
TYR CD2  C  Y N 375 
TYR CE1  C  Y N 376 
TYR CE2  C  Y N 377 
TYR CZ   C  Y N 378 
TYR OH   O  N N 379 
TYR OXT  O  N N 380 
TYR H    H  N N 381 
TYR H2   H  N N 382 
TYR HA   H  N N 383 
TYR HB2  H  N N 384 
TYR HB3  H  N N 385 
TYR HD1  H  N N 386 
TYR HD2  H  N N 387 
TYR HE1  H  N N 388 
TYR HE2  H  N N 389 
TYR HH   H  N N 390 
TYR HXT  H  N N 391 
VAL N    N  N N 392 
VAL CA   C  N S 393 
VAL C    C  N N 394 
VAL O    O  N N 395 
VAL CB   C  N N 396 
VAL CG1  C  N N 397 
VAL CG2  C  N N 398 
VAL OXT  O  N N 399 
VAL H    H  N N 400 
VAL H2   H  N N 401 
VAL HA   H  N N 402 
VAL HB   H  N N 403 
VAL HG11 H  N N 404 
VAL HG12 H  N N 405 
VAL HG13 H  N N 406 
VAL HG21 H  N N 407 
VAL HG22 H  N N 408 
VAL HG23 H  N N 409 
VAL HXT  H  N N 410 
# 
loop_
_chem_comp_bond.comp_id 
_chem_comp_bond.atom_id_1 
_chem_comp_bond.atom_id_2 
_chem_comp_bond.value_order 
_chem_comp_bond.pdbx_aromatic_flag 
_chem_comp_bond.pdbx_stereo_config 
_chem_comp_bond.pdbx_ordinal 
ALA N   CA   sing N N 1   
ALA N   H    sing N N 2   
ALA N   H2   sing N N 3   
ALA CA  C    sing N N 4   
ALA CA  CB   sing N N 5   
ALA CA  HA   sing N N 6   
ALA C   O    doub N N 7   
ALA C   OXT  sing N N 8   
ALA CB  HB1  sing N N 9   
ALA CB  HB2  sing N N 10  
ALA CB  HB3  sing N N 11  
ALA OXT HXT  sing N N 12  
ARG N   CA   sing N N 13  
ARG N   H    sing N N 14  
ARG N   H2   sing N N 15  
ARG CA  C    sing N N 16  
ARG CA  CB   sing N N 17  
ARG CA  HA   sing N N 18  
ARG C   O    doub N N 19  
ARG C   OXT  sing N N 20  
ARG CB  CG   sing N N 21  
ARG CB  HB2  sing N N 22  
ARG CB  HB3  sing N N 23  
ARG CG  CD   sing N N 24  
ARG CG  HG2  sing N N 25  
ARG CG  HG3  sing N N 26  
ARG CD  NE   sing N N 27  
ARG CD  HD2  sing N N 28  
ARG CD  HD3  sing N N 29  
ARG NE  CZ   sing N N 30  
ARG NE  HE   sing N N 31  
ARG CZ  NH1  sing N N 32  
ARG CZ  NH2  doub N N 33  
ARG NH1 HH11 sing N N 34  
ARG NH1 HH12 sing N N 35  
ARG NH2 HH21 sing N N 36  
ARG NH2 HH22 sing N N 37  
ARG OXT HXT  sing N N 38  
ASN N   CA   sing N N 39  
ASN N   H    sing N N 40  
ASN N   H2   sing N N 41  
ASN CA  C    sing N N 42  
ASN CA  CB   sing N N 43  
ASN CA  HA   sing N N 44  
ASN C   O    doub N N 45  
ASN C   OXT  sing N N 46  
ASN CB  CG   sing N N 47  
ASN CB  HB2  sing N N 48  
ASN CB  HB3  sing N N 49  
ASN CG  OD1  doub N N 50  
ASN CG  ND2  sing N N 51  
ASN ND2 HD21 sing N N 52  
ASN ND2 HD22 sing N N 53  
ASN OXT HXT  sing N N 54  
ASP N   CA   sing N N 55  
ASP N   H    sing N N 56  
ASP N   H2   sing N N 57  
ASP CA  C    sing N N 58  
ASP CA  CB   sing N N 59  
ASP CA  HA   sing N N 60  
ASP C   O    doub N N 61  
ASP C   OXT  sing N N 62  
ASP CB  CG   sing N N 63  
ASP CB  HB2  sing N N 64  
ASP CB  HB3  sing N N 65  
ASP CG  OD1  doub N N 66  
ASP CG  OD2  sing N N 67  
ASP OD2 HD2  sing N N 68  
ASP OXT HXT  sing N N 69  
CYS N   CA   sing N N 70  
CYS N   H    sing N N 71  
CYS N   H2   sing N N 72  
CYS CA  C    sing N N 73  
CYS CA  CB   sing N N 74  
CYS CA  HA   sing N N 75  
CYS C   O    doub N N 76  
CYS C   OXT  sing N N 77  
CYS CB  SG   sing N N 78  
CYS CB  HB2  sing N N 79  
CYS CB  HB3  sing N N 80  
CYS SG  HG   sing N N 81  
CYS OXT HXT  sing N N 82  
GLN N   CA   sing N N 83  
GLN N   H    sing N N 84  
GLN N   H2   sing N N 85  
GLN CA  C    sing N N 86  
GLN CA  CB   sing N N 87  
GLN CA  HA   sing N N 88  
GLN C   O    doub N N 89  
GLN C   OXT  sing N N 90  
GLN CB  CG   sing N N 91  
GLN CB  HB2  sing N N 92  
GLN CB  HB3  sing N N 93  
GLN CG  CD   sing N N 94  
GLN CG  HG2  sing N N 95  
GLN CG  HG3  sing N N 96  
GLN CD  OE1  doub N N 97  
GLN CD  NE2  sing N N 98  
GLN NE2 HE21 sing N N 99  
GLN NE2 HE22 sing N N 100 
GLN OXT HXT  sing N N 101 
GLU N   CA   sing N N 102 
GLU N   H    sing N N 103 
GLU N   H2   sing N N 104 
GLU CA  C    sing N N 105 
GLU CA  CB   sing N N 106 
GLU CA  HA   sing N N 107 
GLU C   O    doub N N 108 
GLU C   OXT  sing N N 109 
GLU CB  CG   sing N N 110 
GLU CB  HB2  sing N N 111 
GLU CB  HB3  sing N N 112 
GLU CG  CD   sing N N 113 
GLU CG  HG2  sing N N 114 
GLU CG  HG3  sing N N 115 
GLU CD  OE1  doub N N 116 
GLU CD  OE2  sing N N 117 
GLU OE2 HE2  sing N N 118 
GLU OXT HXT  sing N N 119 
GLY N   CA   sing N N 120 
GLY N   H    sing N N 121 
GLY N   H2   sing N N 122 
GLY CA  C    sing N N 123 
GLY CA  HA2  sing N N 124 
GLY CA  HA3  sing N N 125 
GLY C   O    doub N N 126 
GLY C   OXT  sing N N 127 
GLY OXT HXT  sing N N 128 
HIS N   CA   sing N N 129 
HIS N   H    sing N N 130 
HIS N   H2   sing N N 131 
HIS CA  C    sing N N 132 
HIS CA  CB   sing N N 133 
HIS CA  HA   sing N N 134 
HIS C   O    doub N N 135 
HIS C   OXT  sing N N 136 
HIS CB  CG   sing N N 137 
HIS CB  HB2  sing N N 138 
HIS CB  HB3  sing N N 139 
HIS CG  ND1  sing Y N 140 
HIS CG  CD2  doub Y N 141 
HIS ND1 CE1  doub Y N 142 
HIS ND1 HD1  sing N N 143 
HIS CD2 NE2  sing Y N 144 
HIS CD2 HD2  sing N N 145 
HIS CE1 NE2  sing Y N 146 
HIS CE1 HE1  sing N N 147 
HIS NE2 HE2  sing N N 148 
HIS OXT HXT  sing N N 149 
HOH O   H1   sing N N 150 
HOH O   H2   sing N N 151 
ILE N   CA   sing N N 152 
ILE N   H    sing N N 153 
ILE N   H2   sing N N 154 
ILE CA  C    sing N N 155 
ILE CA  CB   sing N N 156 
ILE CA  HA   sing N N 157 
ILE C   O    doub N N 158 
ILE C   OXT  sing N N 159 
ILE CB  CG1  sing N N 160 
ILE CB  CG2  sing N N 161 
ILE CB  HB   sing N N 162 
ILE CG1 CD1  sing N N 163 
ILE CG1 HG12 sing N N 164 
ILE CG1 HG13 sing N N 165 
ILE CG2 HG21 sing N N 166 
ILE CG2 HG22 sing N N 167 
ILE CG2 HG23 sing N N 168 
ILE CD1 HD11 sing N N 169 
ILE CD1 HD12 sing N N 170 
ILE CD1 HD13 sing N N 171 
ILE OXT HXT  sing N N 172 
LEU N   CA   sing N N 173 
LEU N   H    sing N N 174 
LEU N   H2   sing N N 175 
LEU CA  C    sing N N 176 
LEU CA  CB   sing N N 177 
LEU CA  HA   sing N N 178 
LEU C   O    doub N N 179 
LEU C   OXT  sing N N 180 
LEU CB  CG   sing N N 181 
LEU CB  HB2  sing N N 182 
LEU CB  HB3  sing N N 183 
LEU CG  CD1  sing N N 184 
LEU CG  CD2  sing N N 185 
LEU CG  HG   sing N N 186 
LEU CD1 HD11 sing N N 187 
LEU CD1 HD12 sing N N 188 
LEU CD1 HD13 sing N N 189 
LEU CD2 HD21 sing N N 190 
LEU CD2 HD22 sing N N 191 
LEU CD2 HD23 sing N N 192 
LEU OXT HXT  sing N N 193 
LYS N   CA   sing N N 194 
LYS N   H    sing N N 195 
LYS N   H2   sing N N 196 
LYS CA  C    sing N N 197 
LYS CA  CB   sing N N 198 
LYS CA  HA   sing N N 199 
LYS C   O    doub N N 200 
LYS C   OXT  sing N N 201 
LYS CB  CG   sing N N 202 
LYS CB  HB2  sing N N 203 
LYS CB  HB3  sing N N 204 
LYS CG  CD   sing N N 205 
LYS CG  HG2  sing N N 206 
LYS CG  HG3  sing N N 207 
LYS CD  CE   sing N N 208 
LYS CD  HD2  sing N N 209 
LYS CD  HD3  sing N N 210 
LYS CE  NZ   sing N N 211 
LYS CE  HE2  sing N N 212 
LYS CE  HE3  sing N N 213 
LYS NZ  HZ1  sing N N 214 
LYS NZ  HZ2  sing N N 215 
LYS NZ  HZ3  sing N N 216 
LYS OXT HXT  sing N N 217 
MET N   CA   sing N N 218 
MET N   H    sing N N 219 
MET N   H2   sing N N 220 
MET CA  C    sing N N 221 
MET CA  CB   sing N N 222 
MET CA  HA   sing N N 223 
MET C   O    doub N N 224 
MET C   OXT  sing N N 225 
MET CB  CG   sing N N 226 
MET CB  HB2  sing N N 227 
MET CB  HB3  sing N N 228 
MET CG  SD   sing N N 229 
MET CG  HG2  sing N N 230 
MET CG  HG3  sing N N 231 
MET SD  CE   sing N N 232 
MET CE  HE1  sing N N 233 
MET CE  HE2  sing N N 234 
MET CE  HE3  sing N N 235 
MET OXT HXT  sing N N 236 
MSE N   CA   sing N N 237 
MSE N   H    sing N N 238 
MSE N   H2   sing N N 239 
MSE CA  C    sing N N 240 
MSE CA  CB   sing N N 241 
MSE CA  HA   sing N N 242 
MSE C   O    doub N N 243 
MSE C   OXT  sing N N 244 
MSE OXT HXT  sing N N 245 
MSE CB  CG   sing N N 246 
MSE CB  HB2  sing N N 247 
MSE CB  HB3  sing N N 248 
MSE CG  SE   sing N N 249 
MSE CG  HG2  sing N N 250 
MSE CG  HG3  sing N N 251 
MSE SE  CE   sing N N 252 
MSE CE  HE1  sing N N 253 
MSE CE  HE2  sing N N 254 
MSE CE  HE3  sing N N 255 
PHE N   CA   sing N N 256 
PHE N   H    sing N N 257 
PHE N   H2   sing N N 258 
PHE CA  C    sing N N 259 
PHE CA  CB   sing N N 260 
PHE CA  HA   sing N N 261 
PHE C   O    doub N N 262 
PHE C   OXT  sing N N 263 
PHE CB  CG   sing N N 264 
PHE CB  HB2  sing N N 265 
PHE CB  HB3  sing N N 266 
PHE CG  CD1  doub Y N 267 
PHE CG  CD2  sing Y N 268 
PHE CD1 CE1  sing Y N 269 
PHE CD1 HD1  sing N N 270 
PHE CD2 CE2  doub Y N 271 
PHE CD2 HD2  sing N N 272 
PHE CE1 CZ   doub Y N 273 
PHE CE1 HE1  sing N N 274 
PHE CE2 CZ   sing Y N 275 
PHE CE2 HE2  sing N N 276 
PHE CZ  HZ   sing N N 277 
PHE OXT HXT  sing N N 278 
PRO N   CA   sing N N 279 
PRO N   CD   sing N N 280 
PRO N   H    sing N N 281 
PRO CA  C    sing N N 282 
PRO CA  CB   sing N N 283 
PRO CA  HA   sing N N 284 
PRO C   O    doub N N 285 
PRO C   OXT  sing N N 286 
PRO CB  CG   sing N N 287 
PRO CB  HB2  sing N N 288 
PRO CB  HB3  sing N N 289 
PRO CG  CD   sing N N 290 
PRO CG  HG2  sing N N 291 
PRO CG  HG3  sing N N 292 
PRO CD  HD2  sing N N 293 
PRO CD  HD3  sing N N 294 
PRO OXT HXT  sing N N 295 
SER N   CA   sing N N 296 
SER N   H    sing N N 297 
SER N   H2   sing N N 298 
SER CA  C    sing N N 299 
SER CA  CB   sing N N 300 
SER CA  HA   sing N N 301 
SER C   O    doub N N 302 
SER C   OXT  sing N N 303 
SER CB  OG   sing N N 304 
SER CB  HB2  sing N N 305 
SER CB  HB3  sing N N 306 
SER OG  HG   sing N N 307 
SER OXT HXT  sing N N 308 
THR N   CA   sing N N 309 
THR N   H    sing N N 310 
THR N   H2   sing N N 311 
THR CA  C    sing N N 312 
THR CA  CB   sing N N 313 
THR CA  HA   sing N N 314 
THR C   O    doub N N 315 
THR C   OXT  sing N N 316 
THR CB  OG1  sing N N 317 
THR CB  CG2  sing N N 318 
THR CB  HB   sing N N 319 
THR OG1 HG1  sing N N 320 
THR CG2 HG21 sing N N 321 
THR CG2 HG22 sing N N 322 
THR CG2 HG23 sing N N 323 
THR OXT HXT  sing N N 324 
TRP N   CA   sing N N 325 
TRP N   H    sing N N 326 
TRP N   H2   sing N N 327 
TRP CA  C    sing N N 328 
TRP CA  CB   sing N N 329 
TRP CA  HA   sing N N 330 
TRP C   O    doub N N 331 
TRP C   OXT  sing N N 332 
TRP CB  CG   sing N N 333 
TRP CB  HB2  sing N N 334 
TRP CB  HB3  sing N N 335 
TRP CG  CD1  doub Y N 336 
TRP CG  CD2  sing Y N 337 
TRP CD1 NE1  sing Y N 338 
TRP CD1 HD1  sing N N 339 
TRP CD2 CE2  doub Y N 340 
TRP CD2 CE3  sing Y N 341 
TRP NE1 CE2  sing Y N 342 
TRP NE1 HE1  sing N N 343 
TRP CE2 CZ2  sing Y N 344 
TRP CE3 CZ3  doub Y N 345 
TRP CE3 HE3  sing N N 346 
TRP CZ2 CH2  doub Y N 347 
TRP CZ2 HZ2  sing N N 348 
TRP CZ3 CH2  sing Y N 349 
TRP CZ3 HZ3  sing N N 350 
TRP CH2 HH2  sing N N 351 
TRP OXT HXT  sing N N 352 
TYR N   CA   sing N N 353 
TYR N   H    sing N N 354 
TYR N   H2   sing N N 355 
TYR CA  C    sing N N 356 
TYR CA  CB   sing N N 357 
TYR CA  HA   sing N N 358 
TYR C   O    doub N N 359 
TYR C   OXT  sing N N 360 
TYR CB  CG   sing N N 361 
TYR CB  HB2  sing N N 362 
TYR CB  HB3  sing N N 363 
TYR CG  CD1  doub Y N 364 
TYR CG  CD2  sing Y N 365 
TYR CD1 CE1  sing Y N 366 
TYR CD1 HD1  sing N N 367 
TYR CD2 CE2  doub Y N 368 
TYR CD2 HD2  sing N N 369 
TYR CE1 CZ   doub Y N 370 
TYR CE1 HE1  sing N N 371 
TYR CE2 CZ   sing Y N 372 
TYR CE2 HE2  sing N N 373 
TYR CZ  OH   sing N N 374 
TYR OH  HH   sing N N 375 
TYR OXT HXT  sing N N 376 
VAL N   CA   sing N N 377 
VAL N   H    sing N N 378 
VAL N   H2   sing N N 379 
VAL CA  C    sing N N 380 
VAL CA  CB   sing N N 381 
VAL CA  HA   sing N N 382 
VAL C   O    doub N N 383 
VAL C   OXT  sing N N 384 
VAL CB  CG1  sing N N 385 
VAL CB  CG2  sing N N 386 
VAL CB  HB   sing N N 387 
VAL CG1 HG11 sing N N 388 
VAL CG1 HG12 sing N N 389 
VAL CG1 HG13 sing N N 390 
VAL CG2 HG21 sing N N 391 
VAL CG2 HG22 sing N N 392 
VAL CG2 HG23 sing N N 393 
VAL OXT HXT  sing N N 394 
# 
_atom_sites.entry_id                    1Z9L 
_atom_sites.fract_transf_matrix[1][1]   -0.00998788 
_atom_sites.fract_transf_matrix[1][2]   0.01817740 
_atom_sites.fract_transf_matrix[1][3]   0.00051222 
_atom_sites.fract_transf_matrix[2][1]   0.01154930 
_atom_sites.fract_transf_matrix[2][2]   0.00588952 
_atom_sites.fract_transf_matrix[2][3]   0.01619769 
_atom_sites.fract_transf_matrix[3][1]   0.00602412 
_atom_sites.fract_transf_matrix[3][2]   0.00346661 
_atom_sites.fract_transf_matrix[3][3]   -0.00555580 
_atom_sites.fract_transf_vector[1]      0.224514 
_atom_sites.fract_transf_vector[2]      0.077197 
_atom_sites.fract_transf_vector[3]      0.144627 
# 
loop_
_atom_type.symbol 
C  
N  
O  
S  
SE 
# 
loop_
_atom_site.group_PDB 
_atom_site.id 
_atom_site.type_symbol 
_atom_site.label_atom_id 
_atom_site.label_alt_id 
_atom_site.label_comp_id 
_atom_site.label_asym_id 
_atom_site.label_entity_id 
_atom_site.label_seq_id 
_atom_site.pdbx_PDB_ins_code 
_atom_site.Cartn_x 
_atom_site.Cartn_y 
_atom_site.Cartn_z 
_atom_site.occupancy 
_atom_site.B_iso_or_equiv 
_atom_site.pdbx_formal_charge 
_atom_site.auth_seq_id 
_atom_site.auth_comp_id 
_atom_site.auth_asym_id 
_atom_site.auth_atom_id 
_atom_site.pdbx_PDB_model_num 
ATOM   1    N  N   . HIS A 1 3   ? 16.812  -9.438  -12.621 1.00 36.90 ? 0   HIS A N   1 
ATOM   2    C  CA  . HIS A 1 3   ? 17.894  -9.475  -11.597 1.00 36.31 ? 0   HIS A CA  1 
ATOM   3    C  C   . HIS A 1 3   ? 17.394  -10.006 -10.258 1.00 36.30 ? 0   HIS A C   1 
ATOM   4    O  O   . HIS A 1 3   ? 16.208  -10.279 -10.083 1.00 36.66 ? 0   HIS A O   1 
ATOM   5    C  CB  . HIS A 1 3   ? 18.487  -8.077  -11.401 1.00 36.07 ? 0   HIS A CB  1 
ATOM   6    C  CG  . HIS A 1 3   ? 19.285  -7.590  -12.570 0.00 36.06 ? 0   HIS A CG  1 
ATOM   7    N  ND1 . HIS A 1 3   ? 18.767  -7.508  -13.844 0.00 35.98 ? 0   HIS A ND1 1 
ATOM   8    C  CD2 . HIS A 1 3   ? 20.565  -7.156  -12.656 0.00 35.98 ? 0   HIS A CD2 1 
ATOM   9    C  CE1 . HIS A 1 3   ? 19.693  -7.046  -14.665 0.00 35.93 ? 0   HIS A CE1 1 
ATOM   10   N  NE2 . HIS A 1 3   ? 20.793  -6.824  -13.969 0.00 35.93 ? 0   HIS A NE2 1 
HETATM 11   N  N   . MSE A 1 4   ? 18.318  -10.140 -9.315  1.00 35.35 ? 1   MSE A N   1 
HETATM 12   C  CA  . MSE A 1 4   ? 18.007  -10.641 -7.984  1.00 34.62 ? 1   MSE A CA  1 
HETATM 13   C  C   . MSE A 1 4   ? 17.638  -9.487  -7.054  1.00 31.82 ? 1   MSE A C   1 
HETATM 14   O  O   . MSE A 1 4   ? 18.379  -8.514  -6.946  1.00 32.35 ? 1   MSE A O   1 
HETATM 15   C  CB  . MSE A 1 4   ? 19.225  -11.391 -7.432  1.00 36.79 ? 1   MSE A CB  1 
HETATM 16   C  CG  . MSE A 1 4   ? 19.043  -12.022 -6.062  1.00 39.59 ? 1   MSE A CG  1 
HETATM 17   SE SE  . MSE A 1 4   ? 20.678  -12.894 -5.462  1.00 43.36 ? 1   MSE A SE  1 
HETATM 18   C  CE  . MSE A 1 4   ? 20.351  -14.658 -6.184  1.00 42.32 ? 1   MSE A CE  1 
ATOM   19   N  N   . ALA A 1 5   ? 16.488  -9.589  -6.396  1.00 29.89 ? 2   ALA A N   1 
ATOM   20   C  CA  . ALA A 1 5   ? 16.065  -8.544  -5.466  1.00 26.62 ? 2   ALA A CA  1 
ATOM   21   C  C   . ALA A 1 5   ? 17.031  -8.562  -4.287  1.00 25.37 ? 2   ALA A C   1 
ATOM   22   O  O   . ALA A 1 5   ? 17.439  -9.630  -3.836  1.00 24.10 ? 2   ALA A O   1 
ATOM   23   C  CB  . ALA A 1 5   ? 14.641  -8.804  -4.985  1.00 28.48 ? 2   ALA A CB  1 
ATOM   24   N  N   . LYS A 1 6   ? 17.403  -7.387  -3.795  1.00 22.52 ? 3   LYS A N   1 
ATOM   25   C  CA  . LYS A 1 6   ? 18.329  -7.297  -2.674  1.00 21.48 ? 3   LYS A CA  1 
ATOM   26   C  C   . LYS A 1 6   ? 17.721  -7.703  -1.340  1.00 19.79 ? 3   LYS A C   1 
ATOM   27   O  O   . LYS A 1 6   ? 18.414  -8.258  -0.490  1.00 19.04 ? 3   LYS A O   1 
ATOM   28   C  CB  . LYS A 1 6   ? 18.881  -5.875  -2.547  1.00 23.90 ? 3   LYS A CB  1 
ATOM   29   C  CG  . LYS A 1 6   ? 19.798  -5.453  -3.684  1.00 27.46 ? 3   LYS A CG  1 
ATOM   30   C  CD  . LYS A 1 6   ? 20.346  -4.053  -3.449  1.00 30.59 ? 3   LYS A CD  1 
ATOM   31   C  CE  . LYS A 1 6   ? 21.317  -3.643  -4.548  1.00 33.77 ? 3   LYS A CE  1 
ATOM   32   N  NZ  . LYS A 1 6   ? 21.824  -2.260  -4.340  1.00 36.23 ? 3   LYS A NZ  1 
ATOM   33   N  N   . HIS A 1 7   ? 16.430  -7.435  -1.158  1.00 18.73 ? 4   HIS A N   1 
ATOM   34   C  CA  . HIS A 1 7   ? 15.756  -7.746  0.104   1.00 18.27 ? 4   HIS A CA  1 
ATOM   35   C  C   . HIS A 1 7   ? 14.323  -8.221  -0.070  1.00 16.43 ? 4   HIS A C   1 
ATOM   36   O  O   . HIS A 1 7   ? 13.693  -7.972  -1.093  1.00 16.81 ? 4   HIS A O   1 
ATOM   37   C  CB  . HIS A 1 7   ? 15.664  -6.500  0.997   1.00 21.41 ? 4   HIS A CB  1 
ATOM   38   C  CG  . HIS A 1 7   ? 16.959  -5.785  1.210   1.00 24.15 ? 4   HIS A CG  1 
ATOM   39   N  ND1 . HIS A 1 7   ? 17.971  -6.291  1.995   1.00 27.21 ? 4   HIS A ND1 1 
ATOM   40   C  CD2 . HIS A 1 7   ? 17.385  -4.573  0.782   1.00 25.72 ? 4   HIS A CD2 1 
ATOM   41   C  CE1 . HIS A 1 7   ? 18.964  -5.421  2.044   1.00 27.50 ? 4   HIS A CE1 1 
ATOM   42   N  NE2 . HIS A 1 7   ? 18.634  -4.370  1.316   1.00 26.13 ? 4   HIS A NE2 1 
ATOM   43   N  N   . GLU A 1 8   ? 13.817  -8.901  0.952   1.00 14.48 ? 5   GLU A N   1 
ATOM   44   C  CA  . GLU A 1 8   ? 12.425  -9.324  0.973   1.00 14.99 ? 5   GLU A CA  1 
ATOM   45   C  C   . GLU A 1 8   ? 11.762  -8.132  1.681   1.00 13.38 ? 5   GLU A C   1 
ATOM   46   O  O   . GLU A 1 8   ? 12.460  -7.302  2.256   1.00 14.07 ? 5   GLU A O   1 
ATOM   47   C  CB  . GLU A 1 8   ? 12.254  -10.597 1.807   1.00 18.01 ? 5   GLU A CB  1 
ATOM   48   C  CG  . GLU A 1 8   ? 12.575  -10.424 3.282   1.00 20.25 ? 5   GLU A CG  1 
ATOM   49   C  CD  . GLU A 1 8   ? 12.240  -11.658 4.100   0.00 20.52 ? 5   GLU A CD  1 
ATOM   50   O  OE1 . GLU A 1 8   ? 12.434  -11.625 5.333   0.00 21.05 ? 5   GLU A OE1 1 
ATOM   51   O  OE2 . GLU A 1 8   ? 11.783  -12.660 3.510   0.00 21.05 ? 5   GLU A OE2 1 
ATOM   52   N  N   . GLN A 1 9   ? 10.437  -8.042  1.635   1.00 12.02 ? 6   GLN A N   1 
ATOM   53   C  CA  . GLN A 1 9   ? 9.706   -6.942  2.280   1.00 11.13 ? 6   GLN A CA  1 
ATOM   54   C  C   . GLN A 1 9   ? 10.020  -6.808  3.771   1.00 11.04 ? 6   GLN A C   1 
ATOM   55   O  O   . GLN A 1 9   ? 9.907   -7.776  4.529   1.00 11.45 ? 6   GLN A O   1 
ATOM   56   C  CB  . GLN A 1 9   ? 8.205   -7.160  2.106   1.00 9.51  ? 6   GLN A CB  1 
ATOM   57   C  CG  . GLN A 1 9   ? 7.334   -6.109  2.773   1.00 10.71 ? 6   GLN A CG  1 
ATOM   58   C  CD  . GLN A 1 9   ? 7.539   -4.734  2.178   1.00 11.10 ? 6   GLN A CD  1 
ATOM   59   O  OE1 . GLN A 1 9   ? 8.269   -3.915  2.726   1.00 14.05 ? 6   GLN A OE1 1 
ATOM   60   N  NE2 . GLN A 1 9   ? 6.899   -4.480  1.042   1.00 16.10 ? 6   GLN A NE2 1 
ATOM   61   N  N   . ILE A 1 10  ? 10.388  -5.599  4.191   1.00 10.52 ? 7   ILE A N   1 
ATOM   62   C  CA  . ILE A 1 10  ? 10.734  -5.332  5.583   1.00 13.24 ? 7   ILE A CA  1 
ATOM   63   C  C   . ILE A 1 10  ? 9.529   -4.891  6.416   1.00 11.89 ? 7   ILE A C   1 
ATOM   64   O  O   . ILE A 1 10  ? 9.451   -5.182  7.610   1.00 12.56 ? 7   ILE A O   1 
ATOM   65   C  CB  . ILE A 1 10  ? 11.859  -4.251  5.668   1.00 14.00 ? 7   ILE A CB  1 
ATOM   66   C  CG1 . ILE A 1 10  ? 12.296  -4.044  7.122   1.00 15.92 ? 7   ILE A CG1 1 
ATOM   67   C  CG2 . ILE A 1 10  ? 11.379  -2.938  5.061   1.00 15.02 ? 7   ILE A CG2 1 
ATOM   68   C  CD1 . ILE A 1 10  ? 12.954  -5.259  7.739   1.00 17.28 ? 7   ILE A CD1 1 
ATOM   69   N  N   . LEU A 1 11  ? 8.581   -4.209  5.784   1.00 11.60 ? 8   LEU A N   1 
ATOM   70   C  CA  . LEU A 1 11  ? 7.399   -3.744  6.500   1.00 12.16 ? 8   LEU A CA  1 
ATOM   71   C  C   . LEU A 1 11  ? 6.459   -4.879  6.860   1.00 13.80 ? 8   LEU A C   1 
ATOM   72   O  O   . LEU A 1 11  ? 6.366   -5.872  6.138   1.00 13.65 ? 8   LEU A O   1 
ATOM   73   C  CB  . LEU A 1 11  ? 6.628   -2.721  5.659   1.00 12.98 ? 8   LEU A CB  1 
ATOM   74   C  CG  . LEU A 1 11  ? 7.306   -1.374  5.400   1.00 13.49 ? 8   LEU A CG  1 
ATOM   75   C  CD1 . LEU A 1 11  ? 6.317   -0.438  4.717   1.00 14.40 ? 8   LEU A CD1 1 
ATOM   76   C  CD2 . LEU A 1 11  ? 7.778   -0.774  6.714   1.00 15.41 ? 8   LEU A CD2 1 
ATOM   77   N  N   . VAL A 1 12  ? 5.775   -4.719  7.987   1.00 13.98 ? 9   VAL A N   1 
ATOM   78   C  CA  . VAL A 1 12  ? 4.797   -5.688  8.457   1.00 14.28 ? 9   VAL A CA  1 
ATOM   79   C  C   . VAL A 1 12  ? 3.438   -5.063  8.149   1.00 13.62 ? 9   VAL A C   1 
ATOM   80   O  O   . VAL A 1 12  ? 3.178   -3.919  8.528   1.00 14.72 ? 9   VAL A O   1 
ATOM   81   C  CB  . VAL A 1 12  ? 4.905   -5.916  9.976   1.00 13.83 ? 9   VAL A CB  1 
ATOM   82   C  CG1 . VAL A 1 12  ? 3.859   -6.934  10.414  1.00 16.33 ? 9   VAL A CG1 1 
ATOM   83   C  CG2 . VAL A 1 12  ? 6.308   -6.401  10.336  1.00 17.14 ? 9   VAL A CG2 1 
ATOM   84   N  N   . LEU A 1 13  ? 2.584   -5.809  7.458   1.00 13.34 ? 10  LEU A N   1 
ATOM   85   C  CA  . LEU A 1 13  ? 1.264   -5.323  7.079   1.00 13.65 ? 10  LEU A CA  1 
ATOM   86   C  C   . LEU A 1 13  ? 0.146   -5.981  7.869   1.00 14.46 ? 10  LEU A C   1 
ATOM   87   O  O   . LEU A 1 13  ? 0.189   -7.182  8.139   1.00 15.03 ? 10  LEU A O   1 
ATOM   88   C  CB  . LEU A 1 13  ? 1.013   -5.590  5.594   1.00 14.20 ? 10  LEU A CB  1 
ATOM   89   C  CG  . LEU A 1 13  ? 1.744   -4.779  4.528   1.00 15.15 ? 10  LEU A CG  1 
ATOM   90   C  CD1 . LEU A 1 13  ? 3.243   -4.848  4.737   1.00 17.11 ? 10  LEU A CD1 1 
ATOM   91   C  CD2 . LEU A 1 13  ? 1.363   -5.318  3.152   1.00 17.18 ? 10  LEU A CD2 1 
ATOM   92   N  N   . ASP A 1 14  ? -0.858  -5.185  8.224   1.00 13.45 ? 11  ASP A N   1 
ATOM   93   C  CA  . ASP A 1 14  ? -2.025  -5.680  8.948   1.00 16.05 ? 11  ASP A CA  1 
ATOM   94   C  C   . ASP A 1 14  ? -3.259  -4.990  8.372   1.00 15.77 ? 11  ASP A C   1 
ATOM   95   O  O   . ASP A 1 14  ? -3.467  -3.802  8.598   1.00 15.57 ? 11  ASP A O   1 
ATOM   96   C  CB  . ASP A 1 14  ? -1.921  -5.363  10.444  1.00 18.70 ? 11  ASP A CB  1 
ATOM   97   C  CG  . ASP A 1 14  ? -3.060  -5.969  11.246  1.00 23.51 ? 11  ASP A CG  1 
ATOM   98   O  OD1 . ASP A 1 14  ? -3.161  -5.689  12.462  1.00 23.18 ? 11  ASP A OD1 1 
ATOM   99   O  OD2 . ASP A 1 14  ? -3.856  -6.729  10.656  1.00 24.54 ? 11  ASP A OD2 1 
ATOM   100  N  N   . PRO A 1 15  ? -4.100  -5.730  7.629   1.00 15.08 ? 12  PRO A N   1 
ATOM   101  C  CA  . PRO A 1 15  ? -3.989  -7.155  7.297   1.00 15.49 ? 12  PRO A CA  1 
ATOM   102  C  C   . PRO A 1 15  ? -2.828  -7.479  6.365   1.00 14.52 ? 12  PRO A C   1 
ATOM   103  O  O   . PRO A 1 15  ? -2.439  -6.669  5.529   1.00 15.82 ? 12  PRO A O   1 
ATOM   104  C  CB  . PRO A 1 15  ? -5.346  -7.467  6.673   1.00 16.13 ? 12  PRO A CB  1 
ATOM   105  C  CG  . PRO A 1 15  ? -5.681  -6.186  5.985   1.00 16.52 ? 12  PRO A CG  1 
ATOM   106  C  CD  . PRO A 1 15  ? -5.317  -5.153  7.028   1.00 17.49 ? 12  PRO A CD  1 
ATOM   107  N  N   . PRO A 1 16  ? -2.272  -8.693  6.488   1.00 15.17 ? 13  PRO A N   1 
ATOM   108  C  CA  . PRO A 1 16  ? -1.145  -9.134  5.668   1.00 15.37 ? 13  PRO A CA  1 
ATOM   109  C  C   . PRO A 1 16  ? -1.421  -9.551  4.230   1.00 15.99 ? 13  PRO A C   1 
ATOM   110  O  O   . PRO A 1 16  ? -0.538  -9.441  3.382   1.00 18.45 ? 13  PRO A O   1 
ATOM   111  C  CB  . PRO A 1 16  ? -0.573  -10.290 6.482   1.00 15.37 ? 13  PRO A CB  1 
ATOM   112  C  CG  . PRO A 1 16  ? -1.798  -10.911 7.041   1.00 15.07 ? 13  PRO A CG  1 
ATOM   113  C  CD  . PRO A 1 16  ? -2.597  -9.704  7.511   1.00 16.48 ? 13  PRO A CD  1 
ATOM   114  N  N   . SER A 1 17  ? -2.632  -10.021 3.943   1.00 15.43 ? 14  SER A N   1 
ATOM   115  C  CA  . SER A 1 17  ? -2.918  -10.502 2.599   1.00 16.76 ? 14  SER A CA  1 
ATOM   116  C  C   . SER A 1 17  ? -4.209  -10.055 1.934   1.00 15.76 ? 14  SER A C   1 
ATOM   117  O  O   . SER A 1 17  ? -4.241  -9.860  0.720   1.00 17.20 ? 14  SER A O   1 
ATOM   118  C  CB  . SER A 1 17  ? -2.880  -12.030 2.602   1.00 17.93 ? 14  SER A CB  1 
ATOM   119  O  OG  . SER A 1 17  ? -1.720  -12.499 3.270   1.00 24.84 ? 14  SER A OG  1 
ATOM   120  N  N   . ASP A 1 18  ? -5.276  -9.901  2.711   1.00 16.07 ? 15  ASP A N   1 
ATOM   121  C  CA  . ASP A 1 18  ? -6.550  -9.513  2.124   1.00 16.20 ? 15  ASP A CA  1 
ATOM   122  C  C   . ASP A 1 18  ? -7.197  -8.280  2.737   1.00 14.34 ? 15  ASP A C   1 
ATOM   123  O  O   . ASP A 1 18  ? -7.231  -8.125  3.955   1.00 16.15 ? 15  ASP A O   1 
ATOM   124  C  CB  . ASP A 1 18  ? -7.543  -10.677 2.214   1.00 20.21 ? 15  ASP A CB  1 
ATOM   125  C  CG  . ASP A 1 18  ? -7.023  -11.945 1.559   1.00 26.10 ? 15  ASP A CG  1 
ATOM   126  O  OD1 . ASP A 1 18  ? -6.656  -11.903 0.368   1.00 29.07 ? 15  ASP A OD1 1 
ATOM   127  O  OD2 . ASP A 1 18  ? -6.989  -12.990 2.242   1.00 32.42 ? 15  ASP A OD2 1 
ATOM   128  N  N   . LEU A 1 19  ? -7.696  -7.401  1.876   1.00 13.05 ? 16  LEU A N   1 
ATOM   129  C  CA  . LEU A 1 19  ? -8.399  -6.202  2.320   1.00 12.48 ? 16  LEU A CA  1 
ATOM   130  C  C   . LEU A 1 19  ? -9.879  -6.480  2.074   1.00 12.33 ? 16  LEU A C   1 
ATOM   131  O  O   . LEU A 1 19  ? -10.307 -6.587  0.924   1.00 15.59 ? 16  LEU A O   1 
ATOM   132  C  CB  . LEU A 1 19  ? -7.975  -4.977  1.503   1.00 14.13 ? 16  LEU A CB  1 
ATOM   133  C  CG  . LEU A 1 19  ? -6.571  -4.410  1.706   1.00 16.49 ? 16  LEU A CG  1 
ATOM   134  C  CD1 . LEU A 1 19  ? -6.366  -3.257  0.727   1.00 19.52 ? 16  LEU A CD1 1 
ATOM   135  C  CD2 . LEU A 1 19  ? -6.391  -3.932  3.137   1.00 17.28 ? 16  LEU A CD2 1 
ATOM   136  N  N   . LYS A 1 20  ? -10.660 -6.581  3.145   1.00 12.10 ? 17  LYS A N   1 
ATOM   137  C  CA  . LYS A 1 20  ? -12.083 -6.871  3.012   1.00 12.64 ? 17  LYS A CA  1 
ATOM   138  C  C   . LYS A 1 20  ? -12.966 -5.634  3.123   1.00 11.74 ? 17  LYS A C   1 
ATOM   139  O  O   . LYS A 1 20  ? -12.810 -4.829  4.041   1.00 14.35 ? 17  LYS A O   1 
ATOM   140  C  CB  . LYS A 1 20  ? -12.517 -7.878  4.082   1.00 16.80 ? 17  LYS A CB  1 
ATOM   141  C  CG  . LYS A 1 20  ? -11.702 -9.163  4.133   1.00 23.38 ? 17  LYS A CG  1 
ATOM   142  C  CD  . LYS A 1 20  ? -11.922 -10.038 2.911   1.00 29.95 ? 17  LYS A CD  1 
ATOM   143  C  CE  . LYS A 1 20  ? -11.202 -11.369 3.063   1.00 32.74 ? 17  LYS A CE  1 
ATOM   144  N  NZ  . LYS A 1 20  ? -11.410 -12.271 1.896   1.00 37.21 ? 17  LYS A NZ  1 
ATOM   145  N  N   . PHE A 1 21  ? -13.888 -5.497  2.178   1.00 11.71 ? 18  PHE A N   1 
ATOM   146  C  CA  . PHE A 1 21  ? -14.834 -4.387  2.171   1.00 12.38 ? 18  PHE A CA  1 
ATOM   147  C  C   . PHE A 1 21  ? -16.229 -4.981  2.300   1.00 11.14 ? 18  PHE A C   1 
ATOM   148  O  O   . PHE A 1 21  ? -16.653 -5.764  1.452   1.00 13.68 ? 18  PHE A O   1 
ATOM   149  C  CB  . PHE A 1 21  ? -14.731 -3.585  0.873   1.00 11.88 ? 18  PHE A CB  1 
ATOM   150  C  CG  . PHE A 1 21  ? -13.371 -2.998  0.630   1.00 11.67 ? 18  PHE A CG  1 
ATOM   151  C  CD1 . PHE A 1 21  ? -12.359 -3.771  0.076   1.00 11.83 ? 18  PHE A CD1 1 
ATOM   152  C  CD2 . PHE A 1 21  ? -13.096 -1.676  0.973   1.00 13.46 ? 18  PHE A CD2 1 
ATOM   153  C  CE1 . PHE A 1 21  ? -11.089 -3.239  -0.134  1.00 11.84 ? 18  PHE A CE1 1 
ATOM   154  C  CE2 . PHE A 1 21  ? -11.825 -1.135  0.766   1.00 11.11 ? 18  PHE A CE2 1 
ATOM   155  C  CZ  . PHE A 1 21  ? -10.825 -1.919  0.212   1.00 12.83 ? 18  PHE A CZ  1 
ATOM   156  N  N   . LYS A 1 22  ? -16.927 -4.613  3.371   1.00 13.53 ? 19  LYS A N   1 
ATOM   157  C  CA  . LYS A 1 22  ? -18.274 -5.106  3.634   1.00 15.82 ? 19  LYS A CA  1 
ATOM   158  C  C   . LYS A 1 22  ? -19.344 -4.159  3.107   1.00 15.29 ? 19  LYS A C   1 
ATOM   159  O  O   . LYS A 1 22  ? -19.301 -2.956  3.370   1.00 17.04 ? 19  LYS A O   1 
ATOM   160  C  CB  . LYS A 1 22  ? -18.466 -5.296  5.142   1.00 19.16 ? 19  LYS A CB  1 
ATOM   161  C  CG  . LYS A 1 22  ? -19.870 -5.712  5.557   1.00 20.51 ? 19  LYS A CG  1 
ATOM   162  C  CD  . LYS A 1 22  ? -20.196 -7.125  5.110   1.00 22.25 ? 19  LYS A CD  1 
ATOM   163  C  CE  . LYS A 1 22  ? -21.509 -7.597  5.719   1.00 23.04 ? 19  LYS A CE  1 
ATOM   164  N  NZ  . LYS A 1 22  ? -21.740 -9.054  5.475   1.00 26.02 ? 19  LYS A NZ  1 
ATOM   165  N  N   . GLY A 1 23  ? -20.309 -4.712  2.376   1.00 13.99 ? 20  GLY A N   1 
ATOM   166  C  CA  . GLY A 1 23  ? -21.383 -3.908  1.822   1.00 15.16 ? 20  GLY A CA  1 
ATOM   167  C  C   . GLY A 1 23  ? -22.422 -3.507  2.853   1.00 16.27 ? 20  GLY A C   1 
ATOM   168  O  O   . GLY A 1 23  ? -22.328 -3.906  4.017   1.00 16.55 ? 20  GLY A O   1 
ATOM   169  N  N   . PRO A 1 24  ? -23.450 -2.742  2.450   1.00 16.71 ? 21  PRO A N   1 
ATOM   170  C  CA  . PRO A 1 24  ? -23.704 -2.237  1.096   1.00 16.50 ? 21  PRO A CA  1 
ATOM   171  C  C   . PRO A 1 24  ? -22.687 -1.222  0.590   1.00 15.82 ? 21  PRO A C   1 
ATOM   172  O  O   . PRO A 1 24  ? -22.014 -0.551  1.372   1.00 16.26 ? 21  PRO A O   1 
ATOM   173  C  CB  . PRO A 1 24  ? -25.104 -1.646  1.212   1.00 17.30 ? 21  PRO A CB  1 
ATOM   174  C  CG  . PRO A 1 24  ? -25.116 -1.129  2.600   1.00 17.29 ? 21  PRO A CG  1 
ATOM   175  C  CD  . PRO A 1 24  ? -24.480 -2.253  3.383   1.00 18.24 ? 21  PRO A CD  1 
ATOM   176  N  N   . PHE A 1 25  ? -22.603 -1.104  -0.730  1.00 15.31 ? 22  PHE A N   1 
ATOM   177  C  CA  . PHE A 1 25  ? -21.660 -0.191  -1.361  1.00 16.64 ? 22  PHE A CA  1 
ATOM   178  C  C   . PHE A 1 25  ? -22.350 1.024   -1.966  1.00 16.46 ? 22  PHE A C   1 
ATOM   179  O  O   . PHE A 1 25  ? -21.932 1.547   -2.998  1.00 16.27 ? 22  PHE A O   1 
ATOM   180  C  CB  . PHE A 1 25  ? -20.871 -0.970  -2.414  1.00 14.93 ? 22  PHE A CB  1 
ATOM   181  C  CG  . PHE A 1 25  ? -20.179 -2.176  -1.850  1.00 15.93 ? 22  PHE A CG  1 
ATOM   182  C  CD1 . PHE A 1 25  ? -19.025 -2.032  -1.086  1.00 16.01 ? 22  PHE A CD1 1 
ATOM   183  C  CD2 . PHE A 1 25  ? -20.724 -3.444  -2.012  1.00 16.53 ? 22  PHE A CD2 1 
ATOM   184  C  CE1 . PHE A 1 25  ? -18.426 -3.142  -0.488  1.00 15.88 ? 22  PHE A CE1 1 
ATOM   185  C  CE2 . PHE A 1 25  ? -20.133 -4.555  -1.416  1.00 17.18 ? 22  PHE A CE2 1 
ATOM   186  C  CZ  . PHE A 1 25  ? -18.982 -4.401  -0.653  1.00 16.97 ? 22  PHE A CZ  1 
ATOM   187  N  N   . THR A 1 26  ? -23.411 1.473   -1.304  1.00 18.22 ? 23  THR A N   1 
ATOM   188  C  CA  . THR A 1 26  ? -24.170 2.629   -1.761  1.00 20.18 ? 23  THR A CA  1 
ATOM   189  C  C   . THR A 1 26  ? -23.420 3.905   -1.399  1.00 18.91 ? 23  THR A C   1 
ATOM   190  O  O   . THR A 1 26  ? -23.645 4.964   -1.982  1.00 22.88 ? 23  THR A O   1 
ATOM   191  C  CB  . THR A 1 26  ? -25.580 2.630   -1.141  1.00 23.07 ? 23  THR A CB  1 
ATOM   192  O  OG1 . THR A 1 26  ? -25.486 2.513   0.284   1.00 25.23 ? 23  THR A OG1 1 
ATOM   193  C  CG2 . THR A 1 26  ? -26.381 1.456   -1.672  1.00 25.64 ? 23  THR A CG2 1 
ATOM   194  N  N   . ASP A 1 27  ? -22.526 3.796   -0.424  1.00 17.14 ? 24  ASP A N   1 
ATOM   195  C  CA  . ASP A 1 27  ? -21.702 4.921   -0.014  1.00 16.45 ? 24  ASP A CA  1 
ATOM   196  C  C   . ASP A 1 27  ? -20.274 4.403   0.069   1.00 14.90 ? 24  ASP A C   1 
ATOM   197  O  O   . ASP A 1 27  ? -20.034 3.209   -0.122  1.00 13.16 ? 24  ASP A O   1 
ATOM   198  C  CB  . ASP A 1 27  ? -22.137 5.465   1.346   1.00 20.11 ? 24  ASP A CB  1 
ATOM   199  C  CG  . ASP A 1 27  ? -21.228 6.577   1.844   1.00 23.92 ? 24  ASP A CG  1 
ATOM   200  O  OD1 . ASP A 1 27  ? -20.850 7.457   1.033   1.00 23.97 ? 24  ASP A OD1 1 
ATOM   201  O  OD2 . ASP A 1 27  ? -20.891 6.575   3.046   0.00 23.06 ? 24  ASP A OD2 1 
ATOM   202  N  N   . VAL A 1 28  ? -19.334 5.303   0.332   1.00 14.11 ? 25  VAL A N   1 
ATOM   203  C  CA  . VAL A 1 28  ? -17.926 4.933   0.449   1.00 12.07 ? 25  VAL A CA  1 
ATOM   204  C  C   . VAL A 1 28  ? -17.710 3.947   1.596   1.00 14.00 ? 25  VAL A C   1 
ATOM   205  O  O   . VAL A 1 28  ? -18.201 4.155   2.706   1.00 13.50 ? 25  VAL A O   1 
ATOM   206  C  CB  . VAL A 1 28  ? -17.045 6.183   0.693   1.00 11.43 ? 25  VAL A CB  1 
ATOM   207  C  CG1 . VAL A 1 28  ? -15.617 5.763   1.040   1.00 12.58 ? 25  VAL A CG1 1 
ATOM   208  C  CG2 . VAL A 1 28  ? -17.054 7.065   -0.548  1.00 13.71 ? 25  VAL A CG2 1 
ATOM   209  N  N   . VAL A 1 29  ? -16.984 2.867   1.318   1.00 10.98 ? 26  VAL A N   1 
ATOM   210  C  CA  . VAL A 1 29  ? -16.675 1.861   2.333   1.00 12.79 ? 26  VAL A CA  1 
ATOM   211  C  C   . VAL A 1 29  ? -15.165 1.900   2.542   1.00 11.26 ? 26  VAL A C   1 
ATOM   212  O  O   . VAL A 1 29  ? -14.405 1.764   1.588   1.00 12.10 ? 26  VAL A O   1 
ATOM   213  C  CB  . VAL A 1 29  ? -17.081 0.444   1.876   1.00 12.96 ? 26  VAL A CB  1 
ATOM   214  C  CG1 . VAL A 1 29  ? -16.609 -0.582  2.900   1.00 13.05 ? 26  VAL A CG1 1 
ATOM   215  C  CG2 . VAL A 1 29  ? -18.586 0.357   1.713   1.00 16.17 ? 26  VAL A CG2 1 
ATOM   216  N  N   . THR A 1 30  ? -14.731 2.095   3.786   1.00 11.99 ? 27  THR A N   1 
ATOM   217  C  CA  . THR A 1 30  ? -13.306 2.184   4.078   1.00 12.41 ? 27  THR A CA  1 
ATOM   218  C  C   . THR A 1 30  ? -12.769 1.037   4.927   1.00 14.03 ? 27  THR A C   1 
ATOM   219  O  O   . THR A 1 30  ? -13.445 0.534   5.823   1.00 14.68 ? 27  THR A O   1 
ATOM   220  C  CB  . THR A 1 30  ? -12.961 3.501   4.825   1.00 13.85 ? 27  THR A CB  1 
ATOM   221  O  OG1 . THR A 1 30  ? -13.491 4.623   4.107   1.00 15.59 ? 27  THR A OG1 1 
ATOM   222  C  CG2 . THR A 1 30  ? -11.453 3.670   4.947   1.00 15.74 ? 27  THR A CG2 1 
ATOM   223  N  N   . THR A 1 31  ? -11.545 0.624   4.631   1.00 12.62 ? 28  THR A N   1 
ATOM   224  C  CA  . THR A 1 31  ? -10.898 -0.423  5.406   1.00 14.90 ? 28  THR A CA  1 
ATOM   225  C  C   . THR A 1 31  ? -9.473  0.075   5.629   1.00 15.88 ? 28  THR A C   1 
ATOM   226  O  O   . THR A 1 31  ? -8.907  0.745   4.767   1.00 18.49 ? 28  THR A O   1 
ATOM   227  C  CB  . THR A 1 31  ? -10.904 -1.782  4.671   1.00 17.98 ? 28  THR A CB  1 
ATOM   228  O  OG1 . THR A 1 31  ? -10.545 -2.816  5.599   1.00 24.02 ? 28  THR A OG1 1 
ATOM   229  C  CG2 . THR A 1 31  ? -9.931  -1.783  3.517   1.00 21.36 ? 28  THR A CG2 1 
ATOM   230  N  N   . ASN A 1 32  ? -8.900  -0.224  6.786   1.00 14.21 ? 29  ASN A N   1 
ATOM   231  C  CA  . ASN A 1 32  ? -7.557  0.257   7.074   1.00 15.34 ? 29  ASN A CA  1 
ATOM   232  C  C   . ASN A 1 32  ? -6.482  -0.775  6.816   1.00 15.27 ? 29  ASN A C   1 
ATOM   233  O  O   . ASN A 1 32  ? -6.729  -1.979  6.856   1.00 16.00 ? 29  ASN A O   1 
ATOM   234  C  CB  . ASN A 1 32  ? -7.448  0.715   8.530   1.00 19.12 ? 29  ASN A CB  1 
ATOM   235  C  CG  . ASN A 1 32  ? -8.443  1.797   8.873   1.00 22.33 ? 29  ASN A CG  1 
ATOM   236  O  OD1 . ASN A 1 32  ? -8.693  2.698   8.073   1.00 25.05 ? 29  ASN A OD1 1 
ATOM   237  N  ND2 . ASN A 1 32  ? -9.012  1.722   10.071  1.00 25.82 ? 29  ASN A ND2 1 
ATOM   238  N  N   . LEU A 1 33  ? -5.285  -0.272  6.552   1.00 14.50 ? 30  LEU A N   1 
ATOM   239  C  CA  . LEU A 1 33  ? -4.110  -1.099  6.323   1.00 14.73 ? 30  LEU A CA  1 
ATOM   240  C  C   . LEU A 1 33  ? -3.003  -0.476  7.164   1.00 15.08 ? 30  LEU A C   1 
ATOM   241  O  O   . LEU A 1 33  ? -2.592  0.657   6.906   1.00 14.89 ? 30  LEU A O   1 
ATOM   242  C  CB  . LEU A 1 33  ? -3.708  -1.073  4.848   1.00 14.92 ? 30  LEU A CB  1 
ATOM   243  C  CG  . LEU A 1 33  ? -2.352  -1.715  4.532   1.00 15.05 ? 30  LEU A CG  1 
ATOM   244  C  CD1 . LEU A 1 33  ? -2.332  -3.156  5.031   1.00 15.46 ? 30  LEU A CD1 1 
ATOM   245  C  CD2 . LEU A 1 33  ? -2.100  -1.669  3.035   1.00 17.40 ? 30  LEU A CD2 1 
ATOM   246  N  N   . LYS A 1 34  ? -2.530  -1.203  8.168   1.00 13.46 ? 31  LYS A N   1 
ATOM   247  C  CA  . LYS A 1 34  ? -1.463  -0.688  9.017   1.00 14.49 ? 31  LYS A CA  1 
ATOM   248  C  C   . LYS A 1 34  ? -0.104  -1.183  8.536   1.00 13.19 ? 31  LYS A C   1 
ATOM   249  O  O   . LYS A 1 34  ? 0.069   -2.365  8.236   1.00 13.57 ? 31  LYS A O   1 
ATOM   250  C  CB  . LYS A 1 34  ? -1.698  -1.101  10.469  1.00 16.33 ? 31  LYS A CB  1 
ATOM   251  C  CG  . LYS A 1 34  ? -2.911  -0.423  11.092  1.00 22.73 ? 31  LYS A CG  1 
ATOM   252  C  CD  . LYS A 1 34  ? -3.189  -0.945  12.490  1.00 26.90 ? 31  LYS A CD  1 
ATOM   253  C  CE  . LYS A 1 34  ? -4.338  -0.188  13.141  1.00 30.14 ? 31  LYS A CE  1 
ATOM   254  N  NZ  . LYS A 1 34  ? -5.596  -0.294  12.350  1.00 33.55 ? 31  LYS A NZ  1 
ATOM   255  N  N   . LEU A 1 35  ? 0.851   -0.261  8.447   1.00 13.76 ? 32  LEU A N   1 
ATOM   256  C  CA  . LEU A 1 35  ? 2.204   -0.590  8.008   1.00 12.94 ? 32  LEU A CA  1 
ATOM   257  C  C   . LEU A 1 35  ? 3.159   -0.313  9.157   1.00 13.51 ? 32  LEU A C   1 
ATOM   258  O  O   . LEU A 1 35  ? 3.228   0.810   9.653   1.00 16.84 ? 32  LEU A O   1 
ATOM   259  C  CB  . LEU A 1 35  ? 2.599   0.264   6.806   1.00 10.55 ? 32  LEU A CB  1 
ATOM   260  C  CG  . LEU A 1 35  ? 1.674   0.215   5.588   1.00 12.57 ? 32  LEU A CG  1 
ATOM   261  C  CD1 . LEU A 1 35  ? 2.199   1.149   4.515   1.00 13.51 ? 32  LEU A CD1 1 
ATOM   262  C  CD2 . LEU A 1 35  ? 1.582   -1.219  5.072   1.00 12.18 ? 32  LEU A CD2 1 
ATOM   263  N  N   . GLN A 1 36  ? 3.898   -1.335  9.571   1.00 14.13 ? 33  GLN A N   1 
ATOM   264  C  CA  . GLN A 1 36  ? 4.837   -1.201  10.677  1.00 15.69 ? 33  GLN A CA  1 
ATOM   265  C  C   . GLN A 1 36  ? 6.262   -1.461  10.201  1.00 14.72 ? 33  GLN A C   1 
ATOM   266  O  O   . GLN A 1 36  ? 6.501   -2.378  9.418   1.00 15.61 ? 33  GLN A O   1 
ATOM   267  C  CB  . GLN A 1 36  ? 4.452   -2.192  11.778  1.00 17.63 ? 33  GLN A CB  1 
ATOM   268  C  CG  . GLN A 1 36  ? 5.034   -1.916  13.163  1.00 18.60 ? 33  GLN A CG  1 
ATOM   269  C  CD  . GLN A 1 36  ? 6.482   -2.349  13.313  1.00 22.56 ? 33  GLN A CD  1 
ATOM   270  O  OE1 . GLN A 1 36  ? 6.873   -3.433  12.867  1.00 22.42 ? 33  GLN A OE1 1 
ATOM   271  N  NE2 . GLN A 1 36  ? 7.282   -1.516  13.968  1.00 21.62 ? 33  GLN A NE2 1 
ATOM   272  N  N   . ASN A 1 37  ? 7.203   -0.646  10.677  1.00 15.39 ? 34  ASN A N   1 
ATOM   273  C  CA  . ASN A 1 37  ? 8.612   -0.782  10.307  1.00 15.81 ? 34  ASN A CA  1 
ATOM   274  C  C   . ASN A 1 37  ? 9.424   -1.284  11.500  1.00 17.74 ? 34  ASN A C   1 
ATOM   275  O  O   . ASN A 1 37  ? 9.751   -0.516  12.402  1.00 19.58 ? 34  ASN A O   1 
ATOM   276  C  CB  . ASN A 1 37  ? 9.152   0.572   9.833   1.00 14.97 ? 34  ASN A CB  1 
ATOM   277  C  CG  . ASN A 1 37  ? 10.636  0.533   9.498   1.00 15.97 ? 34  ASN A CG  1 
ATOM   278  O  OD1 . ASN A 1 37  ? 11.241  -0.534  9.399   1.00 15.30 ? 34  ASN A OD1 1 
ATOM   279  N  ND2 . ASN A 1 37  ? 11.224  1.710   9.305   1.00 16.25 ? 34  ASN A ND2 1 
ATOM   280  N  N   . PRO A 1 38  ? 9.762   -2.585  11.513  1.00 16.96 ? 35  PRO A N   1 
ATOM   281  C  CA  . PRO A 1 38  ? 10.533  -3.188  12.606  1.00 19.33 ? 35  PRO A CA  1 
ATOM   282  C  C   . PRO A 1 38  ? 12.046  -3.028  12.496  1.00 20.31 ? 35  PRO A C   1 
ATOM   283  O  O   . PRO A 1 38  ? 12.779  -3.441  13.395  1.00 23.65 ? 35  PRO A O   1 
ATOM   284  C  CB  . PRO A 1 38  ? 10.122  -4.648  12.534  1.00 18.36 ? 35  PRO A CB  1 
ATOM   285  C  CG  . PRO A 1 38  ? 10.059  -4.867  11.059  1.00 18.43 ? 35  PRO A CG  1 
ATOM   286  C  CD  . PRO A 1 38  ? 9.314   -3.624  10.566  1.00 16.03 ? 35  PRO A CD  1 
ATOM   287  N  N   . SER A 1 39  ? 12.517  -2.436  11.407  1.00 20.25 ? 36  SER A N   1 
ATOM   288  C  CA  . SER A 1 39  ? 13.954  -2.270  11.223  1.00 21.09 ? 36  SER A CA  1 
ATOM   289  C  C   . SER A 1 39  ? 14.485  -1.029  11.923  1.00 21.96 ? 36  SER A C   1 
ATOM   290  O  O   . SER A 1 39  ? 13.728  -0.261  12.515  1.00 22.13 ? 36  SER A O   1 
ATOM   291  C  CB  . SER A 1 39  ? 14.295  -2.184  9.736   1.00 20.74 ? 36  SER A CB  1 
ATOM   292  O  OG  . SER A 1 39  ? 13.978  -0.901  9.224   1.00 18.43 ? 36  SER A OG  1 
ATOM   293  N  N   . ASP A 1 40  ? 15.799  -0.841  11.851  1.00 23.36 ? 37  ASP A N   1 
ATOM   294  C  CA  . ASP A 1 40  ? 16.425  0.323   12.457  1.00 24.41 ? 37  ASP A CA  1 
ATOM   295  C  C   . ASP A 1 40  ? 16.759  1.351   11.381  1.00 24.43 ? 37  ASP A C   1 
ATOM   296  O  O   . ASP A 1 40  ? 17.528  2.282   11.619  1.00 24.86 ? 37  ASP A O   1 
ATOM   297  C  CB  . ASP A 1 40  ? 17.696  -0.082  13.211  1.00 26.51 ? 37  ASP A CB  1 
ATOM   298  C  CG  . ASP A 1 40  ? 17.402  -0.919  14.439  0.00 26.80 ? 37  ASP A CG  1 
ATOM   299  O  OD1 . ASP A 1 40  ? 16.676  -0.433  15.331  0.00 27.42 ? 37  ASP A OD1 1 
ATOM   300  O  OD2 . ASP A 1 40  ? 17.899  -2.062  14.513  0.00 27.42 ? 37  ASP A OD2 1 
ATOM   301  N  N   . ARG A 1 41  ? 16.172  1.175   10.198  1.00 23.45 ? 38  ARG A N   1 
ATOM   302  C  CA  . ARG A 1 41  ? 16.391  2.081   9.070   1.00 22.45 ? 38  ARG A CA  1 
ATOM   303  C  C   . ARG A 1 41  ? 15.074  2.723   8.636   1.00 20.58 ? 38  ARG A C   1 
ATOM   304  O  O   . ARG A 1 41  ? 14.004  2.162   8.854   1.00 19.79 ? 38  ARG A O   1 
ATOM   305  C  CB  . ARG A 1 41  ? 16.965  1.323   7.869   1.00 24.57 ? 38  ARG A CB  1 
ATOM   306  C  CG  . ARG A 1 41  ? 18.309  0.650   8.093   1.00 27.64 ? 38  ARG A CG  1 
ATOM   307  C  CD  . ARG A 1 41  ? 18.809  0.043   6.793   1.00 28.77 ? 38  ARG A CD  1 
ATOM   308  N  NE  . ARG A 1 41  ? 18.969  1.058   5.754   1.00 30.06 ? 38  ARG A NE  1 
ATOM   309  C  CZ  . ARG A 1 41  ? 19.333  0.802   4.501   1.00 30.83 ? 38  ARG A CZ  1 
ATOM   310  N  NH1 . ARG A 1 41  ? 19.580  -0.445  4.117   1.00 29.94 ? 38  ARG A NH1 1 
ATOM   311  N  NH2 . ARG A 1 41  ? 19.449  1.795   3.628   1.00 31.21 ? 38  ARG A NH2 1 
ATOM   312  N  N   . LYS A 1 42  ? 15.154  3.899   8.021   1.00 18.65 ? 39  LYS A N   1 
ATOM   313  C  CA  . LYS A 1 42  ? 13.952  4.568   7.537   1.00 16.79 ? 39  LYS A CA  1 
ATOM   314  C  C   . LYS A 1 42  ? 13.512  3.856   6.268   1.00 15.13 ? 39  LYS A C   1 
ATOM   315  O  O   . LYS A 1 42  ? 14.346  3.473   5.446   1.00 17.32 ? 39  LYS A O   1 
ATOM   316  C  CB  . LYS A 1 42  ? 14.230  6.037   7.228   1.00 19.36 ? 39  LYS A CB  1 
ATOM   317  C  CG  . LYS A 1 42  ? 14.310  6.923   8.455   1.00 23.03 ? 39  LYS A CG  1 
ATOM   318  C  CD  . LYS A 1 42  ? 14.538  8.376   8.070   1.00 26.22 ? 39  LYS A CD  1 
ATOM   319  C  CE  . LYS A 1 42  ? 14.465  9.274   9.293   1.00 29.38 ? 39  LYS A CE  1 
ATOM   320  N  NZ  . LYS A 1 42  ? 15.330  8.767   10.391  1.00 30.85 ? 39  LYS A NZ  1 
ATOM   321  N  N   . VAL A 1 43  ? 12.206  3.684   6.112   1.00 12.92 ? 40  VAL A N   1 
ATOM   322  C  CA  . VAL A 1 43  ? 11.661  3.004   4.945   1.00 12.87 ? 40  VAL A CA  1 
ATOM   323  C  C   . VAL A 1 43  ? 10.603  3.846   4.256   1.00 13.16 ? 40  VAL A C   1 
ATOM   324  O  O   . VAL A 1 43  ? 9.654   4.295   4.896   1.00 14.83 ? 40  VAL A O   1 
ATOM   325  C  CB  . VAL A 1 43  ? 11.022  1.651   5.348   1.00 13.41 ? 40  VAL A CB  1 
ATOM   326  C  CG1 . VAL A 1 43  ? 10.330  1.021   4.143   1.00 12.13 ? 40  VAL A CG1 1 
ATOM   327  C  CG2 . VAL A 1 43  ? 12.090  0.718   5.896   1.00 14.10 ? 40  VAL A CG2 1 
ATOM   328  N  N   . CYS A 1 44  ? 10.768  4.057   2.953   1.00 13.26 ? 41  CYS A N   1 
ATOM   329  C  CA  . CYS A 1 44  ? 9.804   4.830   2.172   1.00 13.62 ? 41  CYS A CA  1 
ATOM   330  C  C   . CYS A 1 44  ? 8.801   3.880   1.523   1.00 12.92 ? 41  CYS A C   1 
ATOM   331  O  O   . CYS A 1 44  ? 9.152   2.756   1.154   1.00 13.14 ? 41  CYS A O   1 
ATOM   332  C  CB  . CYS A 1 44  ? 10.516  5.626   1.081   1.00 14.68 ? 41  CYS A CB  1 
ATOM   333  S  SG  . CYS A 1 44  ? 11.660  6.879   1.703   1.00 19.97 ? 41  CYS A SG  1 
ATOM   334  N  N   . PHE A 1 45  ? 7.556   4.329   1.374   1.00 10.50 ? 42  PHE A N   1 
ATOM   335  C  CA  . PHE A 1 45  ? 6.525   3.482   0.769   1.00 10.08 ? 42  PHE A CA  1 
ATOM   336  C  C   . PHE A 1 45  ? 5.613   4.230   -0.194  1.00 9.89  ? 42  PHE A C   1 
ATOM   337  O  O   . PHE A 1 45  ? 5.488   5.451   -0.141  1.00 11.67 ? 42  PHE A O   1 
ATOM   338  C  CB  . PHE A 1 45  ? 5.662   2.832   1.864   1.00 10.01 ? 42  PHE A CB  1 
ATOM   339  C  CG  . PHE A 1 45  ? 4.744   3.798   2.579   1.00 9.27  ? 42  PHE A CG  1 
ATOM   340  C  CD1 . PHE A 1 45  ? 3.495   4.116   2.055   1.00 12.29 ? 42  PHE A CD1 1 
ATOM   341  C  CD2 . PHE A 1 45  ? 5.147   4.410   3.765   1.00 10.90 ? 42  PHE A CD2 1 
ATOM   342  C  CE1 . PHE A 1 45  ? 2.657   5.036   2.698   1.00 13.52 ? 42  PHE A CE1 1 
ATOM   343  C  CE2 . PHE A 1 45  ? 4.319   5.329   4.413   1.00 13.69 ? 42  PHE A CE2 1 
ATOM   344  C  CZ  . PHE A 1 45  ? 3.074   5.640   3.877   1.00 13.48 ? 42  PHE A CZ  1 
ATOM   345  N  N   . LYS A 1 46  ? 4.999   3.473   -1.092  1.00 9.84  ? 43  LYS A N   1 
ATOM   346  C  CA  . LYS A 1 46  ? 4.042   3.999   -2.049  1.00 12.17 ? 43  LYS A CA  1 
ATOM   347  C  C   . LYS A 1 46  ? 2.970   2.932   -2.163  1.00 13.82 ? 43  LYS A C   1 
ATOM   348  O  O   . LYS A 1 46  ? 3.280   1.744   -2.213  1.00 12.09 ? 43  LYS A O   1 
ATOM   349  C  CB  . LYS A 1 46  ? 4.690   4.250   -3.414  1.00 14.49 ? 43  LYS A CB  1 
ATOM   350  C  CG  . LYS A 1 46  ? 5.562   5.508   -3.449  1.00 16.15 ? 43  LYS A CG  1 
ATOM   351  C  CD  . LYS A 1 46  ? 6.125   5.778   -4.837  1.00 21.53 ? 43  LYS A CD  1 
ATOM   352  C  CE  . LYS A 1 46  ? 6.927   7.077   -4.848  1.00 23.08 ? 43  LYS A CE  1 
ATOM   353  N  NZ  . LYS A 1 46  ? 7.474   7.417   -6.193  1.00 25.41 ? 43  LYS A NZ  1 
ATOM   354  N  N   . VAL A 1 47  ? 1.711   3.353   -2.161  1.00 11.07 ? 44  VAL A N   1 
ATOM   355  C  CA  . VAL A 1 47  ? 0.610   2.412   -2.277  1.00 12.05 ? 44  VAL A CA  1 
ATOM   356  C  C   . VAL A 1 47  ? 0.008   2.560   -3.666  1.00 13.50 ? 44  VAL A C   1 
ATOM   357  O  O   . VAL A 1 47  ? -0.303  3.672   -4.116  1.00 15.03 ? 44  VAL A O   1 
ATOM   358  C  CB  . VAL A 1 47  ? -0.474  2.663   -1.213  1.00 12.22 ? 44  VAL A CB  1 
ATOM   359  C  CG1 . VAL A 1 47  ? -1.561  1.590   -1.317  1.00 12.82 ? 44  VAL A CG1 1 
ATOM   360  C  CG2 . VAL A 1 47  ? 0.150   2.649   0.179   1.00 13.35 ? 44  VAL A CG2 1 
ATOM   361  N  N   . LYS A 1 48  ? -0.132  1.436   -4.353  1.00 12.59 ? 45  LYS A N   1 
ATOM   362  C  CA  . LYS A 1 48  ? -0.682  1.428   -5.696  1.00 14.29 ? 45  LYS A CA  1 
ATOM   363  C  C   . LYS A 1 48  ? -1.815  0.415   -5.792  1.00 14.38 ? 45  LYS A C   1 
ATOM   364  O  O   . LYS A 1 48  ? -1.951  -0.457  -4.941  1.00 12.20 ? 45  LYS A O   1 
ATOM   365  C  CB  . LYS A 1 48  ? 0.424   1.097   -6.703  1.00 16.58 ? 45  LYS A CB  1 
ATOM   366  C  CG  . LYS A 1 48  ? 1.596   2.067   -6.613  1.00 20.74 ? 45  LYS A CG  1 
ATOM   367  C  CD  . LYS A 1 48  ? 2.629   1.836   -7.694  1.00 24.60 ? 45  LYS A CD  1 
ATOM   368  C  CE  . LYS A 1 48  ? 3.763   2.839   -7.568  1.00 27.61 ? 45  LYS A CE  1 
ATOM   369  N  NZ  . LYS A 1 48  ? 3.263   4.242   -7.650  1.00 29.83 ? 45  LYS A NZ  1 
ATOM   370  N  N   A THR A 1 49  ? -2.635  0.554   -6.828  0.50 16.66 ? 46  THR A N   1 
ATOM   371  N  N   B THR A 1 49  ? -2.631  0.534   -6.832  0.50 17.66 ? 46  THR A N   1 
ATOM   372  C  CA  A THR A 1 49  ? -3.780  -0.329  -7.033  0.50 17.18 ? 46  THR A CA  1 
ATOM   373  C  CA  B THR A 1 49  ? -3.728  -0.406  -7.029  0.50 16.83 ? 46  THR A CA  1 
ATOM   374  C  C   A THR A 1 49  ? -4.011  -0.603  -8.518  0.50 17.04 ? 46  THR A C   1 
ATOM   375  C  C   B THR A 1 49  ? -3.970  -0.641  -8.511  0.50 17.56 ? 46  THR A C   1 
ATOM   376  O  O   A THR A 1 49  ? -3.516  0.127   -9.376  0.50 16.93 ? 46  THR A O   1 
ATOM   377  O  O   B THR A 1 49  ? -3.453  0.080   -9.361  0.50 17.77 ? 46  THR A O   1 
ATOM   378  C  CB  A THR A 1 49  ? -5.070  0.308   -6.465  0.50 19.34 ? 46  THR A CB  1 
ATOM   379  C  CB  B THR A 1 49  ? -5.048  0.080   -6.385  0.50 19.15 ? 46  THR A CB  1 
ATOM   380  O  OG1 A THR A 1 49  ? -4.878  0.637   -5.084  0.50 21.46 ? 46  THR A OG1 1 
ATOM   381  O  OG1 B THR A 1 49  ? -6.033  -0.951  -6.504  0.50 22.84 ? 46  THR A OG1 1 
ATOM   382  C  CG2 A THR A 1 49  ? -6.242  -0.647  -6.601  0.50 20.99 ? 46  THR A CG2 1 
ATOM   383  C  CG2 B THR A 1 49  ? -5.571  1.329   -7.077  0.50 15.60 ? 46  THR A CG2 1 
ATOM   384  N  N   . THR A 1 50  ? -4.768  -1.655  -8.815  1.00 15.39 ? 47  THR A N   1 
ATOM   385  C  CA  . THR A 1 50  ? -5.077  -1.994  -10.195 1.00 14.76 ? 47  THR A CA  1 
ATOM   386  C  C   . THR A 1 50  ? -6.327  -1.246  -10.673 1.00 14.51 ? 47  THR A C   1 
ATOM   387  O  O   . THR A 1 50  ? -6.710  -1.360  -11.834 1.00 13.95 ? 47  THR A O   1 
ATOM   388  C  CB  . THR A 1 50  ? -5.315  -3.506  -10.350 1.00 14.17 ? 47  THR A CB  1 
ATOM   389  O  OG1 . THR A 1 50  ? -6.391  -3.906  -9.495  1.00 13.07 ? 47  THR A OG1 1 
ATOM   390  C  CG2 . THR A 1 50  ? -4.058  -4.288  -9.971  1.00 13.73 ? 47  THR A CG2 1 
ATOM   391  N  N   . ALA A 1 51  ? -6.960  -0.479  -9.785  1.00 12.72 ? 48  ALA A N   1 
ATOM   392  C  CA  . ALA A 1 51  ? -8.165  0.268   -10.150 1.00 13.88 ? 48  ALA A CA  1 
ATOM   393  C  C   . ALA A 1 51  ? -8.242  1.588   -9.381  1.00 14.44 ? 48  ALA A C   1 
ATOM   394  O  O   . ALA A 1 51  ? -9.109  1.773   -8.529  1.00 13.43 ? 48  ALA A O   1 
ATOM   395  C  CB  . ALA A 1 51  ? -9.409  -0.580  -9.871  1.00 13.96 ? 48  ALA A CB  1 
ATOM   396  N  N   . PRO A 1 52  ? -7.338  2.530   -9.690  1.00 14.92 ? 49  PRO A N   1 
ATOM   397  C  CA  . PRO A 1 52  ? -7.265  3.843   -9.041  1.00 16.82 ? 49  PRO A CA  1 
ATOM   398  C  C   . PRO A 1 52  ? -8.559  4.652   -8.980  1.00 17.74 ? 49  PRO A C   1 
ATOM   399  O  O   . PRO A 1 52  ? -8.793  5.370   -8.007  1.00 19.09 ? 49  PRO A O   1 
ATOM   400  C  CB  . PRO A 1 52  ? -6.176  4.563   -9.838  1.00 19.16 ? 49  PRO A CB  1 
ATOM   401  C  CG  . PRO A 1 52  ? -5.325  3.452   -10.334 1.00 19.35 ? 49  PRO A CG  1 
ATOM   402  C  CD  . PRO A 1 52  ? -6.328  2.426   -10.758 1.00 17.01 ? 49  PRO A CD  1 
ATOM   403  N  N   . ARG A 1 53  ? -9.389  4.546   -10.013 1.00 17.75 ? 50  ARG A N   1 
ATOM   404  C  CA  . ARG A 1 53  ? -10.640 5.296   -10.052 1.00 18.10 ? 50  ARG A CA  1 
ATOM   405  C  C   . ARG A 1 53  ? -11.653 4.790   -9.031  1.00 17.15 ? 50  ARG A C   1 
ATOM   406  O  O   . ARG A 1 53  ? -12.572 5.516   -8.642  1.00 18.92 ? 50  ARG A O   1 
ATOM   407  C  CB  . ARG A 1 53  ? -11.259 5.228   -11.454 1.00 20.59 ? 50  ARG A CB  1 
ATOM   408  C  CG  . ARG A 1 53  ? -12.416 6.198   -11.657 1.00 23.06 ? 50  ARG A CG  1 
ATOM   409  C  CD  . ARG A 1 53  ? -13.099 6.045   -13.015 1.00 26.33 ? 50  ARG A CD  1 
ATOM   410  N  NE  . ARG A 1 53  ? -12.184 6.212   -14.142 1.00 27.61 ? 50  ARG A NE  1 
ATOM   411  C  CZ  . ARG A 1 53  ? -11.499 5.221   -14.701 1.00 28.15 ? 50  ARG A CZ  1 
ATOM   412  N  NH1 . ARG A 1 53  ? -11.625 3.984   -14.241 1.00 29.39 ? 50  ARG A NH1 1 
ATOM   413  N  NH2 . ARG A 1 53  ? -10.687 5.466   -15.721 1.00 27.16 ? 50  ARG A NH2 1 
ATOM   414  N  N   . ARG A 1 54  ? -11.487 3.551   -8.579  1.00 15.41 ? 51  ARG A N   1 
ATOM   415  C  CA  . ARG A 1 54  ? -12.435 2.991   -7.623  1.00 14.17 ? 51  ARG A CA  1 
ATOM   416  C  C   . ARG A 1 54  ? -11.991 3.098   -6.178  1.00 14.80 ? 51  ARG A C   1 
ATOM   417  O  O   . ARG A 1 54  ? -12.759 2.798   -5.255  1.00 14.19 ? 51  ARG A O   1 
ATOM   418  C  CB  . ARG A 1 54  ? -12.718 1.540   -7.989  1.00 16.04 ? 51  ARG A CB  1 
ATOM   419  C  CG  . ARG A 1 54  ? -13.208 1.412   -9.411  1.00 18.70 ? 51  ARG A CG  1 
ATOM   420  C  CD  . ARG A 1 54  ? -13.754 0.049   -9.700  1.00 21.10 ? 51  ARG A CD  1 
ATOM   421  N  NE  . ARG A 1 54  ? -14.824 -0.325  -8.781  1.00 19.43 ? 51  ARG A NE  1 
ATOM   422  C  CZ  . ARG A 1 54  ? -15.613 -1.375  -8.974  1.00 19.88 ? 51  ARG A CZ  1 
ATOM   423  N  NH1 . ARG A 1 54  ? -15.441 -2.130  -10.051 1.00 20.22 ? 51  ARG A NH1 1 
ATOM   424  N  NH2 . ARG A 1 54  ? -16.560 -1.677  -8.096  1.00 18.95 ? 51  ARG A NH2 1 
ATOM   425  N  N   . TYR A 1 55  ? -10.758 3.543   -5.983  1.00 15.24 ? 52  TYR A N   1 
ATOM   426  C  CA  . TYR A 1 55  ? -10.215 3.687   -4.645  1.00 16.74 ? 52  TYR A CA  1 
ATOM   427  C  C   . TYR A 1 55  ? -9.495  4.997   -4.396  1.00 19.70 ? 52  TYR A C   1 
ATOM   428  O  O   . TYR A 1 55  ? -8.917  5.599   -5.301  1.00 22.58 ? 52  TYR A O   1 
ATOM   429  C  CB  . TYR A 1 55  ? -9.195  2.585   -4.359  1.00 13.76 ? 52  TYR A CB  1 
ATOM   430  C  CG  . TYR A 1 55  ? -9.729  1.185   -4.440  1.00 13.11 ? 52  TYR A CG  1 
ATOM   431  C  CD1 . TYR A 1 55  ? -10.364 0.597   -3.343  1.00 12.83 ? 52  TYR A CD1 1 
ATOM   432  C  CD2 . TYR A 1 55  ? -9.614  0.444   -5.620  1.00 14.36 ? 52  TYR A CD2 1 
ATOM   433  C  CE1 . TYR A 1 55  ? -10.866 -0.687  -3.418  1.00 12.04 ? 52  TYR A CE1 1 
ATOM   434  C  CE2 . TYR A 1 55  ? -10.118 -0.849  -5.703  1.00 13.57 ? 52  TYR A CE2 1 
ATOM   435  C  CZ  . TYR A 1 55  ? -10.742 -1.404  -4.598  1.00 12.77 ? 52  TYR A CZ  1 
ATOM   436  O  OH  . TYR A 1 55  ? -11.250 -2.675  -4.670  1.00 10.48 ? 52  TYR A OH  1 
ATOM   437  N  N   A CYS A 1 56  ? -9.541  5.436   -3.147  0.50 19.72 ? 53  CYS A N   1 
ATOM   438  N  N   B CYS A 1 56  ? -9.558  5.446   -3.151  0.50 20.18 ? 53  CYS A N   1 
ATOM   439  C  CA  A CYS A 1 56  ? -8.833  6.632   -2.731  0.50 19.74 ? 53  CYS A CA  1 
ATOM   440  C  CA  B CYS A 1 56  ? -8.853  6.644   -2.720  0.50 20.56 ? 53  CYS A CA  1 
ATOM   441  C  C   A CYS A 1 56  ? -8.013  6.126   -1.561  0.50 18.34 ? 53  CYS A C   1 
ATOM   442  C  C   B CYS A 1 56  ? -8.010  6.104   -1.576  0.50 19.11 ? 53  CYS A C   1 
ATOM   443  O  O   A CYS A 1 56  ? -8.545  5.469   -0.664  0.50 18.35 ? 53  CYS A O   1 
ATOM   444  O  O   B CYS A 1 56  ? -8.527  5.378   -0.719  0.50 19.06 ? 53  CYS A O   1 
ATOM   445  C  CB  A CYS A 1 56  ? -9.785  7.730   -2.267  0.50 20.58 ? 53  CYS A CB  1 
ATOM   446  C  CB  B CYS A 1 56  ? -9.815  7.715   -2.189  0.50 21.04 ? 53  CYS A CB  1 
ATOM   447  S  SG  A CYS A 1 56  ? -8.909  9.275   -1.927  0.50 26.31 ? 53  CYS A SG  1 
ATOM   448  S  SG  B CYS A 1 56  ? -10.881 8.508   -3.406  0.50 27.99 ? 53  CYS A SG  1 
ATOM   449  N  N   . VAL A 1 57  ? -6.718  6.419   -1.577  1.00 15.35 ? 54  VAL A N   1 
ATOM   450  C  CA  . VAL A 1 57  ? -5.824  5.952   -0.531  1.00 14.87 ? 54  VAL A CA  1 
ATOM   451  C  C   . VAL A 1 57  ? -5.112  7.110   0.144   1.00 15.22 ? 54  VAL A C   1 
ATOM   452  O  O   . VAL A 1 57  ? -4.554  7.975   -0.531  1.00 15.02 ? 54  VAL A O   1 
ATOM   453  C  CB  . VAL A 1 57  ? -4.764  4.988   -1.114  1.00 13.57 ? 54  VAL A CB  1 
ATOM   454  C  CG1 . VAL A 1 57  ? -3.853  4.493   -0.016  1.00 14.94 ? 54  VAL A CG1 1 
ATOM   455  C  CG2 . VAL A 1 57  ? -5.449  3.820   -1.800  1.00 15.82 ? 54  VAL A CG2 1 
ATOM   456  N  N   . ARG A 1 58  ? -5.126  7.116   1.475   1.00 14.19 ? 55  ARG A N   1 
ATOM   457  C  CA  . ARG A 1 58  ? -4.474  8.177   2.239   1.00 15.41 ? 55  ARG A CA  1 
ATOM   458  C  C   . ARG A 1 58  ? -3.873  7.679   3.543   1.00 15.39 ? 55  ARG A C   1 
ATOM   459  O  O   . ARG A 1 58  ? -4.571  7.090   4.372   1.00 16.07 ? 55  ARG A O   1 
ATOM   460  C  CB  . ARG A 1 58  ? -5.473  9.289   2.567   1.00 16.81 ? 55  ARG A CB  1 
ATOM   461  C  CG  . ARG A 1 58  ? -5.901  10.136  1.387   1.00 22.42 ? 55  ARG A CG  1 
ATOM   462  C  CD  . ARG A 1 58  ? -4.763  11.018  0.877   1.00 25.91 ? 55  ARG A CD  1 
ATOM   463  N  NE  . ARG A 1 58  ? -5.242  12.015  -0.075  1.00 29.46 ? 55  ARG A NE  1 
ATOM   464  C  CZ  . ARG A 1 58  ? -5.902  13.121  0.260   1.00 29.05 ? 55  ARG A CZ  1 
ATOM   465  N  NH1 . ARG A 1 58  ? -6.302  13.964  -0.681  1.00 31.26 ? 55  ARG A NH1 1 
ATOM   466  N  NH2 . ARG A 1 58  ? -6.145  13.396  1.533   1.00 29.49 ? 55  ARG A NH2 1 
ATOM   467  N  N   . PRO A 1 59  ? -2.557  7.866   3.727   1.00 15.75 ? 56  PRO A N   1 
ATOM   468  C  CA  . PRO A 1 59  ? -1.661  8.506   2.760   1.00 16.63 ? 56  PRO A CA  1 
ATOM   469  C  C   . PRO A 1 59  ? -1.283  7.465   1.723   1.00 17.62 ? 56  PRO A C   1 
ATOM   470  O  O   . PRO A 1 59  ? -1.284  6.275   2.028   1.00 20.11 ? 56  PRO A O   1 
ATOM   471  C  CB  . PRO A 1 59  ? -0.469  8.911   3.617   1.00 17.25 ? 56  PRO A CB  1 
ATOM   472  C  CG  . PRO A 1 59  ? -0.408  7.819   4.625   1.00 17.65 ? 56  PRO A CG  1 
ATOM   473  C  CD  . PRO A 1 59  ? -1.863  7.637   5.007   1.00 16.54 ? 56  PRO A CD  1 
ATOM   474  N  N   . ASN A 1 60  ? -0.964  7.898   0.508   1.00 17.43 ? 57  ASN A N   1 
ATOM   475  C  CA  . ASN A 1 60  ? -0.590  6.947   -0.537  1.00 18.66 ? 57  ASN A CA  1 
ATOM   476  C  C   . ASN A 1 60  ? 0.920   6.793   -0.660  1.00 16.93 ? 57  ASN A C   1 
ATOM   477  O  O   . ASN A 1 60  ? 1.408   6.009   -1.473  1.00 17.27 ? 57  ASN A O   1 
ATOM   478  C  CB  . ASN A 1 60  ? -1.176  7.364   -1.887  1.00 23.46 ? 57  ASN A CB  1 
ATOM   479  C  CG  . ASN A 1 60  ? -0.702  8.732   -2.334  1.00 25.26 ? 57  ASN A CG  1 
ATOM   480  O  OD1 . ASN A 1 60  ? 0.476   9.066   -2.208  1.00 29.11 ? 57  ASN A OD1 1 
ATOM   481  N  ND2 . ASN A 1 60  ? -1.619  9.527   -2.880  1.00 29.78 ? 57  ASN A ND2 1 
ATOM   482  N  N   . SER A 1 61  ? 1.658   7.544   0.147   1.00 15.38 ? 58  SER A N   1 
ATOM   483  C  CA  . SER A 1 61  ? 3.118   7.481   0.138   1.00 14.60 ? 58  SER A CA  1 
ATOM   484  C  C   . SER A 1 61  ? 3.641   8.172   1.381   1.00 15.14 ? 58  SER A C   1 
ATOM   485  O  O   . SER A 1 61  ? 2.944   8.988   1.998   1.00 15.29 ? 58  SER A O   1 
ATOM   486  C  CB  . SER A 1 61  ? 3.689   8.173   -1.104  1.00 17.36 ? 58  SER A CB  1 
ATOM   487  O  OG  . SER A 1 61  ? 3.564   9.584   -0.996  1.00 20.47 ? 58  SER A OG  1 
ATOM   488  N  N   . GLY A 1 62  ? 4.873   7.852   1.750   1.00 13.19 ? 59  GLY A N   1 
ATOM   489  C  CA  . GLY A 1 62  ? 5.461   8.466   2.920   1.00 15.62 ? 59  GLY A CA  1 
ATOM   490  C  C   . GLY A 1 62  ? 6.707   7.741   3.373   1.00 15.81 ? 59  GLY A C   1 
ATOM   491  O  O   . GLY A 1 62  ? 7.222   6.867   2.674   1.00 15.39 ? 59  GLY A O   1 
ATOM   492  N  N   . VAL A 1 63  ? 7.191   8.115   4.549   1.00 16.43 ? 60  VAL A N   1 
ATOM   493  C  CA  . VAL A 1 63  ? 8.375   7.503   5.129   1.00 17.61 ? 60  VAL A CA  1 
ATOM   494  C  C   . VAL A 1 63  ? 8.001   7.047   6.525   1.00 17.32 ? 60  VAL A C   1 
ATOM   495  O  O   . VAL A 1 63  ? 7.326   7.765   7.262   1.00 19.13 ? 60  VAL A O   1 
ATOM   496  C  CB  . VAL A 1 63  ? 9.552   8.506   5.213   1.00 18.73 ? 60  VAL A CB  1 
ATOM   497  C  CG1 . VAL A 1 63  ? 9.175   9.684   6.094   1.00 24.03 ? 60  VAL A CG1 1 
ATOM   498  C  CG2 . VAL A 1 63  ? 10.794  7.807   5.763   1.00 20.60 ? 60  VAL A CG2 1 
ATOM   499  N  N   . ILE A 1 64  ? 8.420   5.840   6.878   1.00 14.98 ? 61  ILE A N   1 
ATOM   500  C  CA  . ILE A 1 64  ? 8.121   5.294   8.187   1.00 16.39 ? 61  ILE A CA  1 
ATOM   501  C  C   . ILE A 1 64  ? 9.437   5.162   8.941   1.00 17.73 ? 61  ILE A C   1 
ATOM   502  O  O   . ILE A 1 64  ? 10.353  4.478   8.486   1.00 15.64 ? 61  ILE A O   1 
ATOM   503  C  CB  . ILE A 1 64  ? 7.448   3.913   8.065   1.00 14.29 ? 61  ILE A CB  1 
ATOM   504  C  CG1 . ILE A 1 64  ? 6.243   4.011   7.126   1.00 14.96 ? 61  ILE A CG1 1 
ATOM   505  C  CG2 . ILE A 1 64  ? 6.993   3.427   9.435   1.00 17.20 ? 61  ILE A CG2 1 
ATOM   506  C  CD1 . ILE A 1 64  ? 5.536   2.687   6.873   1.00 18.91 ? 61  ILE A CD1 1 
ATOM   507  N  N   . ASP A 1 65  ? 9.529   5.834   10.084  1.00 18.97 ? 62  ASP A N   1 
ATOM   508  C  CA  . ASP A 1 65  ? 10.740  5.793   10.894  1.00 21.81 ? 62  ASP A CA  1 
ATOM   509  C  C   . ASP A 1 65  ? 10.903  4.436   11.561  1.00 20.91 ? 62  ASP A C   1 
ATOM   510  O  O   . ASP A 1 65  ? 9.948   3.669   11.681  1.00 20.42 ? 62  ASP A O   1 
ATOM   511  C  CB  . ASP A 1 65  ? 10.703  6.892   11.964  1.00 24.91 ? 62  ASP A CB  1 
ATOM   512  C  CG  . ASP A 1 65  ? 10.554  8.281   11.370  1.00 28.21 ? 62  ASP A CG  1 
ATOM   513  O  OD1 . ASP A 1 65  ? 11.289  8.606   10.411  1.00 31.08 ? 62  ASP A OD1 1 
ATOM   514  O  OD2 . ASP A 1 65  ? 9.708   9.052   11.866  1.00 31.90 ? 62  ASP A OD2 1 
ATOM   515  N  N   . PRO A 1 66  ? 12.127  4.113   11.996  1.00 22.32 ? 63  PRO A N   1 
ATOM   516  C  CA  . PRO A 1 66  ? 12.362  2.825   12.651  1.00 22.26 ? 63  PRO A CA  1 
ATOM   517  C  C   . PRO A 1 66  ? 11.403  2.604   13.821  1.00 23.90 ? 63  PRO A C   1 
ATOM   518  O  O   . PRO A 1 66  ? 11.250  3.473   14.680  1.00 23.87 ? 63  PRO A O   1 
ATOM   519  C  CB  . PRO A 1 66  ? 13.812  2.937   13.108  1.00 24.69 ? 63  PRO A CB  1 
ATOM   520  C  CG  . PRO A 1 66  ? 14.427  3.808   12.059  1.00 22.61 ? 63  PRO A CG  1 
ATOM   521  C  CD  . PRO A 1 66  ? 13.380  4.879   11.873  1.00 22.92 ? 63  PRO A CD  1 
ATOM   522  N  N   . GLY A 1 67  ? 10.747  1.449   13.836  1.00 24.15 ? 64  GLY A N   1 
ATOM   523  C  CA  . GLY A 1 67  ? 9.822   1.130   14.910  1.00 24.33 ? 64  GLY A CA  1 
ATOM   524  C  C   . GLY A 1 67  ? 8.465   1.811   14.868  1.00 24.93 ? 64  GLY A C   1 
ATOM   525  O  O   . GLY A 1 67  ? 7.617   1.542   15.718  1.00 27.00 ? 64  GLY A O   1 
ATOM   526  N  N   . SER A 1 68  ? 8.244   2.689   13.897  1.00 24.18 ? 65  SER A N   1 
ATOM   527  C  CA  . SER A 1 68  ? 6.964   3.384   13.806  1.00 23.30 ? 65  SER A CA  1 
ATOM   528  C  C   . SER A 1 68  ? 5.926   2.604   13.015  1.00 22.85 ? 65  SER A C   1 
ATOM   529  O  O   . SER A 1 68  ? 6.242   1.624   12.334  1.00 20.07 ? 65  SER A O   1 
ATOM   530  C  CB  . SER A 1 68  ? 7.142   4.766   13.171  1.00 24.02 ? 65  SER A CB  1 
ATOM   531  O  OG  . SER A 1 68  ? 7.926   5.614   13.991  1.00 26.02 ? 65  SER A OG  1 
ATOM   532  N  N   . ILE A 1 69  ? 4.682   3.055   13.112  1.00 22.79 ? 66  ILE A N   1 
ATOM   533  C  CA  . ILE A 1 69  ? 3.578   2.424   12.411  1.00 23.30 ? 66  ILE A CA  1 
ATOM   534  C  C   . ILE A 1 69  ? 2.679   3.509   11.823  1.00 23.41 ? 66  ILE A C   1 
ATOM   535  O  O   . ILE A 1 69  ? 2.487   4.568   12.427  1.00 23.72 ? 66  ILE A O   1 
ATOM   536  C  CB  . ILE A 1 69  ? 2.765   1.524   13.373  1.00 24.66 ? 66  ILE A CB  1 
ATOM   537  C  CG1 . ILE A 1 69  ? 1.675   0.779   12.605  1.00 26.11 ? 66  ILE A CG1 1 
ATOM   538  C  CG2 . ILE A 1 69  ? 2.156   2.364   14.485  1.00 25.85 ? 66  ILE A CG2 1 
ATOM   539  C  CD1 . ILE A 1 69  ? 1.010   -0.320  13.409  1.00 26.94 ? 66  ILE A CD1 1 
ATOM   540  N  N   A VAL A 1 70  ? 2.143   3.249   10.636  0.50 22.67 ? 67  VAL A N   1 
ATOM   541  N  N   B VAL A 1 70  ? 2.145   3.251   10.636  0.50 23.06 ? 67  VAL A N   1 
ATOM   542  C  CA  A VAL A 1 70  ? 1.267   4.205   9.969   0.50 22.59 ? 67  VAL A CA  1 
ATOM   543  C  CA  B VAL A 1 70  ? 1.264   4.209   9.979   0.50 23.95 ? 67  VAL A CA  1 
ATOM   544  C  C   A VAL A 1 70  ? -0.004  3.518   9.492   0.50 21.55 ? 67  VAL A C   1 
ATOM   545  C  C   B VAL A 1 70  ? -0.006  3.513   9.512   0.50 22.30 ? 67  VAL A C   1 
ATOM   546  O  O   A VAL A 1 70  ? 0.032   2.373   9.039   0.50 22.06 ? 67  VAL A O   1 
ATOM   547  O  O   B VAL A 1 70  ? 0.030   2.354   9.091   0.50 23.08 ? 67  VAL A O   1 
ATOM   548  C  CB  A VAL A 1 70  ? 1.967   4.850   8.750   0.50 23.10 ? 67  VAL A CB  1 
ATOM   549  C  CB  B VAL A 1 70  ? 1.945   4.867   8.756   0.50 25.37 ? 67  VAL A CB  1 
ATOM   550  C  CG1 A VAL A 1 70  ? 1.052   5.884   8.111   0.50 22.45 ? 67  VAL A CG1 1 
ATOM   551  C  CG1 B VAL A 1 70  ? 3.161   5.663   9.206   0.50 27.44 ? 67  VAL A CG1 1 
ATOM   552  C  CG2 A VAL A 1 70  ? 3.277   5.490   9.182   0.50 24.20 ? 67  VAL A CG2 1 
ATOM   553  C  CG2 B VAL A 1 70  ? 2.348   3.806   7.749   0.50 26.28 ? 67  VAL A CG2 1 
ATOM   554  N  N   . THR A 1 71  ? -1.127  4.222   9.599   1.00 20.75 ? 68  THR A N   1 
ATOM   555  C  CA  . THR A 1 71  ? -2.408  3.679   9.174   1.00 17.95 ? 68  THR A CA  1 
ATOM   556  C  C   . THR A 1 71  ? -2.800  4.287   7.832   1.00 17.37 ? 68  THR A C   1 
ATOM   557  O  O   . THR A 1 71  ? -2.877  5.510   7.684   1.00 18.14 ? 68  THR A O   1 
ATOM   558  C  CB  . THR A 1 71  ? -3.526  3.979   10.199  1.00 17.96 ? 68  THR A CB  1 
ATOM   559  O  OG1 . THR A 1 71  ? -3.241  3.304   11.432  1.00 19.84 ? 68  THR A OG1 1 
ATOM   560  C  CG2 . THR A 1 71  ? -4.877  3.511   9.666   1.00 18.97 ? 68  THR A CG2 1 
ATOM   561  N  N   . VAL A 1 72  ? -3.042  3.419   6.857   1.00 14.38 ? 69  VAL A N   1 
ATOM   562  C  CA  . VAL A 1 72  ? -3.445  3.834   5.522   1.00 13.97 ? 69  VAL A CA  1 
ATOM   563  C  C   . VAL A 1 72  ? -4.939  3.567   5.378   1.00 13.34 ? 69  VAL A C   1 
ATOM   564  O  O   . VAL A 1 72  ? -5.396  2.448   5.598   1.00 14.63 ? 69  VAL A O   1 
ATOM   565  C  CB  . VAL A 1 72  ? -2.688  3.024   4.433   1.00 13.33 ? 69  VAL A CB  1 
ATOM   566  C  CG1 . VAL A 1 72  ? -3.164  3.427   3.053   1.00 11.54 ? 69  VAL A CG1 1 
ATOM   567  C  CG2 . VAL A 1 72  ? -1.191  3.264   4.553   1.00 14.03 ? 69  VAL A CG2 1 
ATOM   568  N  N   . SER A 1 73  ? -5.698  4.602   5.035   1.00 12.93 ? 70  SER A N   1 
ATOM   569  C  CA  . SER A 1 73  ? -7.133  4.453   4.838   1.00 13.36 ? 70  SER A CA  1 
ATOM   570  C  C   . SER A 1 73  ? -7.373  4.139   3.366   1.00 12.44 ? 70  SER A C   1 
ATOM   571  O  O   . SER A 1 73  ? -6.927  4.880   2.490   1.00 12.93 ? 70  SER A O   1 
ATOM   572  C  CB  . SER A 1 73  ? -7.865  5.746   5.211   1.00 12.28 ? 70  SER A CB  1 
ATOM   573  O  OG  . SER A 1 73  ? -7.690  6.065   6.577   1.00 16.59 ? 70  SER A OG  1 
ATOM   574  N  N   . VAL A 1 74  ? -8.069  3.039   3.095   1.00 11.02 ? 71  VAL A N   1 
ATOM   575  C  CA  . VAL A 1 74  ? -8.363  2.638   1.721   1.00 12.44 ? 71  VAL A CA  1 
ATOM   576  C  C   . VAL A 1 74  ? -9.863  2.793   1.566   1.00 13.60 ? 71  VAL A C   1 
ATOM   577  O  O   . VAL A 1 74  ? -10.636 2.051   2.171   1.00 13.76 ? 71  VAL A O   1 
ATOM   578  C  CB  . VAL A 1 74  ? -7.971  1.170   1.473   1.00 12.22 ? 71  VAL A CB  1 
ATOM   579  C  CG1 . VAL A 1 74  ? -8.217  0.802   0.028   1.00 14.13 ? 71  VAL A CG1 1 
ATOM   580  C  CG2 . VAL A 1 74  ? -6.511  0.962   1.849   1.00 14.30 ? 71  VAL A CG2 1 
HETATM 581  N  N   A MSE A 1 75  ? -10.270 3.747   0.738   0.50 14.56 ? 72  MSE A N   1 
HETATM 582  N  N   B MSE A 1 75  ? -10.278 3.764   0.761   0.50 16.21 ? 72  MSE A N   1 
HETATM 583  C  CA  A MSE A 1 75  ? -11.680 4.032   0.533   0.50 13.92 ? 72  MSE A CA  1 
HETATM 584  C  CA  B MSE A 1 75  ? -11.697 4.003   0.564   0.50 15.77 ? 72  MSE A CA  1 
HETATM 585  C  C   A MSE A 1 75  ? -12.227 3.557   -0.813  0.50 14.14 ? 72  MSE A C   1 
HETATM 586  C  C   B MSE A 1 75  ? -12.216 3.544   -0.797  0.50 15.85 ? 72  MSE A C   1 
HETATM 587  O  O   A MSE A 1 75  ? -11.845 4.057   -1.872  0.50 15.57 ? 72  MSE A O   1 
HETATM 588  O  O   B MSE A 1 75  ? -11.794 4.035   -1.845  0.50 18.17 ? 72  MSE A O   1 
HETATM 589  C  CB  A MSE A 1 75  ? -11.893 5.537   0.732   0.50 15.79 ? 72  MSE A CB  1 
HETATM 590  C  CB  B MSE A 1 75  ? -12.021 5.490   0.813   0.50 19.52 ? 72  MSE A CB  1 
HETATM 591  C  CG  A MSE A 1 75  ? -11.416 5.977   2.123   0.50 14.29 ? 72  MSE A CG  1 
HETATM 592  C  CG  B MSE A 1 75  ? -10.954 6.476   0.359   0.50 21.58 ? 72  MSE A CG  1 
HETATM 593  SE SE  A MSE A 1 75  ? -11.003 7.843   2.408   0.50 22.15 ? 72  MSE A SE  1 
HETATM 594  SE SE  B MSE A 1 75  ? -10.680 8.001   1.573   0.50 20.96 ? 72  MSE A SE  1 
HETATM 595  C  CE  A MSE A 1 75  ? -9.157  7.814   1.818   0.50 19.67 ? 72  MSE A CE  1 
HETATM 596  C  CE  B MSE A 1 75  ? -8.942  7.474   2.245   0.50 22.99 ? 72  MSE A CE  1 
ATOM   597  N  N   . LEU A 1 76  ? -13.124 2.575   -0.755  1.00 12.45 ? 73  LEU A N   1 
ATOM   598  C  CA  . LEU A 1 76  ? -13.741 2.018   -1.952  1.00 11.78 ? 73  LEU A CA  1 
ATOM   599  C  C   . LEU A 1 76  ? -14.902 2.923   -2.332  1.00 11.04 ? 73  LEU A C   1 
ATOM   600  O  O   . LEU A 1 76  ? -15.788 3.177   -1.522  1.00 10.23 ? 73  LEU A O   1 
ATOM   601  C  CB  . LEU A 1 76  ? -14.267 0.609   -1.665  1.00 10.87 ? 73  LEU A CB  1 
ATOM   602  C  CG  . LEU A 1 76  ? -15.091 -0.045  -2.775  1.00 10.59 ? 73  LEU A CG  1 
ATOM   603  C  CD1 . LEU A 1 76  ? -14.238 -0.205  -4.019  1.00 11.76 ? 73  LEU A CD1 1 
ATOM   604  C  CD2 . LEU A 1 76  ? -15.605 -1.398  -2.298  1.00 11.67 ? 73  LEU A CD2 1 
ATOM   605  N  N   . GLN A 1 77  ? -14.905 3.402   -3.568  1.00 10.64 ? 74  GLN A N   1 
ATOM   606  C  CA  . GLN A 1 77  ? -15.967 4.293   -4.008  1.00 12.07 ? 74  GLN A CA  1 
ATOM   607  C  C   . GLN A 1 77  ? -17.303 3.579   -4.205  1.00 12.50 ? 74  GLN A C   1 
ATOM   608  O  O   . GLN A 1 77  ? -17.355 2.399   -4.551  1.00 10.77 ? 74  GLN A O   1 
ATOM   609  C  CB  . GLN A 1 77  ? -15.533 5.014   -5.284  1.00 13.59 ? 74  GLN A CB  1 
ATOM   610  C  CG  . GLN A 1 77  ? -14.292 5.869   -5.063  1.00 15.81 ? 74  GLN A CG  1 
ATOM   611  C  CD  . GLN A 1 77  ? -14.466 6.819   -3.887  1.00 15.38 ? 74  GLN A CD  1 
ATOM   612  O  OE1 . GLN A 1 77  ? -15.290 7.726   -3.930  1.00 15.64 ? 74  GLN A OE1 1 
ATOM   613  N  NE2 . GLN A 1 77  ? -13.696 6.599   -2.825  1.00 15.46 ? 74  GLN A NE2 1 
ATOM   614  N  N   . PRO A 1 78  ? -18.411 4.291   -3.978  1.00 13.12 ? 75  PRO A N   1 
ATOM   615  C  CA  . PRO A 1 78  ? -19.725 3.667   -4.147  1.00 13.15 ? 75  PRO A CA  1 
ATOM   616  C  C   . PRO A 1 78  ? -19.922 3.164   -5.573  1.00 13.90 ? 75  PRO A C   1 
ATOM   617  O  O   . PRO A 1 78  ? -19.367 3.717   -6.525  1.00 13.01 ? 75  PRO A O   1 
ATOM   618  C  CB  . PRO A 1 78  ? -20.686 4.791   -3.774  1.00 14.97 ? 75  PRO A CB  1 
ATOM   619  C  CG  . PRO A 1 78  ? -19.932 6.024   -4.180  1.00 15.01 ? 75  PRO A CG  1 
ATOM   620  C  CD  . PRO A 1 78  ? -18.538 5.729   -3.691  1.00 14.62 ? 75  PRO A CD  1 
ATOM   621  N  N   . PHE A 1 79  ? -20.694 2.096   -5.719  1.00 12.40 ? 76  PHE A N   1 
ATOM   622  C  CA  . PHE A 1 79  ? -20.954 1.546   -7.042  1.00 15.22 ? 76  PHE A CA  1 
ATOM   623  C  C   . PHE A 1 79  ? -22.176 0.654   -7.012  1.00 16.30 ? 76  PHE A C   1 
ATOM   624  O  O   . PHE A 1 79  ? -22.550 0.128   -5.965  1.00 17.62 ? 76  PHE A O   1 
ATOM   625  C  CB  . PHE A 1 79  ? -19.737 0.758   -7.543  1.00 14.25 ? 76  PHE A CB  1 
ATOM   626  C  CG  . PHE A 1 79  ? -19.476 -0.508  -6.777  1.00 16.35 ? 76  PHE A CG  1 
ATOM   627  C  CD1 . PHE A 1 79  ? -20.056 -1.708  -7.173  1.00 17.00 ? 76  PHE A CD1 1 
ATOM   628  C  CD2 . PHE A 1 79  ? -18.657 -0.497  -5.656  1.00 15.28 ? 76  PHE A CD2 1 
ATOM   629  C  CE1 . PHE A 1 79  ? -19.824 -2.882  -6.465  1.00 16.86 ? 76  PHE A CE1 1 
ATOM   630  C  CE2 . PHE A 1 79  ? -18.416 -1.663  -4.936  1.00 15.89 ? 76  PHE A CE2 1 
ATOM   631  C  CZ  . PHE A 1 79  ? -19.001 -2.861  -5.344  1.00 15.87 ? 76  PHE A CZ  1 
ATOM   632  N  N   . ASP A 1 80  ? -22.807 0.498   -8.169  1.00 19.11 ? 77  ASP A N   1 
ATOM   633  C  CA  . ASP A 1 80  ? -23.981 -0.348  -8.275  1.00 20.99 ? 77  ASP A CA  1 
ATOM   634  C  C   . ASP A 1 80  ? -23.521 -1.740  -8.675  1.00 19.68 ? 77  ASP A C   1 
ATOM   635  O  O   . ASP A 1 80  ? -22.819 -1.914  -9.669  1.00 20.63 ? 77  ASP A O   1 
ATOM   636  C  CB  . ASP A 1 80  ? -24.949 0.208   -9.321  1.00 24.65 ? 77  ASP A CB  1 
ATOM   637  C  CG  . ASP A 1 80  ? -25.577 1.519   -8.894  1.00 29.49 ? 77  ASP A CG  1 
ATOM   638  O  OD1 . ASP A 1 80  ? -26.102 1.586   -7.761  1.00 31.74 ? 77  ASP A OD1 1 
ATOM   639  O  OD2 . ASP A 1 80  ? -25.549 2.481   -9.691  1.00 31.85 ? 77  ASP A OD2 1 
ATOM   640  N  N   . TYR A 1 81  ? -23.907 -2.730  -7.885  1.00 20.54 ? 78  TYR A N   1 
ATOM   641  C  CA  . TYR A 1 81  ? -23.521 -4.103  -8.165  1.00 20.11 ? 78  TYR A CA  1 
ATOM   642  C  C   . TYR A 1 81  ? -23.970 -4.562  -9.544  1.00 20.48 ? 78  TYR A C   1 
ATOM   643  O  O   . TYR A 1 81  ? -25.130 -4.399  -9.924  1.00 21.44 ? 78  TYR A O   1 
ATOM   644  C  CB  . TYR A 1 81  ? -24.104 -5.033  -7.101  1.00 20.85 ? 78  TYR A CB  1 
ATOM   645  C  CG  . TYR A 1 81  ? -23.849 -6.497  -7.368  1.00 20.21 ? 78  TYR A CG  1 
ATOM   646  C  CD1 . TYR A 1 81  ? -22.549 -6.996  -7.454  1.00 18.97 ? 78  TYR A CD1 1 
ATOM   647  C  CD2 . TYR A 1 81  ? -24.908 -7.390  -7.526  1.00 22.04 ? 78  TYR A CD2 1 
ATOM   648  C  CE1 . TYR A 1 81  ? -22.310 -8.347  -7.688  1.00 19.25 ? 78  TYR A CE1 1 
ATOM   649  C  CE2 . TYR A 1 81  ? -24.679 -8.746  -7.764  1.00 21.10 ? 78  TYR A CE2 1 
ATOM   650  C  CZ  . TYR A 1 81  ? -23.379 -9.215  -7.841  1.00 21.11 ? 78  TYR A CZ  1 
ATOM   651  O  OH  . TYR A 1 81  ? -23.145 -10.553 -8.064  1.00 19.33 ? 78  TYR A OH  1 
ATOM   652  N  N   . ASP A 1 82  ? -23.033 -5.129  -10.295 1.00 19.70 ? 79  ASP A N   1 
ATOM   653  C  CA  . ASP A 1 82  ? -23.316 -5.648  -11.624 1.00 21.72 ? 79  ASP A CA  1 
ATOM   654  C  C   . ASP A 1 82  ? -22.906 -7.115  -11.661 1.00 19.72 ? 79  ASP A C   1 
ATOM   655  O  O   . ASP A 1 82  ? -21.720 -7.437  -11.663 1.00 18.46 ? 79  ASP A O   1 
ATOM   656  C  CB  . ASP A 1 82  ? -22.546 -4.862  -12.687 1.00 24.60 ? 79  ASP A CB  1 
ATOM   657  C  CG  . ASP A 1 82  ? -22.577 -5.538  -14.044 1.00 26.67 ? 79  ASP A CG  1 
ATOM   658  O  OD1 . ASP A 1 82  ? -23.580 -6.219  -14.344 1.00 24.49 ? 79  ASP A OD1 1 
ATOM   659  O  OD2 . ASP A 1 82  ? -21.603 -5.378  -14.812 1.00 31.49 ? 79  ASP A OD2 1 
ATOM   660  N  N   . PRO A 1 83  ? -23.890 -8.026  -11.679 1.00 21.82 ? 80  PRO A N   1 
ATOM   661  C  CA  . PRO A 1 83  ? -23.604 -9.466  -11.711 1.00 21.42 ? 80  PRO A CA  1 
ATOM   662  C  C   . PRO A 1 83  ? -22.767 -9.906  -12.910 1.00 23.01 ? 80  PRO A C   1 
ATOM   663  O  O   . PRO A 1 83  ? -22.222 -11.009 -12.923 1.00 21.23 ? 80  PRO A O   1 
ATOM   664  C  CB  . PRO A 1 83  ? -24.998 -10.094 -11.706 1.00 22.96 ? 80  PRO A CB  1 
ATOM   665  C  CG  . PRO A 1 83  ? -25.842 -9.048  -12.378 1.00 24.15 ? 80  PRO A CG  1 
ATOM   666  C  CD  . PRO A 1 83  ? -25.340 -7.779  -11.751 1.00 22.67 ? 80  PRO A CD  1 
ATOM   667  N  N   . ASN A 1 84  ? -22.649 -9.036  -13.909 1.00 25.35 ? 81  ASN A N   1 
ATOM   668  C  CA  . ASN A 1 84  ? -21.880 -9.358  -15.105 1.00 29.41 ? 81  ASN A CA  1 
ATOM   669  C  C   . ASN A 1 84  ? -20.426 -8.906  -15.008 1.00 31.50 ? 81  ASN A C   1 
ATOM   670  O  O   . ASN A 1 84  ? -19.632 -9.160  -15.913 1.00 31.78 ? 81  ASN A O   1 
ATOM   671  C  CB  . ASN A 1 84  ? -22.526 -8.723  -16.340 1.00 30.77 ? 81  ASN A CB  1 
ATOM   672  C  CG  . ASN A 1 84  ? -23.898 -9.297  -16.644 1.00 33.27 ? 81  ASN A CG  1 
ATOM   673  O  OD1 . ASN A 1 84  ? -24.047 -10.500 -16.857 1.00 34.35 ? 81  ASN A OD1 1 
ATOM   674  N  ND2 . ASN A 1 84  ? -24.909 -8.434  -16.669 1.00 36.92 ? 81  ASN A ND2 1 
ATOM   675  N  N   . GLU A 1 85  ? -20.079 -8.242  -13.911 1.00 33.05 ? 82  GLU A N   1 
ATOM   676  C  CA  . GLU A 1 85  ? -18.717 -7.758  -13.722 1.00 35.26 ? 82  GLU A CA  1 
ATOM   677  C  C   . GLU A 1 85  ? -17.874 -8.752  -12.934 1.00 35.71 ? 82  GLU A C   1 
ATOM   678  O  O   . GLU A 1 85  ? -18.357 -9.383  -11.997 1.00 36.53 ? 82  GLU A O   1 
ATOM   679  C  CB  . GLU A 1 85  ? -18.732 -6.407  -13.002 1.00 37.20 ? 82  GLU A CB  1 
ATOM   680  C  CG  . GLU A 1 85  ? -17.350 -5.815  -12.770 1.00 40.82 ? 82  GLU A CG  1 
ATOM   681  C  CD  . GLU A 1 85  ? -17.402 -4.400  -12.226 1.00 44.15 ? 82  GLU A CD  1 
ATOM   682  O  OE1 . GLU A 1 85  ? -17.974 -3.523  -12.909 1.00 46.75 ? 82  GLU A OE1 1 
ATOM   683  O  OE2 . GLU A 1 85  ? -16.870 -4.164  -11.121 1.00 45.64 ? 82  GLU A OE2 1 
ATOM   684  N  N   . LYS A 1 86  ? -16.611 -8.885  -13.325 1.00 35.09 ? 83  LYS A N   1 
ATOM   685  C  CA  . LYS A 1 86  ? -15.694 -9.797  -12.657 1.00 35.69 ? 83  LYS A CA  1 
ATOM   686  C  C   . LYS A 1 86  ? -14.439 -9.045  -12.225 1.00 34.59 ? 83  LYS A C   1 
ATOM   687  O  O   . LYS A 1 86  ? -13.380 -9.179  -12.836 1.00 35.16 ? 83  LYS A O   1 
ATOM   688  C  CB  . LYS A 1 86  ? -15.324 -10.946 -13.599 1.00 37.90 ? 83  LYS A CB  1 
ATOM   689  C  CG  . LYS A 1 86  ? -16.535 -11.688 -14.145 1.00 40.26 ? 83  LYS A CG  1 
ATOM   690  C  CD  . LYS A 1 86  ? -16.143 -12.858 -15.029 1.00 42.36 ? 83  LYS A CD  1 
ATOM   691  C  CE  . LYS A 1 86  ? -17.380 -13.590 -15.529 1.00 43.58 ? 83  LYS A CE  1 
ATOM   692  N  NZ  . LYS A 1 86  ? -17.041 -14.800 -16.330 1.00 45.34 ? 83  LYS A NZ  1 
ATOM   693  N  N   . SER A 1 87  ? -14.570 -8.255  -11.164 1.00 32.86 ? 84  SER A N   1 
ATOM   694  C  CA  . SER A 1 87  ? -13.454 -7.474  -10.649 1.00 31.75 ? 84  SER A CA  1 
ATOM   695  C  C   . SER A 1 87  ? -12.594 -8.253  -9.661  1.00 29.27 ? 84  SER A C   1 
ATOM   696  O  O   . SER A 1 87  ? -13.100 -8.852  -8.714  1.00 29.70 ? 84  SER A O   1 
ATOM   697  C  CB  . SER A 1 87  ? -13.971 -6.203  -9.967  1.00 32.25 ? 84  SER A CB  1 
ATOM   698  O  OG  . SER A 1 87  ? -14.701 -5.398  -10.873 1.00 36.44 ? 84  SER A OG  1 
ATOM   699  N  N   . LYS A 1 88  ? -11.287 -8.230  -9.894  1.00 26.88 ? 85  LYS A N   1 
ATOM   700  C  CA  . LYS A 1 88  ? -10.326 -8.900  -9.027  1.00 23.57 ? 85  LYS A CA  1 
ATOM   701  C  C   . LYS A 1 88  ? -9.247  -7.868  -8.736  1.00 19.63 ? 85  LYS A C   1 
ATOM   702  O  O   . LYS A 1 88  ? -8.107  -8.012  -9.163  1.00 20.27 ? 85  LYS A O   1 
ATOM   703  C  CB  . LYS A 1 88  ? -9.707  -10.110 -9.732  1.00 26.28 ? 85  LYS A CB  1 
ATOM   704  C  CG  . LYS A 1 88  ? -10.686 -11.236 -10.025 0.00 26.08 ? 85  LYS A CG  1 
ATOM   705  C  CD  . LYS A 1 88  ? -9.973  -12.435 -10.629 0.00 26.82 ? 85  LYS A CD  1 
ATOM   706  C  CE  . LYS A 1 88  ? -10.931 -13.591 -10.866 0.00 27.07 ? 85  LYS A CE  1 
ATOM   707  N  NZ  . LYS A 1 88  ? -10.237 -14.781 -11.432 0.00 27.35 ? 85  LYS A NZ  1 
ATOM   708  N  N   . HIS A 1 89  ? -9.620  -6.816  -8.014  1.00 14.90 ? 86  HIS A N   1 
ATOM   709  C  CA  . HIS A 1 89  ? -8.682  -5.742  -7.699  1.00 13.71 ? 86  HIS A CA  1 
ATOM   710  C  C   . HIS A 1 89  ? -7.578  -6.170  -6.751  1.00 13.59 ? 86  HIS A C   1 
ATOM   711  O  O   . HIS A 1 89  ? -7.785  -7.013  -5.873  1.00 13.05 ? 86  HIS A O   1 
ATOM   712  C  CB  . HIS A 1 89  ? -9.411  -4.560  -7.063  1.00 13.48 ? 86  HIS A CB  1 
ATOM   713  C  CG  . HIS A 1 89  ? -10.488 -3.976  -7.917  1.00 16.22 ? 86  HIS A CG  1 
ATOM   714  N  ND1 . HIS A 1 89  ? -11.570 -3.306  -7.385  1.00 15.96 ? 86  HIS A ND1 1 
ATOM   715  C  CD2 . HIS A 1 89  ? -10.647 -3.937  -9.261  1.00 15.92 ? 86  HIS A CD2 1 
ATOM   716  C  CE1 . HIS A 1 89  ? -12.349 -2.884  -8.364  1.00 17.23 ? 86  HIS A CE1 1 
ATOM   717  N  NE2 . HIS A 1 89  ? -11.810 -3.254  -9.514  1.00 16.11 ? 86  HIS A NE2 1 
ATOM   718  N  N   . LYS A 1 90  ? -6.408  -5.567  -6.934  1.00 12.59 ? 87  LYS A N   1 
ATOM   719  C  CA  . LYS A 1 90  ? -5.258  -5.843  -6.087  1.00 15.18 ? 87  LYS A CA  1 
ATOM   720  C  C   . LYS A 1 90  ? -4.632  -4.527  -5.640  1.00 14.30 ? 87  LYS A C   1 
ATOM   721  O  O   . LYS A 1 90  ? -4.712  -3.517  -6.340  1.00 13.09 ? 87  LYS A O   1 
ATOM   722  C  CB  . LYS A 1 90  ? -4.197  -6.643  -6.850  1.00 16.29 ? 87  LYS A CB  1 
ATOM   723  C  CG  . LYS A 1 90  ? -4.721  -7.852  -7.598  1.00 21.47 ? 87  LYS A CG  1 
ATOM   724  C  CD  . LYS A 1 90  ? -5.386  -8.855  -6.677  1.00 25.56 ? 87  LYS A CD  1 
ATOM   725  C  CE  . LYS A 1 90  ? -5.866  -10.067 -7.463  1.00 28.44 ? 87  LYS A CE  1 
ATOM   726  N  NZ  . LYS A 1 90  ? -6.606  -11.042 -6.613  1.00 29.53 ? 87  LYS A NZ  1 
ATOM   727  N  N   . PHE A 1 91  ? -4.024  -4.545  -4.461  1.00 13.13 ? 88  PHE A N   1 
ATOM   728  C  CA  . PHE A 1 91  ? -3.325  -3.381  -3.938  1.00 13.68 ? 88  PHE A CA  1 
ATOM   729  C  C   . PHE A 1 91  ? -1.862  -3.769  -3.794  1.00 14.15 ? 88  PHE A C   1 
ATOM   730  O  O   . PHE A 1 91  ? -1.538  -4.938  -3.589  1.00 12.58 ? 88  PHE A O   1 
ATOM   731  C  CB  . PHE A 1 91  ? -3.878  -2.955  -2.576  1.00 17.75 ? 88  PHE A CB  1 
ATOM   732  C  CG  . PHE A 1 91  ? -4.834  -1.803  -2.653  1.00 20.33 ? 88  PHE A CG  1 
ATOM   733  C  CD1 . PHE A 1 91  ? -6.069  -1.951  -3.269  1.00 20.97 ? 88  PHE A CD1 1 
ATOM   734  C  CD2 . PHE A 1 91  ? -4.486  -0.560  -2.134  1.00 21.69 ? 88  PHE A CD2 1 
ATOM   735  C  CE1 . PHE A 1 91  ? -6.951  -0.876  -3.371  1.00 20.69 ? 88  PHE A CE1 1 
ATOM   736  C  CE2 . PHE A 1 91  ? -5.361  0.525   -2.231  1.00 24.24 ? 88  PHE A CE2 1 
ATOM   737  C  CZ  . PHE A 1 91  ? -6.596  0.362   -2.854  1.00 22.32 ? 88  PHE A CZ  1 
HETATM 738  N  N   . MSE A 1 92  ? -0.976  -2.792  -3.923  1.00 12.88 ? 89  MSE A N   1 
HETATM 739  C  CA  . MSE A 1 92  ? 0.446   -3.064  -3.796  1.00 12.97 ? 89  MSE A CA  1 
HETATM 740  C  C   . MSE A 1 92  ? 1.098   -2.060  -2.873  1.00 13.44 ? 89  MSE A C   1 
HETATM 741  O  O   . MSE A 1 92  ? 0.814   -0.864  -2.940  1.00 13.87 ? 89  MSE A O   1 
HETATM 742  C  CB  . MSE A 1 92  ? 1.137   -2.999  -5.162  1.00 16.79 ? 89  MSE A CB  1 
HETATM 743  C  CG  . MSE A 1 92  ? 2.644   -3.200  -5.097  1.00 23.87 ? 89  MSE A CG  1 
HETATM 744  SE SE  . MSE A 1 92  ? 3.503   -2.997  -6.829  1.00 39.42 ? 89  MSE A SE  1 
HETATM 745  C  CE  . MSE A 1 92  ? 3.701   -1.088  -6.830  1.00 34.51 ? 89  MSE A CE  1 
ATOM   746  N  N   . VAL A 1 93  ? 1.938   -2.558  -1.974  1.00 9.36  ? 90  VAL A N   1 
ATOM   747  C  CA  . VAL A 1 93  ? 2.677   -1.676  -1.094  1.00 10.90 ? 90  VAL A CA  1 
ATOM   748  C  C   . VAL A 1 93  ? 4.121   -1.843  -1.549  1.00 10.27 ? 90  VAL A C   1 
ATOM   749  O  O   . VAL A 1 93  ? 4.729   -2.901  -1.356  1.00 12.71 ? 90  VAL A O   1 
ATOM   750  C  CB  . VAL A 1 93  ? 2.543   -2.078  0.386   1.00 12.01 ? 90  VAL A CB  1 
ATOM   751  C  CG1 . VAL A 1 93  ? 3.384   -1.148  1.239   1.00 13.30 ? 90  VAL A CG1 1 
ATOM   752  C  CG2 . VAL A 1 93  ? 1.074   -2.009  0.815   1.00 12.19 ? 90  VAL A CG2 1 
ATOM   753  N  N   . GLN A 1 94  ? 4.653   -0.809  -2.191  1.00 8.61  ? 91  GLN A N   1 
ATOM   754  C  CA  . GLN A 1 94  ? 6.024   -0.845  -2.685  1.00 10.38 ? 91  GLN A CA  1 
ATOM   755  C  C   . GLN A 1 94  ? 6.910   -0.072  -1.724  1.00 10.95 ? 91  GLN A C   1 
ATOM   756  O  O   . GLN A 1 94  ? 6.600   1.057   -1.345  1.00 9.89  ? 91  GLN A O   1 
ATOM   757  C  CB  . GLN A 1 94  ? 6.082   -0.249  -4.092  1.00 13.55 ? 91  GLN A CB  1 
ATOM   758  C  CG  . GLN A 1 94  ? 7.474   -0.140  -4.670  1.00 17.98 ? 91  GLN A CG  1 
ATOM   759  C  CD  . GLN A 1 94  ? 7.447   0.033   -6.173  1.00 21.77 ? 91  GLN A CD  1 
ATOM   760  O  OE1 . GLN A 1 94  ? 7.396   -0.945  -6.922  1.00 25.15 ? 91  GLN A OE1 1 
ATOM   761  N  NE2 . GLN A 1 94  ? 7.458   1.278   -6.621  1.00 21.75 ? 91  GLN A NE2 1 
ATOM   762  N  N   . THR A 1 95  ? 8.016   -0.678  -1.317  1.00 7.92  ? 92  THR A N   1 
ATOM   763  C  CA  . THR A 1 95  ? 8.871   -0.014  -0.358  1.00 10.34 ? 92  THR A CA  1 
ATOM   764  C  C   . THR A 1 95  ? 10.337  -0.006  -0.740  1.00 9.98  ? 92  THR A C   1 
ATOM   765  O  O   . THR A 1 95  ? 10.778  -0.759  -1.611  1.00 10.47 ? 92  THR A O   1 
ATOM   766  C  CB  . THR A 1 95  ? 8.728   -0.674  1.018   1.00 10.03 ? 92  THR A CB  1 
ATOM   767  O  OG1 . THR A 1 95  ? 9.173   -2.037  0.938   1.00 11.43 ? 92  THR A OG1 1 
ATOM   768  C  CG2 . THR A 1 95  ? 7.275   -0.668  1.455   1.00 10.60 ? 92  THR A CG2 1 
ATOM   769  N  N   . ILE A 1 96  ? 11.089  0.866   -0.083  1.00 9.47  ? 93  ILE A N   1 
ATOM   770  C  CA  . ILE A 1 96  ? 12.518  0.970   -0.338  1.00 10.34 ? 93  ILE A CA  1 
ATOM   771  C  C   . ILE A 1 96  ? 13.194  1.564   0.888   1.00 11.33 ? 93  ILE A C   1 
ATOM   772  O  O   . ILE A 1 96  ? 12.631  2.424   1.567   1.00 12.18 ? 93  ILE A O   1 
ATOM   773  C  CB  . ILE A 1 96  ? 12.789  1.853   -1.576  1.00 11.92 ? 93  ILE A CB  1 
ATOM   774  C  CG1 . ILE A 1 96  ? 14.290  1.921   -1.862  1.00 12.68 ? 93  ILE A CG1 1 
ATOM   775  C  CG2 . ILE A 1 96  ? 12.226  3.251   -1.352  1.00 14.83 ? 93  ILE A CG2 1 
ATOM   776  C  CD1 . ILE A 1 96  ? 14.620  2.525   -3.213  1.00 15.53 ? 93  ILE A CD1 1 
ATOM   777  N  N   . PHE A 1 97  ? 14.387  1.073   1.202   1.00 11.65 ? 94  PHE A N   1 
ATOM   778  C  CA  . PHE A 1 97  ? 15.123  1.597   2.341   1.00 12.66 ? 94  PHE A CA  1 
ATOM   779  C  C   . PHE A 1 97  ? 15.680  2.959   1.948   1.00 12.32 ? 94  PHE A C   1 
ATOM   780  O  O   . PHE A 1 97  ? 16.182  3.126   0.845   1.00 13.10 ? 94  PHE A O   1 
ATOM   781  C  CB  . PHE A 1 97  ? 16.289  0.679   2.702   1.00 13.04 ? 94  PHE A CB  1 
ATOM   782  C  CG  . PHE A 1 97  ? 15.888  -0.557  3.452   1.00 14.93 ? 94  PHE A CG  1 
ATOM   783  C  CD1 . PHE A 1 97  ? 15.892  -1.800  2.823   1.00 16.86 ? 94  PHE A CD1 1 
ATOM   784  C  CD2 . PHE A 1 97  ? 15.533  -0.484  4.795   1.00 16.41 ? 94  PHE A CD2 1 
ATOM   785  C  CE1 . PHE A 1 97  ? 15.550  -2.958  3.530   1.00 16.47 ? 94  PHE A CE1 1 
ATOM   786  C  CE2 . PHE A 1 97  ? 15.190  -1.636  5.509   1.00 16.91 ? 94  PHE A CE2 1 
ATOM   787  C  CZ  . PHE A 1 97  ? 15.202  -2.871  4.872   1.00 18.75 ? 94  PHE A CZ  1 
ATOM   788  N  N   . ALA A 1 98  ? 15.583  3.940   2.835   1.00 13.60 ? 95  ALA A N   1 
ATOM   789  C  CA  . ALA A 1 98  ? 16.134  5.250   2.508   1.00 16.25 ? 95  ALA A CA  1 
ATOM   790  C  C   . ALA A 1 98  ? 17.632  5.224   2.791   1.00 18.62 ? 95  ALA A C   1 
ATOM   791  O  O   . ALA A 1 98  ? 18.056  4.779   3.858   1.00 20.47 ? 95  ALA A O   1 
ATOM   792  C  CB  . ALA A 1 98  ? 15.460  6.336   3.352   1.00 18.80 ? 95  ALA A CB  1 
ATOM   793  N  N   . PRO A 1 99  ? 18.460  5.654   1.824   1.00 18.13 ? 96  PRO A N   1 
ATOM   794  C  CA  . PRO A 1 99  ? 19.902  5.645   2.101   1.00 20.86 ? 96  PRO A CA  1 
ATOM   795  C  C   . PRO A 1 99  ? 20.094  6.535   3.332   1.00 21.81 ? 96  PRO A C   1 
ATOM   796  O  O   . PRO A 1 99  ? 19.443  7.571   3.464   1.00 22.58 ? 96  PRO A O   1 
ATOM   797  C  CB  . PRO A 1 99  ? 20.499  6.249   0.835   1.00 20.22 ? 96  PRO A CB  1 
ATOM   798  C  CG  . PRO A 1 99  ? 19.535  5.792   -0.230  1.00 21.29 ? 96  PRO A CG  1 
ATOM   799  C  CD  . PRO A 1 99  ? 18.190  6.021   0.422   1.00 18.99 ? 96  PRO A CD  1 
ATOM   800  N  N   . PRO A 1 100 ? 20.990  6.147   4.247   1.00 22.88 ? 97  PRO A N   1 
ATOM   801  C  CA  . PRO A 1 100 ? 21.224  6.939   5.457   1.00 23.83 ? 97  PRO A CA  1 
ATOM   802  C  C   . PRO A 1 100 ? 21.742  8.360   5.248   1.00 24.13 ? 97  PRO A C   1 
ATOM   803  O  O   . PRO A 1 100 ? 21.584  9.218   6.118   1.00 24.03 ? 97  PRO A O   1 
ATOM   804  C  CB  . PRO A 1 100 ? 22.223  6.081   6.229   1.00 24.48 ? 97  PRO A CB  1 
ATOM   805  C  CG  . PRO A 1 100 ? 23.036  5.478   5.132   1.00 24.05 ? 97  PRO A CG  1 
ATOM   806  C  CD  . PRO A 1 100 ? 21.967  5.049   4.143   1.00 24.13 ? 97  PRO A CD  1 
ATOM   807  N  N   A ASN A 1 101 ? 22.356  8.597   4.091   0.50 24.33 ? 98  ASN A N   1 
ATOM   808  N  N   B ASN A 1 101 ? 22.338  8.613   4.090   0.50 25.04 ? 98  ASN A N   1 
ATOM   809  C  CA  A ASN A 1 101 ? 22.923  9.904   3.775   0.50 24.25 ? 98  ASN A CA  1 
ATOM   810  C  CA  B ASN A 1 101 ? 22.902  9.929   3.799   0.50 25.38 ? 98  ASN A CA  1 
ATOM   811  C  C   A ASN A 1 101 ? 22.192  10.659  2.664   0.50 23.77 ? 98  ASN A C   1 
ATOM   812  C  C   B ASN A 1 101 ? 22.164  10.701  2.709   0.50 25.28 ? 98  ASN A C   1 
ATOM   813  O  O   A ASN A 1 101 ? 22.749  11.594  2.082   0.50 24.46 ? 98  ASN A O   1 
ATOM   814  O  O   B ASN A 1 101 ? 22.683  11.692  2.188   0.50 26.46 ? 98  ASN A O   1 
ATOM   815  C  CB  A ASN A 1 101 ? 24.397  9.751   3.384   0.50 25.67 ? 98  ASN A CB  1 
ATOM   816  C  CB  B ASN A 1 101 ? 24.358  9.763   3.383   0.50 27.24 ? 98  ASN A CB  1 
ATOM   817  C  CG  A ASN A 1 101 ? 25.184  8.916   4.378   0.50 26.16 ? 98  ASN A CG  1 
ATOM   818  C  CG  B ASN A 1 101 ? 24.494  9.016   2.078   0.50 28.42 ? 98  ASN A CG  1 
ATOM   819  O  OD1 A ASN A 1 101 ? 25.187  9.194   5.576   0.50 27.74 ? 98  ASN A OD1 1 
ATOM   820  O  OD1 B ASN A 1 101 ? 23.900  7.951   1.897   0.50 30.02 ? 98  ASN A OD1 1 
ATOM   821  N  ND2 A ASN A 1 101 ? 25.862  7.888   3.880   0.50 27.83 ? 98  ASN A ND2 1 
ATOM   822  N  ND2 B ASN A 1 101 ? 25.274  9.569   1.157   0.50 29.30 ? 98  ASN A ND2 1 
ATOM   823  N  N   . ILE A 1 102 ? 20.960  10.264  2.361   1.00 21.09 ? 99  ILE A N   1 
ATOM   824  C  CA  . ILE A 1 102 ? 20.202  10.946  1.320   1.00 18.83 ? 99  ILE A CA  1 
ATOM   825  C  C   . ILE A 1 102 ? 19.532  12.200  1.907   1.00 18.19 ? 99  ILE A C   1 
ATOM   826  O  O   . ILE A 1 102 ? 19.085  12.195  3.055   1.00 17.14 ? 99  ILE A O   1 
ATOM   827  C  CB  . ILE A 1 102 ? 19.175  9.990   0.679   1.00 17.90 ? 99  ILE A CB  1 
ATOM   828  C  CG1 . ILE A 1 102 ? 18.759  10.532  -0.691  1.00 19.03 ? 99  ILE A CG1 1 
ATOM   829  C  CG2 . ILE A 1 102 ? 17.986  9.801   1.605   1.00 18.28 ? 99  ILE A CG2 1 
ATOM   830  C  CD1 . ILE A 1 102 ? 18.354  9.457   -1.680  1.00 20.32 ? 99  ILE A CD1 1 
ATOM   831  N  N   . SER A 1 103 ? 19.471  13.275  1.119   1.00 17.65 ? 100 SER A N   1 
ATOM   832  C  CA  . SER A 1 103 ? 18.913  14.540  1.603   1.00 18.57 ? 100 SER A CA  1 
ATOM   833  C  C   . SER A 1 103 ? 17.409  14.803  1.470   1.00 18.59 ? 100 SER A C   1 
ATOM   834  O  O   . SER A 1 103 ? 16.897  15.749  2.079   1.00 21.78 ? 100 SER A O   1 
ATOM   835  C  CB  . SER A 1 103 ? 19.699  15.708  0.987   1.00 18.38 ? 100 SER A CB  1 
ATOM   836  O  OG  . SER A 1 103 ? 19.593  15.722  -0.426  1.00 19.27 ? 100 SER A OG  1 
ATOM   837  N  N   . ASP A 1 104 ? 16.696  13.996  0.689   1.00 16.88 ? 101 ASP A N   1 
ATOM   838  C  CA  . ASP A 1 104 ? 15.253  14.177  0.542   1.00 18.53 ? 101 ASP A CA  1 
ATOM   839  C  C   . ASP A 1 104 ? 14.570  12.923  0.005   1.00 18.98 ? 101 ASP A C   1 
ATOM   840  O  O   . ASP A 1 104 ? 15.189  12.101  -0.676  1.00 16.74 ? 101 ASP A O   1 
ATOM   841  C  CB  . ASP A 1 104 ? 14.938  15.395  -0.347  1.00 18.76 ? 101 ASP A CB  1 
ATOM   842  C  CG  . ASP A 1 104 ? 15.202  15.146  -1.818  1.00 19.52 ? 101 ASP A CG  1 
ATOM   843  O  OD1 . ASP A 1 104 ? 14.400  14.440  -2.459  1.00 20.54 ? 101 ASP A OD1 1 
ATOM   844  O  OD2 . ASP A 1 104 ? 16.215  15.666  -2.337  1.00 23.54 ? 101 ASP A OD2 1 
HETATM 845  N  N   . MSE A 1 105 ? 13.284  12.783  0.320   1.00 19.02 ? 102 MSE A N   1 
HETATM 846  C  CA  . MSE A 1 105 ? 12.503  11.617  -0.083  1.00 19.72 ? 102 MSE A CA  1 
HETATM 847  C  C   . MSE A 1 105 ? 12.366  11.407  -1.583  1.00 19.51 ? 102 MSE A C   1 
HETATM 848  O  O   . MSE A 1 105 ? 12.377  10.269  -2.058  1.00 19.22 ? 102 MSE A O   1 
HETATM 849  C  CB  . MSE A 1 105 ? 11.109  11.683  0.552   1.00 24.80 ? 102 MSE A CB  1 
HETATM 850  C  CG  . MSE A 1 105 ? 10.263  10.447  0.325   1.00 30.15 ? 102 MSE A CG  1 
HETATM 851  SE SE  . MSE A 1 105 ? 8.591   10.535  1.297   1.00 40.13 ? 102 MSE A SE  1 
HETATM 852  C  CE  . MSE A 1 105 ? 7.403   10.935  -0.173  1.00 36.24 ? 102 MSE A CE  1 
ATOM   853  N  N   . GLU A 1 106 ? 12.232  12.492  -2.338  1.00 16.30 ? 103 GLU A N   1 
ATOM   854  C  CA  . GLU A 1 106 ? 12.094  12.356  -3.776  1.00 16.65 ? 103 GLU A CA  1 
ATOM   855  C  C   . GLU A 1 106 ? 13.327  11.665  -4.348  1.00 15.63 ? 103 GLU A C   1 
ATOM   856  O  O   . GLU A 1 106 ? 13.214  10.819  -5.237  1.00 15.82 ? 103 GLU A O   1 
ATOM   857  C  CB  . GLU A 1 106 ? 11.926  13.728  -4.438  1.00 20.19 ? 103 GLU A CB  1 
ATOM   858  C  CG  . GLU A 1 106 ? 11.447  13.658  -5.878  1.00 26.10 ? 103 GLU A CG  1 
ATOM   859  C  CD  . GLU A 1 106 ? 11.374  15.024  -6.537  1.00 30.44 ? 103 GLU A CD  1 
ATOM   860  O  OE1 . GLU A 1 106 ? 10.873  15.969  -5.892  1.00 33.36 ? 103 GLU A OE1 1 
ATOM   861  O  OE2 . GLU A 1 106 ? 11.807  15.151  -7.701  1.00 33.36 ? 103 GLU A OE2 1 
ATOM   862  N  N   . ALA A 1 107 ? 14.499  12.027  -3.834  1.00 14.17 ? 104 ALA A N   1 
ATOM   863  C  CA  . ALA A 1 107 ? 15.739  11.439  -4.327  1.00 13.10 ? 104 ALA A CA  1 
ATOM   864  C  C   . ALA A 1 107 ? 15.808  9.943   -4.065  1.00 13.23 ? 104 ALA A C   1 
ATOM   865  O  O   . ALA A 1 107 ? 16.462  9.218   -4.810  1.00 12.86 ? 104 ALA A O   1 
ATOM   866  C  CB  . ALA A 1 107 ? 16.944  12.135  -3.708  1.00 10.83 ? 104 ALA A CB  1 
ATOM   867  N  N   . VAL A 1 108 ? 15.139  9.474   -3.014  1.00 11.76 ? 105 VAL A N   1 
ATOM   868  C  CA  . VAL A 1 108 ? 15.168  8.041   -2.705  1.00 12.84 ? 105 VAL A CA  1 
ATOM   869  C  C   . VAL A 1 108 ? 14.609  7.257   -3.893  1.00 12.07 ? 105 VAL A C   1 
ATOM   870  O  O   . VAL A 1 108 ? 15.205  6.279   -4.342  1.00 12.63 ? 105 VAL A O   1 
ATOM   871  C  CB  . VAL A 1 108 ? 14.338  7.704   -1.434  1.00 12.16 ? 105 VAL A CB  1 
ATOM   872  C  CG1 . VAL A 1 108 ? 14.213  6.196   -1.280  1.00 13.42 ? 105 VAL A CG1 1 
ATOM   873  C  CG2 . VAL A 1 108 ? 15.006  8.287   -0.198  1.00 11.59 ? 105 VAL A CG2 1 
ATOM   874  N  N   . TRP A 1 109 ? 13.472  7.701   -4.417  1.00 14.15 ? 106 TRP A N   1 
ATOM   875  C  CA  . TRP A 1 109 ? 12.855  7.011   -5.540  1.00 14.71 ? 106 TRP A CA  1 
ATOM   876  C  C   . TRP A 1 109 ? 13.503  7.316   -6.889  1.00 15.16 ? 106 TRP A C   1 
ATOM   877  O  O   . TRP A 1 109 ? 13.577  6.447   -7.761  1.00 16.22 ? 106 TRP A O   1 
ATOM   878  C  CB  . TRP A 1 109 ? 11.357  7.340   -5.603  1.00 14.07 ? 106 TRP A CB  1 
ATOM   879  C  CG  . TRP A 1 109 ? 10.599  6.937   -4.367  1.00 13.93 ? 106 TRP A CG  1 
ATOM   880  C  CD1 . TRP A 1 109 ? 10.290  7.728   -3.296  1.00 13.47 ? 106 TRP A CD1 1 
ATOM   881  C  CD2 . TRP A 1 109 ? 10.064  5.640   -4.075  1.00 14.68 ? 106 TRP A CD2 1 
ATOM   882  N  NE1 . TRP A 1 109 ? 9.593   7.004   -2.359  1.00 13.55 ? 106 TRP A NE1 1 
ATOM   883  C  CE2 . TRP A 1 109 ? 9.441   5.720   -2.809  1.00 12.38 ? 106 TRP A CE2 1 
ATOM   884  C  CE3 . TRP A 1 109 ? 10.053  4.416   -4.758  1.00 16.85 ? 106 TRP A CE3 1 
ATOM   885  C  CZ2 . TRP A 1 109 ? 8.808   4.623   -2.211  1.00 13.72 ? 106 TRP A CZ2 1 
ATOM   886  C  CZ3 . TRP A 1 109 ? 9.423   3.323   -4.162  1.00 16.68 ? 106 TRP A CZ3 1 
ATOM   887  C  CH2 . TRP A 1 109 ? 8.812   3.437   -2.902  1.00 15.19 ? 106 TRP A CH2 1 
ATOM   888  N  N   . LYS A 1 110 ? 13.982  8.544   -7.061  1.00 16.45 ? 107 LYS A N   1 
ATOM   889  C  CA  . LYS A 1 110 ? 14.599  8.934   -8.323  1.00 17.73 ? 107 LYS A CA  1 
ATOM   890  C  C   . LYS A 1 110 ? 15.860  8.138   -8.643  1.00 17.70 ? 107 LYS A C   1 
ATOM   891  O  O   . LYS A 1 110 ? 16.083  7.750   -9.791  1.00 19.42 ? 107 LYS A O   1 
ATOM   892  C  CB  . LYS A 1 110 ? 14.939  10.425  -8.310  1.00 22.09 ? 107 LYS A CB  1 
ATOM   893  C  CG  . LYS A 1 110 ? 15.519  10.930  -9.623  1.00 26.73 ? 107 LYS A CG  1 
ATOM   894  C  CD  . LYS A 1 110 ? 14.536  10.733  -10.764 1.00 30.53 ? 107 LYS A CD  1 
ATOM   895  C  CE  . LYS A 1 110 ? 15.107  11.228  -12.085 1.00 32.94 ? 107 LYS A CE  1 
ATOM   896  N  NZ  . LYS A 1 110 ? 15.434  12.680  -12.038 1.00 35.87 ? 107 LYS A NZ  1 
ATOM   897  N  N   . GLU A 1 111 ? 16.680  7.902   -7.628  1.00 16.74 ? 108 GLU A N   1 
ATOM   898  C  CA  . GLU A 1 111 ? 17.932  7.173   -7.808  1.00 17.59 ? 108 GLU A CA  1 
ATOM   899  C  C   . GLU A 1 111 ? 17.789  5.674   -7.560  1.00 18.94 ? 108 GLU A C   1 
ATOM   900  O  O   . GLU A 1 111 ? 18.761  4.929   -7.678  1.00 19.47 ? 108 GLU A O   1 
ATOM   901  C  CB  . GLU A 1 111 ? 19.002  7.736   -6.867  1.00 19.60 ? 108 GLU A CB  1 
ATOM   902  C  CG  . GLU A 1 111 ? 19.264  9.237   -7.006  1.00 21.39 ? 108 GLU A CG  1 
ATOM   903  C  CD  . GLU A 1 111 ? 19.630  9.653   -8.426  1.00 25.55 ? 108 GLU A CD  1 
ATOM   904  O  OE1 . GLU A 1 111 ? 20.385  8.917   -9.093  1.00 26.57 ? 108 GLU A OE1 1 
ATOM   905  O  OE2 . GLU A 1 111 ? 19.171  10.726  -8.872  1.00 25.95 ? 108 GLU A OE2 1 
ATOM   906  N  N   . ALA A 1 112 ? 16.581  5.229   -7.225  1.00 17.86 ? 109 ALA A N   1 
ATOM   907  C  CA  . ALA A 1 112 ? 16.351  3.814   -6.938  1.00 19.38 ? 109 ALA A CA  1 
ATOM   908  C  C   . ALA A 1 112 ? 16.583  2.878   -8.117  1.00 20.56 ? 109 ALA A C   1 
ATOM   909  O  O   . ALA A 1 112 ? 16.293  3.211   -9.266  1.00 20.94 ? 109 ALA A O   1 
ATOM   910  C  CB  . ALA A 1 112 ? 14.937  3.612   -6.411  1.00 18.49 ? 109 ALA A CB  1 
ATOM   911  N  N   . LYS A 1 113 ? 17.112  1.699   -7.811  1.00 21.97 ? 110 LYS A N   1 
ATOM   912  C  CA  . LYS A 1 113 ? 17.350  0.663   -8.811  1.00 23.23 ? 110 LYS A CA  1 
ATOM   913  C  C   . LYS A 1 113 ? 16.272  -0.383  -8.560  1.00 21.63 ? 110 LYS A C   1 
ATOM   914  O  O   . LYS A 1 113 ? 15.848  -0.571  -7.424  1.00 20.64 ? 110 LYS A O   1 
ATOM   915  C  CB  . LYS A 1 113 ? 18.728  0.025   -8.623  1.00 27.09 ? 110 LYS A CB  1 
ATOM   916  C  CG  . LYS A 1 113 ? 19.899  0.857   -9.123  1.00 31.32 ? 110 LYS A CG  1 
ATOM   917  C  CD  . LYS A 1 113 ? 21.218  0.146   -8.853  1.00 35.30 ? 110 LYS A CD  1 
ATOM   918  C  CE  . LYS A 1 113 ? 21.225  -1.262  -9.448  1.00 38.01 ? 110 LYS A CE  1 
ATOM   919  N  NZ  . LYS A 1 113 ? 22.459  -2.024  -9.105  1.00 40.72 ? 110 LYS A NZ  1 
ATOM   920  N  N   . PRO A 1 114 ? 15.818  -1.077  -9.614  1.00 21.39 ? 111 PRO A N   1 
ATOM   921  C  CA  . PRO A 1 114 ? 14.778  -2.109  -9.501  1.00 21.11 ? 111 PRO A CA  1 
ATOM   922  C  C   . PRO A 1 114 ? 15.003  -3.129  -8.384  1.00 20.93 ? 111 PRO A C   1 
ATOM   923  O  O   . PRO A 1 114 ? 14.064  -3.508  -7.679  1.00 19.92 ? 111 PRO A O   1 
ATOM   924  C  CB  . PRO A 1 114 ? 14.797  -2.759  -10.879 1.00 21.98 ? 111 PRO A CB  1 
ATOM   925  C  CG  . PRO A 1 114 ? 15.148  -1.615  -11.775 1.00 23.02 ? 111 PRO A CG  1 
ATOM   926  C  CD  . PRO A 1 114 ? 16.261  -0.935  -11.013 1.00 23.04 ? 111 PRO A CD  1 
ATOM   927  N  N   . ASP A 1 115 ? 16.246  -3.572  -8.230  1.00 21.33 ? 112 ASP A N   1 
ATOM   928  C  CA  . ASP A 1 115 ? 16.589  -4.561  -7.215  1.00 20.84 ? 112 ASP A CA  1 
ATOM   929  C  C   . ASP A 1 115 ? 16.514  -4.052  -5.780  1.00 20.44 ? 112 ASP A C   1 
ATOM   930  O  O   . ASP A 1 115 ? 16.667  -4.828  -4.836  1.00 21.61 ? 112 ASP A O   1 
ATOM   931  C  CB  . ASP A 1 115 ? 17.990  -5.120  -7.486  1.00 23.51 ? 112 ASP A CB  1 
ATOM   932  C  CG  . ASP A 1 115 ? 19.026  -4.032  -7.678  1.00 24.64 ? 112 ASP A CG  1 
ATOM   933  O  OD1 . ASP A 1 115 ? 19.211  -3.206  -6.758  1.00 26.93 ? 112 ASP A OD1 1 
ATOM   934  O  OD2 . ASP A 1 115 ? 19.659  -4.000  -8.755  0.00 25.17 ? 112 ASP A OD2 1 
ATOM   935  N  N   . GLU A 1 116 ? 16.277  -2.755  -5.608  1.00 16.96 ? 113 GLU A N   1 
ATOM   936  C  CA  . GLU A 1 116 ? 16.200  -2.177  -4.273  1.00 17.28 ? 113 GLU A CA  1 
ATOM   937  C  C   . GLU A 1 116 ? 14.756  -2.061  -3.808  1.00 14.51 ? 113 GLU A C   1 
ATOM   938  O  O   . GLU A 1 116 ? 14.488  -1.752  -2.649  1.00 16.24 ? 113 GLU A O   1 
ATOM   939  C  CB  . GLU A 1 116 ? 16.872  -0.799  -4.262  1.00 19.00 ? 113 GLU A CB  1 
ATOM   940  C  CG  . GLU A 1 116 ? 18.366  -0.869  -4.572  1.00 24.72 ? 113 GLU A CG  1 
ATOM   941  C  CD  . GLU A 1 116 ? 18.998  0.485   -4.852  1.00 28.56 ? 113 GLU A CD  1 
ATOM   942  O  OE1 . GLU A 1 116 ? 20.245  0.546   -4.931  1.00 31.39 ? 113 GLU A OE1 1 
ATOM   943  O  OE2 . GLU A 1 116 ? 18.258  1.480   -5.003  1.00 28.41 ? 113 GLU A OE2 1 
ATOM   944  N  N   . LEU A 1 117 ? 13.828  -2.329  -4.714  1.00 15.35 ? 114 LEU A N   1 
ATOM   945  C  CA  . LEU A 1 117 ? 12.413  -2.248  -4.382  1.00 14.78 ? 114 LEU A CA  1 
ATOM   946  C  C   . LEU A 1 117 ? 11.901  -3.529  -3.720  1.00 15.82 ? 114 LEU A C   1 
ATOM   947  O  O   . LEU A 1 117 ? 12.360  -4.631  -4.024  1.00 16.13 ? 114 LEU A O   1 
ATOM   948  C  CB  . LEU A 1 117 ? 11.605  -1.974  -5.647  1.00 16.54 ? 114 LEU A CB  1 
ATOM   949  C  CG  . LEU A 1 117 ? 12.014  -0.727  -6.436  1.00 19.03 ? 114 LEU A CG  1 
ATOM   950  C  CD1 . LEU A 1 117 ? 11.209  -0.645  -7.726  1.00 20.18 ? 114 LEU A CD1 1 
ATOM   951  C  CD2 . LEU A 1 117 ? 11.785  0.502   -5.574  1.00 21.50 ? 114 LEU A CD2 1 
HETATM 952  N  N   . MSE A 1 118 ? 10.952  -3.370  -2.806  1.00 12.28 ? 115 MSE A N   1 
HETATM 953  C  CA  . MSE A 1 118 ? 10.329  -4.501  -2.117  1.00 13.85 ? 115 MSE A CA  1 
HETATM 954  C  C   . MSE A 1 118 ? 8.838   -4.309  -2.329  1.00 15.20 ? 115 MSE A C   1 
HETATM 955  O  O   . MSE A 1 118 ? 8.325   -3.207  -2.142  1.00 16.43 ? 115 MSE A O   1 
HETATM 956  C  CB  . MSE A 1 118 ? 10.641  -4.471  -0.623  1.00 11.85 ? 115 MSE A CB  1 
HETATM 957  C  CG  . MSE A 1 118 ? 12.117  -4.681  -0.292  1.00 13.96 ? 115 MSE A CG  1 
HETATM 958  SE SE  . MSE A 1 118 ? 12.549  -4.218  1.519   1.00 15.78 ? 115 MSE A SE  1 
HETATM 959  C  CE  . MSE A 1 118 ? 12.611  -2.279  1.316   1.00 12.99 ? 115 MSE A CE  1 
ATOM   960  N  N   . ASP A 1 119 ? 8.142   -5.365  -2.730  1.00 16.33 ? 116 ASP A N   1 
ATOM   961  C  CA  . ASP A 1 119 ? 6.709   -5.254  -2.977  1.00 18.39 ? 116 ASP A CA  1 
ATOM   962  C  C   . ASP A 1 119 ? 5.890   -6.265  -2.189  1.00 18.63 ? 116 ASP A C   1 
ATOM   963  O  O   . ASP A 1 119 ? 6.343   -7.378  -1.923  1.00 18.66 ? 116 ASP A O   1 
ATOM   964  C  CB  . ASP A 1 119 ? 6.410   -5.440  -4.471  1.00 23.57 ? 116 ASP A CB  1 
ATOM   965  C  CG  . ASP A 1 119 ? 6.982   -4.323  -5.340  1.00 28.43 ? 116 ASP A CG  1 
ATOM   966  O  OD1 . ASP A 1 119 ? 6.799   -4.376  -6.576  1.00 32.41 ? 116 ASP A OD1 1 
ATOM   967  O  OD2 . ASP A 1 119 ? 7.610   -3.394  -4.797  1.00 33.49 ? 116 ASP A OD2 1 
ATOM   968  N  N   . SER A 1 120 ? 4.681   -5.857  -1.818  1.00 16.04 ? 117 SER A N   1 
ATOM   969  C  CA  . SER A 1 120 ? 3.736   -6.711  -1.103  1.00 15.08 ? 117 SER A CA  1 
ATOM   970  C  C   . SER A 1 120 ? 2.399   -6.489  -1.791  1.00 14.42 ? 117 SER A C   1 
ATOM   971  O  O   . SER A 1 120 ? 2.038   -5.351  -2.086  1.00 13.03 ? 117 SER A O   1 
ATOM   972  C  CB  . SER A 1 120 ? 3.617   -6.312  0.371   1.00 17.40 ? 117 SER A CB  1 
ATOM   973  O  OG  . SER A 1 120 ? 4.798   -6.620  1.086   1.00 20.39 ? 117 SER A OG  1 
ATOM   974  N  N   . LYS A 1 121 ? 1.672   -7.569  -2.063  1.00 11.33 ? 118 LYS A N   1 
ATOM   975  C  CA  . LYS A 1 121 ? 0.374   -7.452  -2.722  1.00 11.59 ? 118 LYS A CA  1 
ATOM   976  C  C   . LYS A 1 121 ? -0.758  -7.907  -1.811  1.00 11.87 ? 118 LYS A C   1 
ATOM   977  O  O   . LYS A 1 121 ? -0.596  -8.832  -1.015  1.00 12.93 ? 118 LYS A O   1 
ATOM   978  C  CB  . LYS A 1 121 ? 0.349   -8.292  -4.002  1.00 13.81 ? 118 LYS A CB  1 
ATOM   979  C  CG  . LYS A 1 121 ? 1.306   -7.841  -5.081  1.00 19.70 ? 118 LYS A CG  1 
ATOM   980  C  CD  . LYS A 1 121 ? 0.817   -6.578  -5.760  1.00 22.86 ? 118 LYS A CD  1 
ATOM   981  C  CE  . LYS A 1 121 ? 1.757   -6.163  -6.883  1.00 26.08 ? 118 LYS A CE  1 
ATOM   982  N  NZ  . LYS A 1 121 ? 1.915   -7.232  -7.908  1.00 27.83 ? 118 LYS A NZ  1 
ATOM   983  N  N   . LEU A 1 122 ? -1.900  -7.239  -1.938  1.00 10.03 ? 119 LEU A N   1 
ATOM   984  C  CA  . LEU A 1 122 ? -3.088  -7.560  -1.160  1.00 11.91 ? 119 LEU A CA  1 
ATOM   985  C  C   . LEU A 1 122 ? -4.253  -7.742  -2.120  1.00 11.49 ? 119 LEU A C   1 
ATOM   986  O  O   . LEU A 1 122 ? -4.362  -7.034  -3.121  1.00 14.14 ? 119 LEU A O   1 
ATOM   987  C  CB  . LEU A 1 122 ? -3.424  -6.427  -0.180  1.00 14.31 ? 119 LEU A CB  1 
ATOM   988  C  CG  . LEU A 1 122 ? -2.448  -6.068  0.944   1.00 17.44 ? 119 LEU A CG  1 
ATOM   989  C  CD1 . LEU A 1 122 ? -2.122  -7.305  1.755   1.00 20.85 ? 119 LEU A CD1 1 
ATOM   990  C  CD2 . LEU A 1 122 ? -1.186  -5.455  0.366   1.00 21.53 ? 119 LEU A CD2 1 
ATOM   991  N  N   . ARG A 1 123 ? -5.126  -8.693  -1.816  1.00 11.84 ? 120 ARG A N   1 
ATOM   992  C  CA  . ARG A 1 123 ? -6.284  -8.943  -2.655  1.00 13.51 ? 120 ARG A CA  1 
ATOM   993  C  C   . ARG A 1 123 ? -7.483  -8.189  -2.081  1.00 13.32 ? 120 ARG A C   1 
ATOM   994  O  O   . ARG A 1 123 ? -7.683  -8.171  -0.869  1.00 13.83 ? 120 ARG A O   1 
ATOM   995  C  CB  . ARG A 1 123 ? -6.562  -10.453 -2.696  1.00 17.39 ? 120 ARG A CB  1 
ATOM   996  C  CG  . ARG A 1 123 ? -7.771  -10.857 -3.498  1.00 21.46 ? 120 ARG A CG  1 
ATOM   997  C  CD  . ARG A 1 123 ? -7.812  -12.366 -3.676  0.00 21.60 ? 120 ARG A CD  1 
ATOM   998  N  NE  . ARG A 1 123 ? -7.752  -13.071 -2.398  0.00 22.99 ? 120 ARG A NE  1 
ATOM   999  C  CZ  . ARG A 1 123 ? -7.673  -14.393 -2.276  0.00 23.51 ? 120 ARG A CZ  1 
ATOM   1000 N  NH1 . ARG A 1 123 ? -7.645  -15.160 -3.357  0.00 23.99 ? 120 ARG A NH1 1 
ATOM   1001 N  NH2 . ARG A 1 123 ? -7.622  -14.948 -1.073  0.00 23.99 ? 120 ARG A NH2 1 
ATOM   1002 N  N   . CYS A 1 124 ? -8.264  -7.540  -2.941  1.00 12.85 ? 121 CYS A N   1 
ATOM   1003 C  CA  . CYS A 1 124 ? -9.443  -6.825  -2.467  1.00 15.78 ? 121 CYS A CA  1 
ATOM   1004 C  C   . CYS A 1 124 ? -10.638 -7.764  -2.541  1.00 16.29 ? 121 CYS A C   1 
ATOM   1005 O  O   . CYS A 1 124 ? -10.913 -8.346  -3.591  1.00 19.68 ? 121 CYS A O   1 
ATOM   1006 C  CB  . CYS A 1 124 ? -9.697  -5.583  -3.324  1.00 15.67 ? 121 CYS A CB  1 
ATOM   1007 S  SG  . CYS A 1 124 ? -8.447  -4.316  -3.128  1.00 18.24 ? 121 CYS A SG  1 
ATOM   1008 N  N   . VAL A 1 125 ? -11.342 -7.921  -1.429  1.00 14.10 ? 122 VAL A N   1 
ATOM   1009 C  CA  . VAL A 1 125 ? -12.506 -8.803  -1.399  1.00 15.33 ? 122 VAL A CA  1 
ATOM   1010 C  C   . VAL A 1 125 ? -13.762 -8.011  -1.056  1.00 13.67 ? 122 VAL A C   1 
ATOM   1011 O  O   . VAL A 1 125 ? -13.781 -7.280  -0.066  1.00 14.94 ? 122 VAL A O   1 
ATOM   1012 C  CB  . VAL A 1 125 ? -12.316 -9.915  -0.355  1.00 16.39 ? 122 VAL A CB  1 
ATOM   1013 C  CG1 . VAL A 1 125 ? -13.461 -10.914 -0.438  1.00 17.52 ? 122 VAL A CG1 1 
ATOM   1014 C  CG2 . VAL A 1 125 ? -10.982 -10.602 -0.576  1.00 19.38 ? 122 VAL A CG2 1 
ATOM   1015 N  N   . PHE A 1 126 ? -14.795 -8.139  -1.886  1.00 13.85 ? 123 PHE A N   1 
ATOM   1016 C  CA  . PHE A 1 126 ? -16.057 -7.438  -1.647  1.00 14.15 ? 123 PHE A CA  1 
ATOM   1017 C  C   . PHE A 1 126 ? -17.059 -8.440  -1.092  1.00 14.05 ? 123 PHE A C   1 
ATOM   1018 O  O   . PHE A 1 126 ? -17.460 -9.375  -1.787  1.00 17.09 ? 123 PHE A O   1 
ATOM   1019 C  CB  . PHE A 1 126 ? -16.635 -6.856  -2.945  1.00 15.46 ? 123 PHE A CB  1 
ATOM   1020 C  CG  . PHE A 1 126 ? -15.765 -5.825  -3.611  1.00 15.72 ? 123 PHE A CG  1 
ATOM   1021 C  CD1 . PHE A 1 126 ? -14.698 -5.238  -2.940  1.00 16.97 ? 123 PHE A CD1 1 
ATOM   1022 C  CD2 . PHE A 1 126 ? -16.038 -5.423  -4.915  1.00 18.30 ? 123 PHE A CD2 1 
ATOM   1023 C  CE1 . PHE A 1 126 ? -13.913 -4.266  -3.562  1.00 16.52 ? 123 PHE A CE1 1 
ATOM   1024 C  CE2 . PHE A 1 126 ? -15.263 -4.452  -5.547  1.00 18.27 ? 123 PHE A CE2 1 
ATOM   1025 C  CZ  . PHE A 1 126 ? -14.200 -3.873  -4.870  1.00 16.58 ? 123 PHE A CZ  1 
ATOM   1026 N  N   . GLU A 1 127 ? -17.460 -8.255  0.159   1.00 14.62 ? 124 GLU A N   1 
ATOM   1027 C  CA  . GLU A 1 127 ? -18.423 -9.159  0.763   1.00 16.85 ? 124 GLU A CA  1 
ATOM   1028 C  C   . GLU A 1 127 ? -19.769 -8.468  0.875   1.00 18.27 ? 124 GLU A C   1 
ATOM   1029 O  O   . GLU A 1 127 ? -19.859 -7.324  1.329   1.00 18.48 ? 124 GLU A O   1 
ATOM   1030 C  CB  . GLU A 1 127 ? -17.941 -9.603  2.146   1.00 19.93 ? 124 GLU A CB  1 
ATOM   1031 C  CG  . GLU A 1 127 ? -16.660 -10.421 2.095   1.00 25.01 ? 124 GLU A CG  1 
ATOM   1032 C  CD  . GLU A 1 127 ? -16.243 -10.961 3.451   1.00 28.35 ? 124 GLU A CD  1 
ATOM   1033 O  OE1 . GLU A 1 127 ? -15.214 -11.667 3.510   1.00 30.61 ? 124 GLU A OE1 1 
ATOM   1034 O  OE2 . GLU A 1 127 ? -16.939 -10.682 4.452   1.00 31.72 ? 124 GLU A OE2 1 
HETATM 1035 N  N   . MSE A 1 128 ? -20.815 -9.159  0.440   1.00 18.37 ? 125 MSE A N   1 
HETATM 1036 C  CA  . MSE A 1 128 ? -22.160 -8.609  0.506   1.00 19.22 ? 125 MSE A CA  1 
HETATM 1037 C  C   . MSE A 1 128 ? -22.556 -8.443  1.969   1.00 21.78 ? 125 MSE A C   1 
HETATM 1038 O  O   . MSE A 1 128 ? -23.162 -7.402  2.304   1.00 23.20 ? 125 MSE A O   1 
HETATM 1039 O  OXT . MSE A 1 128 ? -22.263 -9.365  2.761   1.00 21.03 ? 125 MSE A OXT 1 
HETATM 1040 C  CB  . MSE A 1 128 ? -23.152 -9.535  -0.202  1.00 20.05 ? 125 MSE A CB  1 
HETATM 1041 C  CG  . MSE A 1 128 ? -22.839 -9.764  -1.673  1.00 20.05 ? 125 MSE A CG  1 
HETATM 1042 SE SE  . MSE A 1 128 ? -24.223 -10.782 -2.561  1.00 24.21 ? 125 MSE A SE  1 
HETATM 1043 C  CE  . MSE A 1 128 ? -24.246 -9.857  -4.259  1.00 21.89 ? 125 MSE A CE  1 
HETATM 1044 O  O   . HOH B 2 .   ? 15.901  -0.905  -0.440  1.00 13.85 ? 126 HOH A O   1 
HETATM 1045 O  O   . HOH B 2 .   ? -15.943 1.473   -6.715  1.00 15.92 ? 127 HOH A O   1 
HETATM 1046 O  O   . HOH B 2 .   ? -18.477 1.432   -1.629  1.00 13.77 ? 128 HOH A O   1 
HETATM 1047 O  O   . HOH B 2 .   ? -5.002  -10.890 5.447   1.00 16.25 ? 129 HOH A O   1 
HETATM 1048 O  O   . HOH B 2 .   ? -5.354  6.880   7.709   1.00 17.77 ? 130 HOH A O   1 
HETATM 1049 O  O   . HOH B 2 .   ? -7.728  -3.248  -13.367 1.00 20.75 ? 131 HOH A O   1 
HETATM 1050 O  O   . HOH B 2 .   ? 14.807  -5.364  -2.750  1.00 17.35 ? 132 HOH A O   1 
HETATM 1051 O  O   . HOH B 2 .   ? 2.861   -10.079 -1.611  1.00 23.38 ? 133 HOH A O   1 
HETATM 1052 O  O   . HOH B 2 .   ? 7.452   7.525   -0.516  1.00 21.55 ? 134 HOH A O   1 
HETATM 1053 O  O   . HOH B 2 .   ? 3.292   -8.455  6.688   1.00 19.09 ? 135 HOH A O   1 
HETATM 1054 O  O   . HOH B 2 .   ? -24.559 -5.562  1.097   1.00 17.60 ? 136 HOH A O   1 
HETATM 1055 O  O   . HOH B 2 .   ? 17.728  5.371   -3.595  1.00 20.77 ? 137 HOH A O   1 
HETATM 1056 O  O   . HOH B 2 .   ? -12.692 -2.330  -11.964 1.00 27.16 ? 138 HOH A O   1 
HETATM 1057 O  O   . HOH B 2 .   ? -20.391 -5.358  -9.596  1.00 23.79 ? 139 HOH A O   1 
HETATM 1058 O  O   . HOH B 2 .   ? 1.297   -3.612  10.698  1.00 24.01 ? 140 HOH A O   1 
HETATM 1059 O  O   . HOH B 2 .   ? 2.209   -9.369  4.463   1.00 19.53 ? 141 HOH A O   1 
HETATM 1060 O  O   . HOH B 2 .   ? -12.082 -6.508  -6.053  1.00 18.68 ? 142 HOH A O   1 
HETATM 1061 O  O   . HOH B 2 .   ? -21.662 2.026   -10.414 1.00 23.02 ? 143 HOH A O   1 
HETATM 1062 O  O   . HOH B 2 .   ? 13.480  16.760  -4.961  1.00 24.62 ? 144 HOH A O   1 
HETATM 1063 O  O   . HOH B 2 .   ? 16.287  15.658  -5.065  1.00 22.68 ? 145 HOH A O   1 
HETATM 1064 O  O   . HOH B 2 .   ? 27.104  8.164   -0.213  1.00 24.30 ? 146 HOH A O   1 
HETATM 1065 O  O   . HOH B 2 .   ? -25.404 -11.934 -8.786  1.00 19.82 ? 147 HOH A O   1 
HETATM 1066 O  O   . HOH B 2 .   ? -2.783  4.649   -4.049  1.00 23.35 ? 148 HOH A O   1 
HETATM 1067 O  O   . HOH B 2 .   ? -7.881  -5.201  -11.367 1.00 24.56 ? 149 HOH A O   1 
HETATM 1068 O  O   . HOH B 2 .   ? -5.652  -2.881  9.940   1.00 24.78 ? 150 HOH A O   1 
HETATM 1069 O  O   . HOH B 2 .   ? -1.290  10.851  0.320   1.00 24.72 ? 151 HOH A O   1 
HETATM 1070 O  O   . HOH B 2 .   ? -15.382 5.379   -9.009  1.00 25.58 ? 152 HOH A O   1 
HETATM 1071 O  O   . HOH B 2 .   ? 7.139   7.662   11.014  1.00 29.95 ? 153 HOH A O   1 
HETATM 1072 O  O   . HOH B 2 .   ? 0.925   -9.370  1.208   1.00 22.51 ? 154 HOH A O   1 
HETATM 1073 O  O   . HOH B 2 .   ? -21.266 -12.169 3.122   1.00 22.29 ? 155 HOH A O   1 
HETATM 1074 O  O   . HOH B 2 .   ? -2.040  8.044   8.680   1.00 26.36 ? 156 HOH A O   1 
HETATM 1075 O  O   . HOH B 2 .   ? 6.310   -7.501  -7.566  1.00 34.58 ? 157 HOH A O   1 
HETATM 1076 O  O   . HOH B 2 .   ? -16.970 8.355   -6.074  1.00 21.42 ? 158 HOH A O   1 
HETATM 1077 O  O   . HOH B 2 .   ? -8.675  -9.561  -5.900  1.00 28.03 ? 159 HOH A O   1 
HETATM 1078 O  O   . HOH B 2 .   ? -9.624  5.032   8.230   1.00 28.86 ? 160 HOH A O   1 
HETATM 1079 O  O   . HOH B 2 .   ? -9.181  2.723   -12.217 1.00 23.97 ? 161 HOH A O   1 
HETATM 1080 O  O   . HOH B 2 .   ? 4.363   -8.670  2.692   1.00 24.49 ? 162 HOH A O   1 
HETATM 1081 O  O   . HOH B 2 .   ? 17.720  1.564   -0.605  1.00 22.74 ? 163 HOH A O   1 
HETATM 1082 O  O   . HOH B 2 .   ? -20.410 3.097   3.986   1.00 21.47 ? 164 HOH A O   1 
HETATM 1083 O  O   . HOH B 2 .   ? 18.371  2.926   -2.948  1.00 23.85 ? 165 HOH A O   1 
HETATM 1084 O  O   . HOH B 2 .   ? 0.223   -8.697  10.312  1.00 26.14 ? 166 HOH A O   1 
HETATM 1085 O  O   . HOH B 2 .   ? -10.527 -1.488  8.823   1.00 24.20 ? 167 HOH A O   1 
HETATM 1086 O  O   . HOH B 2 .   ? -17.746 6.323   4.354   1.00 24.76 ? 168 HOH A O   1 
HETATM 1087 O  O   . HOH B 2 .   ? -8.513  -3.865  7.173   1.00 24.33 ? 169 HOH A O   1 
HETATM 1088 O  O   . HOH B 2 .   ? -21.322 -0.813  4.236   1.00 25.21 ? 170 HOH A O   1 
HETATM 1089 O  O   . HOH B 2 .   ? 8.782   -10.212 4.198   1.00 30.47 ? 171 HOH A O   1 
HETATM 1090 O  O   . HOH B 2 .   ? 9.808   -7.081  -4.480  1.00 23.34 ? 172 HOH A O   1 
HETATM 1091 O  O   . HOH B 2 .   ? -17.379 -4.259  -8.631  1.00 23.87 ? 173 HOH A O   1 
HETATM 1092 O  O   . HOH B 2 .   ? 11.880  -8.900  6.649   1.00 30.40 ? 174 HOH A O   1 
HETATM 1093 O  O   . HOH B 2 .   ? -22.380 2.115   2.073   1.00 23.54 ? 175 HOH A O   1 
HETATM 1094 O  O   . HOH B 2 .   ? -4.211  12.820  3.560   1.00 25.36 ? 176 HOH A O   1 
HETATM 1095 O  O   . HOH B 2 .   ? 9.245   -8.097  -1.535  1.00 29.93 ? 177 HOH A O   1 
HETATM 1096 O  O   . HOH B 2 .   ? -9.556  -6.425  5.806   1.00 26.22 ? 178 HOH A O   1 
HETATM 1097 O  O   . HOH B 2 .   ? 21.408  18.052  -0.574  1.00 24.81 ? 179 HOH A O   1 
HETATM 1098 O  O   . HOH B 2 .   ? 5.760   10.543  5.547   1.00 25.79 ? 180 HOH A O   1 
HETATM 1099 O  O   . HOH B 2 .   ? 11.028  10.746  -7.024  1.00 28.90 ? 181 HOH A O   1 
HETATM 1100 O  O   . HOH B 2 .   ? -16.503 2.530   6.013   1.00 23.12 ? 182 HOH A O   1 
HETATM 1101 O  O   . HOH B 2 .   ? 10.006  -7.561  8.654   1.00 21.50 ? 183 HOH A O   1 
HETATM 1102 O  O   . HOH B 2 .   ? -0.240  -9.397  -9.142  1.00 30.98 ? 184 HOH A O   1 
HETATM 1103 O  O   . HOH B 2 .   ? -9.865  -6.797  -12.014 1.00 26.57 ? 185 HOH A O   1 
HETATM 1104 O  O   . HOH B 2 .   ? -1.052  -7.002  -9.157  1.00 29.04 ? 186 HOH A O   1 
HETATM 1105 O  O   . HOH B 2 .   ? -26.192 -2.549  -6.161  1.00 35.22 ? 187 HOH A O   1 
HETATM 1106 O  O   . HOH B 2 .   ? 22.283  7.646   -8.019  1.00 31.38 ? 188 HOH A O   1 
HETATM 1107 O  O   . HOH B 2 .   ? -1.024  6.779   10.972  1.00 29.73 ? 189 HOH A O   1 
HETATM 1108 O  O   . HOH B 2 .   ? 6.240   -9.656  -0.184  1.00 32.63 ? 190 HOH A O   1 
HETATM 1109 O  O   . HOH B 2 .   ? 15.948  13.621  -6.935  1.00 22.54 ? 191 HOH A O   1 
HETATM 1110 O  O   . HOH B 2 .   ? 2.409   -11.973 4.606   1.00 24.05 ? 192 HOH A O   1 
HETATM 1111 O  O   . HOH B 2 .   ? -17.174 3.378   -8.445  1.00 26.46 ? 193 HOH A O   1 
HETATM 1112 O  O   . HOH B 2 .   ? 19.230  10.891  5.560   1.00 28.36 ? 194 HOH A O   1 
HETATM 1113 O  O   . HOH B 2 .   ? 2.322   -5.358  -10.286 1.00 31.76 ? 195 HOH A O   1 
HETATM 1114 O  O   . HOH B 2 .   ? -21.600 4.949   5.472   1.00 33.10 ? 196 HOH A O   1 
HETATM 1115 O  O   . HOH B 2 .   ? -5.274  7.558   10.321  1.00 29.82 ? 197 HOH A O   1 
HETATM 1116 O  O   . HOH B 2 .   ? -5.779  7.638   -4.017  1.00 28.06 ? 198 HOH A O   1 
HETATM 1117 O  O   . HOH B 2 .   ? 3.819   -10.769 0.641   1.00 31.07 ? 199 HOH A O   1 
HETATM 1118 O  O   . HOH B 2 .   ? -0.446  -4.953  -10.597 1.00 28.93 ? 200 HOH A O   1 
HETATM 1119 O  O   . HOH B 2 .   ? -23.021 7.738   -2.703  1.00 30.20 ? 201 HOH A O   1 
HETATM 1120 O  O   . HOH B 2 .   ? 2.816   10.519  4.250   1.00 28.94 ? 202 HOH A O   1 
HETATM 1121 O  O   . HOH B 2 .   ? -19.276 1.256   5.585   1.00 30.72 ? 203 HOH A O   1 
HETATM 1122 O  O   . HOH B 2 .   ? -4.498  -12.201 -5.660  1.00 30.03 ? 204 HOH A O   1 
HETATM 1123 O  O   . HOH B 2 .   ? -21.838 9.697   2.043   1.00 35.40 ? 205 HOH A O   1 
HETATM 1124 O  O   . HOH B 2 .   ? -7.893  3.923   -14.045 1.00 29.56 ? 206 HOH A O   1 
HETATM 1125 O  O   . HOH B 2 .   ? 21.067  -7.461  0.105   1.00 25.61 ? 207 HOH A O   1 
HETATM 1126 O  O   . HOH B 2 .   ? 6.241   -9.855  4.239   1.00 28.66 ? 208 HOH A O   1 
HETATM 1127 O  O   . HOH B 2 .   ? 21.253  3.709   -2.823  1.00 33.34 ? 209 HOH A O   1 
HETATM 1128 O  O   . HOH B 2 .   ? 11.631  -8.371  -2.729  1.00 31.69 ? 210 HOH A O   1 
HETATM 1129 O  O   . HOH B 2 .   ? 5.916   -8.448  6.332   1.00 33.11 ? 211 HOH A O   1 
HETATM 1130 O  O   . HOH B 2 .   ? 17.782  -2.847  10.835  1.00 36.42 ? 212 HOH A O   1 
HETATM 1131 O  O   . HOH B 2 .   ? 13.516  -5.795  -6.080  1.00 32.19 ? 213 HOH A O   1 
HETATM 1132 O  O   . HOH B 2 .   ? 4.438   5.161   15.110  1.00 34.55 ? 214 HOH A O   1 
HETATM 1133 O  O   . HOH B 2 .   ? -24.715 5.141   -4.476  1.00 29.59 ? 215 HOH A O   1 
HETATM 1134 O  O   . HOH B 2 .   ? 10.145  18.315  -7.480  1.00 30.09 ? 216 HOH A O   1 
HETATM 1135 O  O   . HOH B 2 .   ? -4.500  4.925   13.569  1.00 41.71 ? 217 HOH A O   1 
HETATM 1136 O  O   . HOH B 2 .   ? -23.879 -2.251  -4.772  1.00 34.07 ? 218 HOH A O   1 
HETATM 1137 O  O   . HOH B 2 .   ? 16.245  16.959  4.378   1.00 28.76 ? 219 HOH A O   1 
HETATM 1138 O  O   . HOH B 2 .   ? 0.879   -7.361  12.737  1.00 36.02 ? 220 HOH A O   1 
HETATM 1139 O  O   . HOH B 2 .   ? 17.502  5.384   6.640   1.00 39.92 ? 221 HOH A O   1 
HETATM 1140 O  O   . HOH B 2 .   ? 23.294  5.758   -9.640  1.00 39.37 ? 222 HOH A O   1 
HETATM 1141 O  O   . HOH B 2 .   ? 17.862  8.026   5.679   1.00 43.01 ? 223 HOH A O   1 
HETATM 1142 O  O   . HOH B 2 .   ? 1.141   -4.683  13.067  1.00 30.84 ? 224 HOH A O   1 
HETATM 1143 O  O   . HOH B 2 .   ? -2.121  -14.146 5.203   1.00 35.74 ? 225 HOH A O   1 
HETATM 1144 O  O   . HOH B 2 .   ? 13.958  -6.982  4.587   1.00 34.46 ? 226 HOH A O   1 
HETATM 1145 O  O   . HOH B 2 .   ? -12.260 -5.780  7.320   1.00 36.61 ? 227 HOH A O   1 
HETATM 1146 O  O   . HOH B 2 .   ? -6.329  -10.493 7.702   1.00 35.30 ? 228 HOH A O   1 
HETATM 1147 O  O   . HOH B 2 .   ? 8.640   5.510   -7.749  1.00 43.46 ? 229 HOH A O   1 
HETATM 1148 O  O   . HOH B 2 .   ? -2.591  -11.311 -1.380  1.00 24.23 ? 230 HOH A O   1 
HETATM 1149 O  O   . HOH B 2 .   ? 19.632  -1.556  0.938   1.00 41.84 ? 231 HOH A O   1 
HETATM 1150 O  O   . HOH B 2 .   ? 5.657   5.917   -8.497  1.00 39.09 ? 232 HOH A O   1 
HETATM 1151 O  O   . HOH B 2 .   ? -10.654 -10.829 -4.630  1.00 43.86 ? 233 HOH A O   1 
HETATM 1152 O  O   . HOH B 2 .   ? -24.493 2.757   3.432   1.00 39.66 ? 234 HOH A O   1 
HETATM 1153 O  O   . HOH B 2 .   ? -15.978 8.167   -8.640  1.00 36.80 ? 235 HOH A O   1 
HETATM 1154 O  O   . HOH B 2 .   ? 5.473   -4.447  -9.381  1.00 44.61 ? 236 HOH A O   1 
HETATM 1155 O  O   . HOH B 2 .   ? -23.957 2.634   -5.420  1.00 35.67 ? 237 HOH A O   1 
HETATM 1156 O  O   . HOH B 2 .   ? -15.426 -3.089  5.353   1.00 32.00 ? 238 HOH A O   1 
HETATM 1157 O  O   . HOH B 2 .   ? -28.046 0.481   0.938   1.00 34.03 ? 239 HOH A O   1 
HETATM 1158 O  O   . HOH B 2 .   ? -18.576 -1.580  5.872   1.00 41.85 ? 240 HOH A O   1 
HETATM 1159 O  O   . HOH B 2 .   ? 16.431  7.092   11.949  1.00 42.11 ? 241 HOH A O   1 
HETATM 1160 O  O   . HOH B 2 .   ? 2.512   -10.084 8.925   1.00 39.21 ? 242 HOH A O   1 
HETATM 1161 O  O   . HOH B 2 .   ? 1.323   5.856   -4.954  1.00 37.60 ? 243 HOH A O   1 
HETATM 1162 O  O   . HOH B 2 .   ? 15.490  -3.171  15.012  1.00 41.83 ? 244 HOH A O   1 
HETATM 1163 O  O   . HOH B 2 .   ? -10.629 -13.404 -2.811  1.00 45.95 ? 245 HOH A O   1 
HETATM 1164 O  O   . HOH B 2 .   ? -15.995 -0.700  6.893   1.00 38.08 ? 246 HOH A O   1 
HETATM 1165 O  O   . HOH B 2 .   ? 11.711  6.173   15.209  1.00 41.02 ? 247 HOH A O   1 
HETATM 1166 O  O   . HOH B 2 .   ? 11.288  -4.074  -8.913  1.00 39.47 ? 248 HOH A O   1 
HETATM 1167 O  O   . HOH B 2 .   ? -20.902 -1.121  -11.095 1.00 41.00 ? 249 HOH A O   1 
HETATM 1168 O  O   . HOH B 2 .   ? -24.668 -8.895  6.338   1.00 37.32 ? 250 HOH A O   1 
HETATM 1169 O  O   . HOH B 2 .   ? -4.888  -13.538 6.344   1.00 42.90 ? 251 HOH A O   1 
HETATM 1170 O  O   . HOH B 2 .   ? 4.714   7.628   7.596   1.00 36.81 ? 252 HOH A O   1 
HETATM 1171 O  O   . HOH B 2 .   ? 13.975  1.494   -10.121 1.00 47.82 ? 253 HOH A O   1 
HETATM 1172 O  O   . HOH B 2 .   ? -19.428 6.114   -7.459  1.00 35.99 ? 254 HOH A O   1 
HETATM 1173 O  O   . HOH B 2 .   ? -3.217  7.468   -4.018  1.00 48.72 ? 255 HOH A O   1 
HETATM 1174 O  O   . HOH B 2 .   ? 2.567   8.418   6.384   1.00 33.92 ? 256 HOH A O   1 
# 
